data_3PYL
#
_entry.id   3PYL
#
_cell.length_a   73.115
_cell.length_b   78.155
_cell.length_c   246.061
_cell.angle_alpha   90.00
_cell.angle_beta   90.00
_cell.angle_gamma   90.00
#
_symmetry.space_group_name_H-M   'P 21 21 21'
#
loop_
_entity.id
_entity.type
_entity.pdbx_description
1 polymer 'Aspartate-semialdehyde dehydrogenase'
2 non-polymer 3-amino-D-alanine
3 water water
#
_entity_poly.entity_id   1
_entity_poly.type   'polypeptide(L)'
_entity_poly.pdbx_seq_one_letter_code
;MGYTVAVVGATGAVGAQMIKMLEESTLPIDKIRYLASARSAGKSLKFKDQDITIEETTETAFEGVDIALFSAGSSTSAKY
APYAVKAGVVVVDNTSYFRQNPDVPLVVPEVNAHALDAHNGIIACPNCSTIQMMVALEPVRQKWGLDRIIVSTYQAVSGA
GMGAILETQRELREVLNDGVKPCDLHAEILPSGGDKKHYPIAFNALPQIDVFTDNDYTYEEMKMTKETKKIMEDDSIAVS
ATCVRIPVLSAHSESVYIETKEVAPIEEVKAAIAAFPGAVLEDDVAHQIYPQAINAVGSRDTFVGRIRKDLDAEKGIHMW
VVSDNLLKGAAWNSVQIAETLHERGLVRPTAELKFELKLEHHHHHH
;
_entity_poly.pdbx_strand_id   A,B,C,D
#
# COMPACT_ATOMS: atom_id res chain seq x y z
N GLY A 2 -13.75 32.38 -15.60
CA GLY A 2 -14.14 30.96 -15.70
C GLY A 2 -14.85 30.71 -17.00
N TYR A 3 -15.45 29.52 -17.12
CA TYR A 3 -15.97 29.06 -18.39
C TYR A 3 -17.50 29.02 -18.47
N THR A 4 -18.02 29.18 -19.68
CA THR A 4 -19.35 28.70 -19.99
C THR A 4 -19.22 27.24 -20.42
N VAL A 5 -19.88 26.36 -19.67
CA VAL A 5 -19.85 24.92 -19.92
C VAL A 5 -21.25 24.40 -20.24
N ALA A 6 -21.35 23.59 -21.30
CA ALA A 6 -22.62 22.96 -21.65
C ALA A 6 -22.56 21.47 -21.42
N VAL A 7 -23.68 20.91 -20.94
CA VAL A 7 -23.86 19.47 -20.92
C VAL A 7 -24.93 19.11 -21.94
N VAL A 8 -24.52 18.35 -22.95
CA VAL A 8 -25.38 18.00 -24.06
C VAL A 8 -25.92 16.59 -23.84
N GLY A 9 -27.22 16.51 -23.57
CA GLY A 9 -27.86 15.26 -23.18
C GLY A 9 -27.92 15.24 -21.67
N ALA A 10 -28.42 16.33 -21.11
CA ALA A 10 -28.40 16.58 -19.66
C ALA A 10 -29.40 15.72 -18.88
N THR A 11 -30.45 15.26 -19.55
CA THR A 11 -31.47 14.43 -18.90
C THR A 11 -31.08 12.97 -18.96
N GLY A 12 -31.69 12.15 -18.11
CA GLY A 12 -31.41 10.72 -18.10
C GLY A 12 -30.26 10.36 -17.19
N ALA A 13 -30.02 9.07 -17.03
CA ALA A 13 -29.01 8.55 -16.08
C ALA A 13 -27.57 8.85 -16.50
N VAL A 14 -27.31 8.91 -17.81
CA VAL A 14 -25.98 9.26 -18.31
C VAL A 14 -25.69 10.75 -18.03
N GLY A 15 -26.66 11.61 -18.34
CA GLY A 15 -26.57 13.04 -18.09
C GLY A 15 -26.37 13.36 -16.63
N ALA A 16 -27.16 12.71 -15.77
CA ALA A 16 -27.08 12.87 -14.33
C ALA A 16 -25.70 12.48 -13.78
N GLN A 17 -25.12 11.42 -14.33
CA GLN A 17 -23.75 11.03 -13.97
C GLN A 17 -22.74 12.12 -14.33
N MET A 18 -22.91 12.72 -15.51
CA MET A 18 -22.03 13.77 -15.99
C MET A 18 -22.12 15.02 -15.13
N ILE A 19 -23.36 15.41 -14.81
CA ILE A 19 -23.63 16.53 -13.93
C ILE A 19 -22.90 16.35 -12.61
N LYS A 20 -23.05 15.17 -12.01
CA LYS A 20 -22.45 14.86 -10.70
C LYS A 20 -20.93 15.02 -10.68
N MET A 21 -20.25 14.48 -11.69
CA MET A 21 -18.80 14.65 -11.79
C MET A 21 -18.39 16.10 -12.01
N LEU A 22 -19.17 16.83 -12.81
CA LEU A 22 -18.91 18.24 -13.08
C LEU A 22 -19.06 19.09 -11.82
N GLU A 23 -20.07 18.75 -11.01
CA GLU A 23 -20.34 19.45 -9.75
C GLU A 23 -19.19 19.32 -8.76
N GLU A 24 -18.43 18.23 -8.88
CA GLU A 24 -17.28 17.98 -8.02
C GLU A 24 -15.95 18.35 -8.70
N SER A 25 -16.04 18.90 -9.90
CA SER A 25 -14.87 19.33 -10.65
C SER A 25 -14.17 20.56 -10.08
N THR A 26 -12.87 20.69 -10.38
CA THR A 26 -12.09 21.88 -10.02
C THR A 26 -12.23 22.97 -11.09
N LEU A 27 -12.89 22.63 -12.19
CA LEU A 27 -13.04 23.52 -13.34
C LEU A 27 -13.69 24.84 -12.93
N PRO A 28 -13.06 25.99 -13.28
CA PRO A 28 -13.72 27.23 -12.91
C PRO A 28 -14.88 27.51 -13.88
N ILE A 29 -16.10 27.45 -13.35
CA ILE A 29 -17.31 27.58 -14.17
C ILE A 29 -18.07 28.85 -13.80
N ASP A 30 -18.24 29.76 -14.77
CA ASP A 30 -18.98 31.01 -14.58
C ASP A 30 -20.42 30.90 -15.05
N LYS A 31 -20.69 29.91 -15.90
CA LYS A 31 -22.02 29.71 -16.46
C LYS A 31 -22.20 28.27 -16.91
N ILE A 32 -23.30 27.67 -16.48
CA ILE A 32 -23.67 26.32 -16.86
C ILE A 32 -24.92 26.35 -17.74
N ARG A 33 -24.94 25.49 -18.76
CA ARG A 33 -26.11 25.35 -19.63
C ARG A 33 -26.42 23.88 -19.86
N TYR A 34 -27.70 23.53 -19.83
CA TYR A 34 -28.13 22.15 -20.00
C TYR A 34 -28.89 22.01 -21.31
N LEU A 35 -28.44 21.10 -22.15
CA LEU A 35 -29.03 20.89 -23.46
C LEU A 35 -29.58 19.47 -23.59
N ALA A 36 -30.81 19.35 -24.11
CA ALA A 36 -31.44 18.06 -24.36
C ALA A 36 -32.47 18.21 -25.49
N SER A 37 -33.28 17.17 -25.71
CA SER A 37 -34.31 17.18 -26.77
C SER A 37 -35.44 18.21 -26.50
N ALA A 38 -36.21 18.51 -27.54
CA ALA A 38 -37.30 19.51 -27.46
C ALA A 38 -38.35 19.19 -26.38
N ARG A 39 -38.57 17.90 -26.15
CA ARG A 39 -39.47 17.40 -25.10
C ARG A 39 -39.03 17.81 -23.68
N SER A 40 -37.72 17.94 -23.49
CA SER A 40 -37.16 18.27 -22.18
C SER A 40 -36.97 19.77 -21.94
N ALA A 41 -37.07 20.56 -23.01
CA ALA A 41 -36.89 22.00 -22.94
C ALA A 41 -37.94 22.61 -22.00
N GLY A 42 -37.50 23.52 -21.14
CA GLY A 42 -38.41 24.17 -20.19
C GLY A 42 -38.46 23.46 -18.84
N LYS A 43 -38.06 22.19 -18.81
CA LYS A 43 -37.88 21.46 -17.54
C LYS A 43 -36.65 22.02 -16.82
N SER A 44 -36.50 21.64 -15.56
CA SER A 44 -35.44 22.16 -14.71
C SER A 44 -34.63 21.01 -14.08
N LEU A 45 -33.30 21.21 -14.03
CA LEU A 45 -32.38 20.32 -13.30
C LEU A 45 -31.39 21.13 -12.45
N LYS A 46 -30.99 20.57 -11.32
CA LYS A 46 -30.01 21.20 -10.43
C LYS A 46 -28.59 21.24 -11.04
N PHE A 47 -27.90 22.36 -10.81
CA PHE A 47 -26.43 22.37 -10.79
C PHE A 47 -25.96 23.00 -9.50
N LYS A 48 -25.42 22.16 -8.60
CA LYS A 48 -25.10 22.58 -7.23
C LYS A 48 -26.34 23.14 -6.52
N ASP A 49 -26.32 24.42 -6.15
CA ASP A 49 -27.44 25.06 -5.45
C ASP A 49 -28.42 25.80 -6.37
N GLN A 50 -28.21 25.73 -7.69
CA GLN A 50 -29.04 26.47 -8.64
C GLN A 50 -29.89 25.58 -9.54
N ASP A 51 -31.11 26.03 -9.81
CA ASP A 51 -32.02 25.38 -10.76
C ASP A 51 -31.74 25.87 -12.17
N ILE A 52 -31.41 24.94 -13.06
CA ILE A 52 -31.06 25.26 -14.44
C ILE A 52 -32.20 24.82 -15.40
N THR A 53 -32.73 25.78 -16.16
CA THR A 53 -33.73 25.50 -17.19
C THR A 53 -33.08 24.85 -18.42
N ILE A 54 -33.58 23.68 -18.80
CA ILE A 54 -33.07 22.92 -19.95
C ILE A 54 -33.43 23.61 -21.28
N GLU A 55 -32.44 23.69 -22.17
CA GLU A 55 -32.63 24.23 -23.53
C GLU A 55 -32.53 23.11 -24.55
N GLU A 56 -33.19 23.28 -25.69
CA GLU A 56 -33.12 22.32 -26.78
C GLU A 56 -31.77 22.41 -27.50
N THR A 57 -31.15 21.26 -27.76
CA THR A 57 -29.93 21.19 -28.58
C THR A 57 -30.27 21.56 -30.02
N THR A 58 -29.66 22.63 -30.52
CA THR A 58 -29.77 23.02 -31.93
C THR A 58 -28.40 23.39 -32.48
N GLU A 59 -28.37 23.70 -33.78
CA GLU A 59 -27.16 24.16 -34.46
C GLU A 59 -26.72 25.52 -33.96
N THR A 60 -27.67 26.29 -33.41
CA THR A 60 -27.41 27.66 -33.00
C THR A 60 -27.27 27.80 -31.47
N ALA A 61 -27.43 26.67 -30.77
CA ALA A 61 -27.49 26.65 -29.31
C ALA A 61 -26.14 26.84 -28.60
N PHE A 62 -25.04 26.82 -29.35
CA PHE A 62 -23.71 26.77 -28.73
C PHE A 62 -22.97 28.10 -28.65
N GLU A 63 -23.65 29.20 -29.01
CA GLU A 63 -23.01 30.53 -28.99
C GLU A 63 -22.53 30.92 -27.60
N GLY A 64 -21.25 31.25 -27.49
CA GLY A 64 -20.66 31.64 -26.21
C GLY A 64 -20.18 30.49 -25.34
N VAL A 65 -20.37 29.26 -25.81
CA VAL A 65 -19.96 28.11 -25.00
C VAL A 65 -18.46 27.86 -25.16
N ASP A 66 -17.78 27.64 -24.04
CA ASP A 66 -16.34 27.35 -24.07
C ASP A 66 -16.04 25.86 -24.18
N ILE A 67 -16.75 25.06 -23.39
CA ILE A 67 -16.57 23.61 -23.31
C ILE A 67 -17.95 22.94 -23.34
N ALA A 68 -18.07 21.88 -24.14
CA ALA A 68 -19.30 21.08 -24.14
C ALA A 68 -19.02 19.63 -23.82
N LEU A 69 -19.71 19.14 -22.80
CA LEU A 69 -19.63 17.73 -22.45
C LEU A 69 -20.86 16.99 -22.99
N PHE A 70 -20.63 16.23 -24.06
CA PHE A 70 -21.68 15.42 -24.65
C PHE A 70 -21.89 14.17 -23.80
N SER A 71 -23.15 13.84 -23.53
CA SER A 71 -23.48 12.64 -22.76
C SER A 71 -24.76 11.97 -23.29
N ALA A 72 -24.88 11.91 -24.61
CA ALA A 72 -26.02 11.29 -25.27
C ALA A 72 -25.51 10.20 -26.20
N GLY A 73 -26.19 9.99 -27.32
CA GLY A 73 -25.80 8.96 -28.28
C GLY A 73 -25.00 9.50 -29.47
N SER A 74 -24.61 8.59 -30.36
CA SER A 74 -23.78 8.90 -31.53
C SER A 74 -24.44 9.87 -32.50
N SER A 75 -25.76 9.78 -32.61
CA SER A 75 -26.48 10.62 -33.57
C SER A 75 -26.47 12.08 -33.11
N THR A 76 -26.60 12.31 -31.80
CA THR A 76 -26.49 13.65 -31.22
C THR A 76 -25.10 14.26 -31.46
N SER A 77 -24.05 13.48 -31.20
CA SER A 77 -22.66 13.89 -31.42
C SER A 77 -22.32 14.18 -32.89
N ALA A 78 -22.70 13.25 -33.76
CA ALA A 78 -22.52 13.40 -35.20
C ALA A 78 -23.20 14.67 -35.70
N LYS A 79 -24.41 14.94 -35.20
CA LYS A 79 -25.18 16.10 -35.64
C LYS A 79 -24.68 17.42 -35.04
N TYR A 80 -24.37 17.43 -33.75
CA TYR A 80 -24.20 18.71 -33.07
C TYR A 80 -22.78 19.11 -32.71
N ALA A 81 -21.89 18.14 -32.54
CA ALA A 81 -20.51 18.44 -32.23
C ALA A 81 -19.83 19.33 -33.30
N PRO A 82 -20.05 19.04 -34.61
CA PRO A 82 -19.42 19.89 -35.62
C PRO A 82 -19.89 21.35 -35.59
N TYR A 83 -21.15 21.56 -35.22
CA TYR A 83 -21.68 22.90 -35.03
C TYR A 83 -21.12 23.59 -33.77
N ALA A 84 -20.92 22.82 -32.70
CA ALA A 84 -20.28 23.36 -31.50
C ALA A 84 -18.88 23.89 -31.85
N VAL A 85 -18.10 23.08 -32.57
CA VAL A 85 -16.75 23.46 -33.02
C VAL A 85 -16.77 24.75 -33.87
N LYS A 86 -17.71 24.84 -34.81
CA LYS A 86 -17.85 26.04 -35.63
C LYS A 86 -18.13 27.29 -34.77
N ALA A 87 -18.94 27.12 -33.72
CA ALA A 87 -19.23 28.20 -32.79
C ALA A 87 -18.05 28.59 -31.86
N GLY A 88 -16.94 27.86 -31.96
CA GLY A 88 -15.76 28.13 -31.12
C GLY A 88 -15.61 27.29 -29.86
N VAL A 89 -16.45 26.26 -29.72
CA VAL A 89 -16.44 25.38 -28.55
C VAL A 89 -15.34 24.30 -28.64
N VAL A 90 -14.86 23.83 -27.49
CA VAL A 90 -14.09 22.59 -27.41
C VAL A 90 -15.04 21.49 -26.92
N VAL A 91 -15.18 20.43 -27.71
CA VAL A 91 -16.09 19.33 -27.41
C VAL A 91 -15.36 18.15 -26.80
N VAL A 92 -15.88 17.65 -25.68
CA VAL A 92 -15.46 16.37 -25.14
C VAL A 92 -16.62 15.39 -25.40
N ASP A 93 -16.43 14.48 -26.36
CA ASP A 93 -17.49 13.55 -26.76
C ASP A 93 -17.41 12.23 -26.01
N ASN A 94 -18.57 11.69 -25.65
CA ASN A 94 -18.65 10.45 -24.88
C ASN A 94 -18.77 9.19 -25.75
N THR A 95 -19.21 9.36 -27.00
CA THR A 95 -19.58 8.21 -27.84
C THR A 95 -18.40 7.62 -28.63
N SER A 96 -18.66 6.56 -29.40
CA SER A 96 -17.62 5.93 -30.21
C SER A 96 -17.44 6.65 -31.55
N TYR A 97 -18.36 7.54 -31.88
CA TYR A 97 -18.45 8.14 -33.21
C TYR A 97 -17.16 8.80 -33.75
N PHE A 98 -16.51 9.61 -32.93
CA PHE A 98 -15.30 10.31 -33.37
C PHE A 98 -14.01 9.60 -32.98
N ARG A 99 -14.11 8.51 -32.22
CA ARG A 99 -12.93 7.87 -31.59
C ARG A 99 -11.80 7.48 -32.55
N GLN A 100 -12.15 7.00 -33.74
CA GLN A 100 -11.15 6.56 -34.71
C GLN A 100 -10.83 7.60 -35.78
N ASN A 101 -11.45 8.78 -35.68
CA ASN A 101 -11.14 9.91 -36.55
C ASN A 101 -9.73 10.42 -36.30
N PRO A 102 -8.86 10.42 -37.33
CA PRO A 102 -7.45 10.83 -37.18
C PRO A 102 -7.26 12.26 -36.68
N ASP A 103 -8.27 13.10 -36.83
CA ASP A 103 -8.22 14.50 -36.38
C ASP A 103 -8.67 14.66 -34.93
N VAL A 104 -9.01 13.54 -34.28
CA VAL A 104 -9.56 13.54 -32.92
C VAL A 104 -8.67 12.76 -31.95
N PRO A 105 -8.14 13.44 -30.92
CA PRO A 105 -7.43 12.72 -29.87
C PRO A 105 -8.38 11.80 -29.08
N LEU A 106 -7.88 10.62 -28.74
CA LEU A 106 -8.61 9.62 -27.96
C LEU A 106 -7.85 9.48 -26.65
N VAL A 107 -8.42 10.02 -25.58
CA VAL A 107 -7.58 10.36 -24.41
C VAL A 107 -7.96 9.74 -23.06
N VAL A 108 -6.95 9.17 -22.40
CA VAL A 108 -6.98 8.85 -20.99
C VAL A 108 -5.91 9.75 -20.33
N PRO A 109 -6.35 10.77 -19.58
CA PRO A 109 -5.42 11.83 -19.13
C PRO A 109 -4.13 11.39 -18.43
N GLU A 110 -4.15 10.27 -17.69
CA GLU A 110 -2.93 9.80 -17.03
C GLU A 110 -1.99 9.11 -18.00
N VAL A 111 -2.50 8.79 -19.19
CA VAL A 111 -1.77 7.98 -20.15
C VAL A 111 -1.23 8.82 -21.31
N ASN A 112 -2.10 9.56 -21.99
CA ASN A 112 -1.70 10.30 -23.20
C ASN A 112 -2.24 11.73 -23.25
N ALA A 113 -2.08 12.46 -22.14
CA ALA A 113 -2.50 13.88 -22.08
C ALA A 113 -1.82 14.74 -23.15
N HIS A 114 -0.62 14.34 -23.58
CA HIS A 114 0.11 15.08 -24.62
C HIS A 114 -0.63 15.15 -25.97
N ALA A 115 -1.45 14.13 -26.26
CA ALA A 115 -2.24 14.07 -27.50
C ALA A 115 -3.30 15.17 -27.62
N LEU A 116 -3.65 15.76 -26.48
CA LEU A 116 -4.61 16.86 -26.41
C LEU A 116 -4.11 18.14 -27.09
N ASP A 117 -2.79 18.35 -27.07
CA ASP A 117 -2.17 19.59 -27.54
C ASP A 117 -2.50 19.91 -28.99
N ALA A 118 -2.62 18.88 -29.81
CA ALA A 118 -2.90 19.06 -31.22
C ALA A 118 -4.39 19.02 -31.59
N HIS A 119 -5.30 19.09 -30.60
CA HIS A 119 -6.74 18.91 -30.87
C HIS A 119 -7.33 19.92 -31.86
N ASN A 120 -8.38 19.47 -32.55
CA ASN A 120 -9.08 20.28 -33.54
C ASN A 120 -10.52 20.63 -33.12
N GLY A 121 -10.77 20.64 -31.80
CA GLY A 121 -12.08 21.01 -31.26
C GLY A 121 -12.92 19.88 -30.68
N ILE A 122 -12.48 18.65 -30.91
CA ILE A 122 -13.17 17.45 -30.42
C ILE A 122 -12.16 16.48 -29.80
N ILE A 123 -12.40 16.12 -28.55
CA ILE A 123 -11.63 15.07 -27.89
C ILE A 123 -12.60 13.95 -27.53
N ALA A 124 -12.20 12.73 -27.81
CA ALA A 124 -13.05 11.58 -27.57
C ALA A 124 -12.67 10.86 -26.27
N CYS A 125 -13.67 10.59 -25.44
CA CYS A 125 -13.52 9.70 -24.30
C CYS A 125 -13.56 8.26 -24.82
N PRO A 126 -12.63 7.40 -24.39
CA PRO A 126 -12.63 6.02 -24.86
C PRO A 126 -13.76 5.18 -24.24
N ASN A 127 -13.90 3.95 -24.72
CA ASN A 127 -14.82 2.95 -24.17
C ASN A 127 -14.47 2.62 -22.71
N CYS A 128 -15.48 2.30 -21.89
CA CYS A 128 -15.24 2.04 -20.46
C CYS A 128 -14.32 0.86 -20.18
N SER A 129 -14.46 -0.21 -20.95
CA SER A 129 -13.58 -1.36 -20.79
C SER A 129 -12.12 -1.06 -21.21
N THR A 130 -11.94 -0.19 -22.21
CA THR A 130 -10.60 0.25 -22.60
C THR A 130 -9.91 1.06 -21.50
N ILE A 131 -10.61 2.05 -20.97
CA ILE A 131 -10.04 3.04 -20.03
C ILE A 131 -9.27 2.40 -18.87
N GLN A 132 -9.94 1.49 -18.15
CA GLN A 132 -9.34 0.88 -16.97
C GLN A 132 -8.13 0.00 -17.28
N MET A 133 -8.14 -0.63 -18.45
CA MET A 133 -7.01 -1.45 -18.84
C MET A 133 -5.79 -0.57 -19.13
N MET A 134 -6.04 0.60 -19.72
CA MET A 134 -4.98 1.57 -20.02
C MET A 134 -4.31 2.13 -18.76
N VAL A 135 -5.12 2.42 -17.75
CA VAL A 135 -4.64 2.92 -16.47
C VAL A 135 -3.72 1.89 -15.79
N ALA A 136 -4.12 0.62 -15.84
CA ALA A 136 -3.36 -0.47 -15.22
C ALA A 136 -2.06 -0.80 -15.95
N LEU A 137 -2.08 -0.68 -17.27
CA LEU A 137 -0.96 -1.15 -18.09
C LEU A 137 0.08 -0.09 -18.43
N GLU A 138 -0.34 1.16 -18.55
CA GLU A 138 0.59 2.25 -18.89
C GLU A 138 1.87 2.29 -18.02
N PRO A 139 1.74 2.18 -16.67
CA PRO A 139 2.95 2.22 -15.84
C PRO A 139 3.92 1.06 -16.10
N VAL A 140 3.37 -0.10 -16.49
CA VAL A 140 4.17 -1.26 -16.89
C VAL A 140 4.84 -1.01 -18.25
N ARG A 141 4.05 -0.55 -19.22
CA ARG A 141 4.58 -0.25 -20.54
C ARG A 141 5.78 0.72 -20.51
N GLN A 142 5.66 1.82 -19.76
CA GLN A 142 6.70 2.84 -19.80
C GLN A 142 8.05 2.36 -19.26
N LYS A 143 8.02 1.39 -18.34
CA LYS A 143 9.24 0.80 -17.77
C LYS A 143 9.76 -0.47 -18.48
N TRP A 144 8.87 -1.27 -19.05
CA TRP A 144 9.26 -2.58 -19.61
C TRP A 144 8.65 -2.89 -20.97
N GLY A 145 7.90 -1.94 -21.51
CA GLY A 145 7.21 -2.13 -22.80
C GLY A 145 6.08 -3.16 -22.78
N LEU A 146 5.32 -3.20 -23.87
CA LEU A 146 4.28 -4.21 -24.09
C LEU A 146 4.36 -4.77 -25.50
N ASP A 147 4.37 -6.09 -25.60
CA ASP A 147 4.29 -6.76 -26.90
C ASP A 147 2.87 -7.22 -27.27
N ARG A 148 2.19 -7.87 -26.32
CA ARG A 148 0.80 -8.30 -26.57
C ARG A 148 -0.10 -8.18 -25.35
N ILE A 149 -1.41 -8.17 -25.61
CA ILE A 149 -2.43 -8.20 -24.58
C ILE A 149 -3.51 -9.23 -24.94
N ILE A 150 -3.79 -10.14 -24.01
CA ILE A 150 -4.97 -10.99 -24.08
C ILE A 150 -5.87 -10.66 -22.88
N VAL A 151 -7.10 -10.22 -23.16
CA VAL A 151 -8.02 -9.83 -22.09
C VAL A 151 -9.38 -10.55 -22.17
N SER A 152 -9.83 -11.04 -21.02
CA SER A 152 -11.21 -11.54 -20.87
C SER A 152 -11.95 -10.69 -19.83
N THR A 153 -13.06 -10.06 -20.25
CA THR A 153 -13.76 -9.12 -19.39
C THR A 153 -15.00 -9.71 -18.69
N TYR A 154 -15.33 -9.12 -17.55
CA TYR A 154 -16.46 -9.53 -16.74
C TYR A 154 -17.25 -8.24 -16.51
N GLN A 155 -18.08 -7.88 -17.47
CA GLN A 155 -18.65 -6.52 -17.56
C GLN A 155 -20.02 -6.32 -16.93
N ALA A 156 -20.20 -5.19 -16.26
CA ALA A 156 -21.45 -4.82 -15.58
C ALA A 156 -22.55 -4.37 -16.53
N VAL A 157 -23.79 -4.65 -16.17
CA VAL A 157 -24.94 -4.31 -17.01
C VAL A 157 -25.19 -2.79 -17.16
N SER A 158 -24.74 -2.00 -16.18
CA SER A 158 -24.91 -0.54 -16.24
C SER A 158 -24.25 0.08 -17.47
N GLY A 159 -23.31 -0.64 -18.08
CA GLY A 159 -22.66 -0.20 -19.32
C GLY A 159 -23.63 -0.08 -20.49
N ALA A 160 -24.76 -0.78 -20.40
CA ALA A 160 -25.79 -0.77 -21.43
C ALA A 160 -26.94 0.18 -21.10
N GLY A 161 -26.80 0.93 -20.01
CA GLY A 161 -27.81 1.92 -19.64
C GLY A 161 -28.76 1.46 -18.54
N MET A 162 -29.62 2.39 -18.12
CA MET A 162 -30.59 2.17 -17.05
C MET A 162 -31.58 1.03 -17.38
N GLY A 163 -32.06 1.02 -18.61
CA GLY A 163 -32.95 -0.04 -19.06
C GLY A 163 -32.39 -1.42 -18.74
N ALA A 164 -31.10 -1.61 -19.04
CA ALA A 164 -30.42 -2.88 -18.77
C ALA A 164 -30.34 -3.24 -17.28
N ILE A 165 -30.10 -2.23 -16.43
CA ILE A 165 -30.07 -2.43 -14.98
C ILE A 165 -31.43 -2.87 -14.42
N LEU A 166 -32.50 -2.24 -14.91
CA LEU A 166 -33.87 -2.57 -14.49
C LEU A 166 -34.26 -3.96 -14.98
N GLU A 167 -33.88 -4.29 -16.21
CA GLU A 167 -34.11 -5.62 -16.78
C GLU A 167 -33.45 -6.68 -15.89
N THR A 168 -32.20 -6.42 -15.49
CA THR A 168 -31.44 -7.33 -14.64
C THR A 168 -32.09 -7.56 -13.28
N GLN A 169 -32.52 -6.49 -12.62
CA GLN A 169 -33.18 -6.57 -11.31
C GLN A 169 -34.54 -7.27 -11.38
N ARG A 170 -35.32 -6.97 -12.42
CA ARG A 170 -36.62 -7.62 -12.67
C ARG A 170 -36.45 -9.14 -12.84
N GLU A 171 -35.54 -9.54 -13.73
CA GLU A 171 -35.26 -10.95 -14.01
C GLU A 171 -34.83 -11.71 -12.76
N LEU A 172 -33.96 -11.10 -11.96
CA LEU A 172 -33.50 -11.71 -10.69
C LEU A 172 -34.61 -11.83 -9.66
N ARG A 173 -35.47 -10.82 -9.55
CA ARG A 173 -36.63 -10.88 -8.65
C ARG A 173 -37.61 -11.96 -9.08
N GLU A 174 -37.86 -12.07 -10.37
CA GLU A 174 -38.71 -13.15 -10.89
C GLU A 174 -38.18 -14.52 -10.51
N VAL A 175 -36.88 -14.74 -10.69
CA VAL A 175 -36.26 -16.01 -10.31
C VAL A 175 -36.41 -16.26 -8.80
N LEU A 176 -35.87 -15.35 -7.98
CA LEU A 176 -35.76 -15.58 -6.55
C LEU A 176 -37.05 -15.39 -5.73
N ASN A 177 -37.95 -14.54 -6.22
CA ASN A 177 -39.18 -14.22 -5.51
C ASN A 177 -40.40 -14.96 -6.05
N ASP A 178 -40.41 -15.24 -7.34
CA ASP A 178 -41.56 -15.89 -7.99
C ASP A 178 -41.25 -17.31 -8.46
N GLY A 179 -40.00 -17.75 -8.33
CA GLY A 179 -39.62 -19.12 -8.69
C GLY A 179 -39.58 -19.41 -10.18
N VAL A 180 -39.57 -18.36 -11.00
CA VAL A 180 -39.40 -18.53 -12.46
C VAL A 180 -38.01 -19.12 -12.74
N LYS A 181 -37.93 -19.98 -13.74
CA LYS A 181 -36.67 -20.56 -14.16
C LYS A 181 -35.91 -19.59 -15.09
N PRO A 182 -34.58 -19.51 -14.93
CA PRO A 182 -33.80 -18.58 -15.75
C PRO A 182 -34.07 -18.74 -17.26
N CYS A 183 -34.24 -19.99 -17.70
CA CYS A 183 -34.59 -20.30 -19.09
C CYS A 183 -35.93 -19.77 -19.55
N ASP A 184 -36.83 -19.54 -18.60
CA ASP A 184 -38.17 -19.04 -18.91
C ASP A 184 -38.28 -17.52 -18.88
N LEU A 185 -37.17 -16.85 -18.57
CA LEU A 185 -37.16 -15.39 -18.51
C LEU A 185 -37.35 -14.76 -19.89
N HIS A 186 -38.02 -13.61 -19.91
CA HIS A 186 -38.20 -12.82 -21.12
C HIS A 186 -37.27 -11.59 -21.06
N ALA A 187 -36.37 -11.49 -22.02
CA ALA A 187 -35.42 -10.37 -22.06
C ALA A 187 -35.76 -9.45 -23.23
N GLU A 188 -35.52 -8.16 -23.05
CA GLU A 188 -35.83 -7.17 -24.08
C GLU A 188 -34.63 -6.33 -24.55
N ILE A 189 -33.60 -6.22 -23.72
CA ILE A 189 -32.47 -5.32 -24.02
C ILE A 189 -31.16 -6.10 -24.21
N LEU A 190 -30.78 -6.88 -23.21
CA LEU A 190 -29.51 -7.60 -23.25
C LEU A 190 -29.57 -8.81 -24.19
N PRO A 191 -28.43 -9.19 -24.80
CA PRO A 191 -27.08 -8.63 -24.63
C PRO A 191 -26.85 -7.26 -25.31
N SER A 192 -27.58 -6.99 -26.38
CA SER A 192 -27.42 -5.74 -27.11
C SER A 192 -28.76 -5.19 -27.59
N GLY A 193 -29.09 -3.98 -27.14
CA GLY A 193 -30.36 -3.33 -27.43
C GLY A 193 -30.76 -3.30 -28.89
N GLY A 194 -29.80 -2.98 -29.76
CA GLY A 194 -30.06 -2.84 -31.20
C GLY A 194 -30.09 -4.15 -31.97
N ASP A 195 -29.55 -5.22 -31.40
CA ASP A 195 -29.51 -6.51 -32.10
C ASP A 195 -30.89 -7.20 -32.14
N LYS A 196 -30.98 -8.31 -32.88
CA LYS A 196 -32.27 -8.94 -33.15
C LYS A 196 -32.80 -9.80 -32.01
N LYS A 197 -31.92 -10.54 -31.34
CA LYS A 197 -32.33 -11.45 -30.27
C LYS A 197 -31.82 -10.99 -28.92
N HIS A 198 -32.63 -11.24 -27.89
CA HIS A 198 -32.32 -10.83 -26.53
C HIS A 198 -32.39 -12.03 -25.58
N TYR A 199 -31.46 -12.08 -24.62
CA TYR A 199 -31.30 -13.23 -23.72
C TYR A 199 -31.24 -12.79 -22.27
N PRO A 200 -31.68 -13.66 -21.34
CA PRO A 200 -31.60 -13.34 -19.91
C PRO A 200 -30.15 -13.25 -19.43
N ILE A 201 -29.89 -12.32 -18.50
CA ILE A 201 -28.59 -12.17 -17.87
C ILE A 201 -28.55 -12.83 -16.48
N ALA A 202 -29.72 -13.01 -15.87
CA ALA A 202 -29.80 -13.53 -14.49
C ALA A 202 -29.23 -14.95 -14.42
N PHE A 203 -28.31 -15.17 -13.48
CA PHE A 203 -27.58 -16.44 -13.34
C PHE A 203 -26.94 -16.92 -14.65
N ASN A 204 -26.57 -15.98 -15.50
CA ASN A 204 -25.98 -16.28 -16.81
C ASN A 204 -24.65 -15.54 -17.06
N ALA A 205 -23.94 -15.94 -18.11
CA ALA A 205 -22.79 -15.19 -18.60
C ALA A 205 -22.91 -15.09 -20.12
N LEU A 206 -23.11 -13.87 -20.63
CA LEU A 206 -23.32 -13.64 -22.06
C LEU A 206 -22.06 -13.14 -22.76
N PRO A 207 -21.48 -13.97 -23.65
CA PRO A 207 -20.24 -13.60 -24.35
C PRO A 207 -20.52 -12.74 -25.58
N GLN A 208 -21.34 -11.71 -25.38
CA GLN A 208 -21.63 -10.72 -26.42
C GLN A 208 -21.88 -9.37 -25.77
N ILE A 209 -21.07 -8.40 -26.16
CA ILE A 209 -21.29 -6.98 -25.84
C ILE A 209 -21.16 -6.21 -27.15
N ASP A 210 -22.13 -5.33 -27.41
CA ASP A 210 -22.32 -4.71 -28.73
C ASP A 210 -22.61 -5.83 -29.74
N VAL A 211 -22.56 -5.53 -31.03
CA VAL A 211 -22.89 -6.53 -32.05
C VAL A 211 -21.64 -7.10 -32.70
N PHE A 212 -21.83 -8.15 -33.50
CA PHE A 212 -20.72 -8.80 -34.17
C PHE A 212 -20.25 -8.06 -35.39
N THR A 213 -18.94 -8.13 -35.62
CA THR A 213 -18.32 -7.60 -36.81
C THR A 213 -17.99 -8.77 -37.71
N ASP A 214 -17.56 -8.47 -38.95
CA ASP A 214 -17.33 -9.49 -39.97
C ASP A 214 -16.22 -10.50 -39.64
N ASN A 215 -15.36 -10.18 -38.66
CA ASN A 215 -14.29 -11.09 -38.26
C ASN A 215 -14.65 -12.02 -37.09
N ASP A 216 -15.93 -12.00 -36.70
CA ASP A 216 -16.46 -12.80 -35.58
C ASP A 216 -16.12 -12.30 -34.16
N TYR A 217 -15.35 -11.22 -34.07
CA TYR A 217 -15.24 -10.47 -32.83
C TYR A 217 -16.36 -9.43 -32.80
N THR A 218 -16.80 -9.06 -31.61
CA THR A 218 -17.83 -8.04 -31.47
C THR A 218 -17.19 -6.65 -31.54
N TYR A 219 -18.00 -5.62 -31.71
CA TYR A 219 -17.52 -4.24 -31.71
C TYR A 219 -16.87 -3.82 -30.40
N GLU A 220 -17.35 -4.39 -29.29
CA GLU A 220 -16.74 -4.15 -27.99
C GLU A 220 -15.31 -4.67 -27.94
N GLU A 221 -15.12 -5.92 -28.38
CA GLU A 221 -13.80 -6.56 -28.42
C GLU A 221 -12.84 -5.80 -29.37
N MET A 222 -13.35 -5.38 -30.52
CA MET A 222 -12.56 -4.61 -31.49
C MET A 222 -12.22 -3.18 -31.03
N LYS A 223 -13.14 -2.57 -30.28
CA LYS A 223 -12.83 -1.27 -29.67
C LYS A 223 -11.65 -1.40 -28.71
N MET A 224 -11.65 -2.44 -27.88
CA MET A 224 -10.52 -2.68 -26.99
C MET A 224 -9.20 -2.82 -27.77
N THR A 225 -9.26 -3.49 -28.91
CA THR A 225 -8.09 -3.65 -29.77
C THR A 225 -7.62 -2.32 -30.38
N LYS A 226 -8.55 -1.61 -31.01
CA LYS A 226 -8.25 -0.39 -31.78
C LYS A 226 -7.97 0.84 -30.91
N GLU A 227 -8.71 0.96 -29.80
CA GLU A 227 -8.55 2.12 -28.91
C GLU A 227 -7.23 2.02 -28.15
N THR A 228 -6.86 0.80 -27.75
CA THR A 228 -5.55 0.57 -27.14
C THR A 228 -4.41 1.06 -28.07
N LYS A 229 -4.44 0.62 -29.32
CA LYS A 229 -3.38 0.98 -30.28
C LYS A 229 -3.25 2.51 -30.43
N LYS A 230 -4.38 3.20 -30.58
CA LYS A 230 -4.41 4.66 -30.71
C LYS A 230 -4.00 5.41 -29.43
N ILE A 231 -4.49 4.97 -28.27
CA ILE A 231 -4.19 5.62 -27.00
C ILE A 231 -2.70 5.51 -26.68
N MET A 232 -2.16 4.32 -26.87
CA MET A 232 -0.76 4.05 -26.57
C MET A 232 0.15 4.38 -27.76
N GLU A 233 -0.46 4.84 -28.85
CA GLU A 233 0.23 5.28 -30.06
C GLU A 233 1.26 4.24 -30.53
N ASP A 234 0.80 3.00 -30.70
CA ASP A 234 1.66 1.91 -31.13
C ASP A 234 0.83 0.80 -31.76
N ASP A 235 0.80 0.79 -33.10
CA ASP A 235 0.03 -0.18 -33.87
C ASP A 235 0.60 -1.60 -33.84
N SER A 236 1.80 -1.75 -33.27
CA SER A 236 2.41 -3.08 -33.19
C SER A 236 2.01 -3.84 -31.92
N ILE A 237 1.33 -3.17 -30.98
CA ILE A 237 0.78 -3.87 -29.81
C ILE A 237 -0.33 -4.82 -30.25
N ALA A 238 -0.06 -6.12 -30.14
CA ALA A 238 -1.04 -7.14 -30.44
C ALA A 238 -2.07 -7.23 -29.30
N VAL A 239 -3.34 -6.94 -29.62
CA VAL A 239 -4.43 -7.00 -28.63
C VAL A 239 -5.57 -7.88 -29.12
N SER A 240 -5.96 -8.86 -28.32
CA SER A 240 -7.15 -9.68 -28.60
C SER A 240 -8.05 -9.81 -27.35
N ALA A 241 -9.36 -9.63 -27.53
CA ALA A 241 -10.30 -9.56 -26.40
C ALA A 241 -11.52 -10.47 -26.55
N THR A 242 -12.02 -10.93 -25.39
CA THR A 242 -13.30 -11.62 -25.26
C THR A 242 -14.12 -10.84 -24.22
N CYS A 243 -15.23 -10.26 -24.66
CA CYS A 243 -16.04 -9.43 -23.79
C CYS A 243 -17.35 -10.12 -23.36
N VAL A 244 -17.48 -10.33 -22.05
CA VAL A 244 -18.59 -11.09 -21.48
C VAL A 244 -19.37 -10.26 -20.45
N ARG A 245 -20.68 -10.23 -20.59
CA ARG A 245 -21.58 -9.59 -19.62
C ARG A 245 -21.94 -10.60 -18.53
N ILE A 246 -21.87 -10.17 -17.27
CA ILE A 246 -22.23 -11.03 -16.14
C ILE A 246 -23.23 -10.31 -15.23
N PRO A 247 -23.90 -11.04 -14.30
CA PRO A 247 -24.88 -10.40 -13.41
C PRO A 247 -24.30 -9.44 -12.36
N VAL A 248 -23.66 -8.35 -12.83
CA VAL A 248 -23.11 -7.29 -11.99
C VAL A 248 -23.75 -6.00 -12.46
N LEU A 249 -24.23 -5.16 -11.53
CA LEU A 249 -24.85 -3.89 -11.91
C LEU A 249 -23.82 -2.84 -12.24
N SER A 250 -22.80 -2.74 -11.41
CA SER A 250 -21.79 -1.72 -11.54
C SER A 250 -20.37 -2.24 -11.33
N ALA A 251 -19.46 -1.69 -12.14
CA ALA A 251 -18.01 -1.96 -12.16
C ALA A 251 -17.63 -3.17 -13.01
N HIS A 252 -16.80 -2.92 -14.02
CA HIS A 252 -16.24 -4.00 -14.86
C HIS A 252 -15.01 -4.60 -14.20
N SER A 253 -14.84 -5.89 -14.41
CA SER A 253 -13.66 -6.60 -13.96
C SER A 253 -12.96 -7.16 -15.20
N GLU A 254 -11.62 -7.18 -15.18
CA GLU A 254 -10.89 -7.72 -16.33
C GLU A 254 -9.76 -8.66 -15.94
N SER A 255 -9.74 -9.82 -16.59
CA SER A 255 -8.61 -10.72 -16.50
C SER A 255 -7.62 -10.39 -17.63
N VAL A 256 -6.46 -9.84 -17.25
CA VAL A 256 -5.51 -9.30 -18.23
C VAL A 256 -4.19 -10.09 -18.27
N TYR A 257 -3.88 -10.62 -19.45
CA TYR A 257 -2.57 -11.20 -19.73
C TYR A 257 -1.72 -10.28 -20.62
N ILE A 258 -0.49 -10.03 -20.18
CA ILE A 258 0.48 -9.27 -20.98
C ILE A 258 1.78 -10.05 -21.15
N GLU A 259 2.49 -9.72 -22.22
CA GLU A 259 3.90 -10.03 -22.35
C GLU A 259 4.64 -8.72 -22.58
N THR A 260 5.64 -8.47 -21.75
CA THR A 260 6.40 -7.24 -21.78
C THR A 260 7.54 -7.39 -22.78
N LYS A 261 8.19 -6.28 -23.14
CA LYS A 261 9.35 -6.32 -24.04
C LYS A 261 10.61 -6.78 -23.32
N GLU A 262 10.72 -6.39 -22.05
CA GLU A 262 11.77 -6.89 -21.20
CA GLU A 262 11.79 -6.77 -21.15
C GLU A 262 11.15 -7.48 -19.93
N VAL A 263 11.90 -8.38 -19.30
CA VAL A 263 11.42 -9.08 -18.11
C VAL A 263 11.15 -8.09 -16.98
N ALA A 264 9.92 -8.11 -16.48
CA ALA A 264 9.47 -7.20 -15.45
C ALA A 264 9.33 -7.92 -14.09
N PRO A 265 10.25 -7.63 -13.14
CA PRO A 265 10.17 -8.18 -11.79
C PRO A 265 8.83 -7.85 -11.11
N ILE A 266 8.11 -8.86 -10.67
CA ILE A 266 6.75 -8.70 -10.14
C ILE A 266 6.67 -7.63 -9.04
N GLU A 267 7.62 -7.68 -8.09
CA GLU A 267 7.68 -6.69 -7.00
C GLU A 267 7.77 -5.27 -7.56
N GLU A 268 8.50 -5.13 -8.66
CA GLU A 268 8.66 -3.84 -9.32
C GLU A 268 7.42 -3.41 -10.11
N VAL A 269 6.73 -4.37 -10.72
CA VAL A 269 5.46 -4.13 -11.40
C VAL A 269 4.42 -3.62 -10.39
N LYS A 270 4.28 -4.34 -9.28
CA LYS A 270 3.43 -3.88 -8.15
C LYS A 270 3.73 -2.45 -7.70
N ALA A 271 5.01 -2.17 -7.47
CA ALA A 271 5.43 -0.84 -7.01
C ALA A 271 5.14 0.24 -8.05
N ALA A 272 5.27 -0.11 -9.33
CA ALA A 272 5.05 0.83 -10.43
C ALA A 272 3.57 1.18 -10.59
N ILE A 273 2.70 0.19 -10.45
CA ILE A 273 1.26 0.40 -10.49
C ILE A 273 0.80 1.23 -9.30
N ALA A 274 1.33 0.92 -8.11
CA ALA A 274 1.00 1.63 -6.88
C ALA A 274 1.35 3.12 -6.94
N ALA A 275 2.41 3.45 -7.67
CA ALA A 275 2.87 4.84 -7.80
C ALA A 275 2.14 5.62 -8.92
N PHE A 276 1.44 4.91 -9.81
CA PHE A 276 0.82 5.54 -10.97
C PHE A 276 -0.52 6.22 -10.63
N PRO A 277 -0.71 7.50 -11.04
CA PRO A 277 -1.92 8.28 -10.73
C PRO A 277 -3.19 7.63 -11.27
N GLY A 278 -4.24 7.61 -10.45
CA GLY A 278 -5.51 7.01 -10.81
C GLY A 278 -5.56 5.50 -10.64
N ALA A 279 -4.45 4.90 -10.24
CA ALA A 279 -4.38 3.46 -9.99
C ALA A 279 -4.11 3.16 -8.53
N VAL A 280 -4.70 2.08 -8.03
CA VAL A 280 -4.50 1.62 -6.66
C VAL A 280 -4.17 0.14 -6.67
N LEU A 281 -3.07 -0.21 -5.99
CA LEU A 281 -2.68 -1.60 -5.80
C LEU A 281 -3.49 -2.24 -4.67
N GLU A 282 -4.27 -3.25 -5.02
CA GLU A 282 -4.91 -4.12 -4.03
C GLU A 282 -4.44 -5.53 -4.31
N ASP A 283 -3.29 -5.87 -3.74
CA ASP A 283 -2.65 -7.17 -3.97
C ASP A 283 -1.90 -7.58 -2.71
N ASP A 284 -2.53 -8.46 -1.93
CA ASP A 284 -1.93 -9.06 -0.75
C ASP A 284 -2.67 -10.37 -0.53
N VAL A 285 -2.23 -11.40 -1.24
CA VAL A 285 -2.94 -12.68 -1.27
C VAL A 285 -2.88 -13.44 0.07
N ALA A 286 -1.89 -13.09 0.89
CA ALA A 286 -1.76 -13.63 2.24
C ALA A 286 -2.98 -13.23 3.08
N HIS A 287 -3.58 -12.08 2.78
CA HIS A 287 -4.78 -11.61 3.45
C HIS A 287 -6.00 -11.57 2.52
N GLN A 288 -5.94 -12.32 1.41
CA GLN A 288 -7.00 -12.38 0.40
C GLN A 288 -7.44 -10.99 -0.09
N ILE A 289 -6.46 -10.13 -0.35
CA ILE A 289 -6.71 -8.78 -0.88
C ILE A 289 -6.53 -8.79 -2.39
N TYR A 290 -7.60 -8.44 -3.09
CA TYR A 290 -7.62 -8.32 -4.55
C TYR A 290 -8.76 -7.36 -4.90
N PRO A 291 -8.74 -6.80 -6.12
CA PRO A 291 -9.86 -5.93 -6.52
C PRO A 291 -11.19 -6.68 -6.61
N GLN A 292 -12.28 -6.00 -6.23
CA GLN A 292 -13.65 -6.54 -6.29
C GLN A 292 -14.60 -5.45 -6.81
N ALA A 293 -15.44 -5.82 -7.77
CA ALA A 293 -16.44 -4.92 -8.34
C ALA A 293 -17.23 -4.13 -7.29
N ILE A 294 -17.77 -4.83 -6.29
CA ILE A 294 -18.61 -4.20 -5.27
C ILE A 294 -17.86 -3.22 -4.38
N ASN A 295 -16.53 -3.38 -4.30
CA ASN A 295 -15.69 -2.46 -3.54
C ASN A 295 -15.27 -1.24 -4.34
N ALA A 296 -15.36 -1.34 -5.67
CA ALA A 296 -14.92 -0.26 -6.57
C ALA A 296 -16.03 0.75 -6.89
N VAL A 297 -17.28 0.32 -6.78
CA VAL A 297 -18.43 1.19 -7.06
C VAL A 297 -18.34 2.46 -6.22
N GLY A 298 -18.40 3.61 -6.88
CA GLY A 298 -18.40 4.89 -6.19
C GLY A 298 -17.02 5.53 -6.10
N SER A 299 -15.99 4.80 -6.51
CA SER A 299 -14.62 5.31 -6.51
C SER A 299 -14.16 5.60 -7.94
N ARG A 300 -13.39 6.68 -8.10
CA ARG A 300 -12.81 7.08 -9.39
C ARG A 300 -11.57 6.26 -9.76
N ASP A 301 -11.13 5.39 -8.84
CA ASP A 301 -9.87 4.69 -9.00
C ASP A 301 -9.98 3.40 -9.81
N THR A 302 -8.87 3.04 -10.44
CA THR A 302 -8.71 1.74 -11.07
C THR A 302 -7.87 0.86 -10.15
N PHE A 303 -8.40 -0.32 -9.82
CA PHE A 303 -7.79 -1.21 -8.84
C PHE A 303 -7.15 -2.42 -9.51
N VAL A 304 -5.90 -2.71 -9.15
CA VAL A 304 -5.17 -3.84 -9.74
C VAL A 304 -4.69 -4.84 -8.68
N GLY A 305 -4.84 -6.12 -8.96
CA GLY A 305 -4.36 -7.19 -8.09
C GLY A 305 -4.13 -8.50 -8.84
N ARG A 306 -3.97 -9.59 -8.09
CA ARG A 306 -3.63 -10.91 -8.63
C ARG A 306 -2.42 -10.89 -9.58
N ILE A 307 -1.53 -9.92 -9.38
CA ILE A 307 -0.35 -9.78 -10.24
C ILE A 307 0.61 -10.94 -10.00
N ARG A 308 0.90 -11.67 -11.08
CA ARG A 308 1.79 -12.83 -10.99
C ARG A 308 2.40 -13.16 -12.36
N LYS A 309 3.58 -13.78 -12.35
CA LYS A 309 4.23 -14.28 -13.57
C LYS A 309 3.41 -15.39 -14.20
N ASP A 310 3.48 -15.47 -15.53
CA ASP A 310 3.02 -16.66 -16.22
C ASP A 310 3.92 -17.81 -15.77
N LEU A 311 3.38 -19.03 -15.78
CA LEU A 311 4.12 -20.20 -15.35
C LEU A 311 5.15 -20.71 -16.36
N ASP A 312 5.10 -20.20 -17.59
CA ASP A 312 5.96 -20.70 -18.68
C ASP A 312 6.61 -19.61 -19.54
N ALA A 313 5.85 -18.60 -19.93
CA ALA A 313 6.37 -17.49 -20.73
C ALA A 313 7.15 -16.53 -19.85
N GLU A 314 8.44 -16.36 -20.15
CA GLU A 314 9.36 -15.56 -19.29
C GLU A 314 8.91 -14.13 -19.05
N LYS A 315 8.25 -13.54 -20.05
CA LYS A 315 7.84 -12.14 -19.98
C LYS A 315 6.33 -11.95 -19.80
N GLY A 316 5.64 -13.07 -19.56
CA GLY A 316 4.19 -13.07 -19.40
C GLY A 316 3.78 -12.72 -17.98
N ILE A 317 2.78 -11.84 -17.86
CA ILE A 317 2.21 -11.46 -16.55
C ILE A 317 0.69 -11.51 -16.61
N HIS A 318 0.06 -12.03 -15.56
CA HIS A 318 -1.39 -12.00 -15.40
C HIS A 318 -1.75 -11.03 -14.27
N MET A 319 -2.91 -10.38 -14.39
CA MET A 319 -3.42 -9.48 -13.36
C MET A 319 -4.97 -9.39 -13.41
N TRP A 320 -5.55 -8.79 -12.38
CA TRP A 320 -7.00 -8.58 -12.24
C TRP A 320 -7.27 -7.07 -12.13
N VAL A 321 -8.09 -6.54 -13.03
CA VAL A 321 -8.35 -5.10 -13.13
C VAL A 321 -9.84 -4.76 -12.98
N VAL A 322 -10.14 -3.88 -12.03
CA VAL A 322 -11.52 -3.50 -11.70
C VAL A 322 -11.67 -1.99 -11.61
N SER A 323 -12.75 -1.46 -12.21
CA SER A 323 -13.10 -0.06 -12.05
C SER A 323 -14.60 0.18 -12.25
N ASP A 324 -15.11 1.22 -11.59
CA ASP A 324 -16.51 1.67 -11.80
C ASP A 324 -16.68 2.23 -13.21
N ASN A 325 -17.37 1.48 -14.06
CA ASN A 325 -17.58 1.86 -15.46
C ASN A 325 -18.34 3.18 -15.70
N LEU A 326 -19.04 3.69 -14.69
CA LEU A 326 -19.79 4.93 -14.84
C LEU A 326 -18.98 6.19 -14.47
N LEU A 327 -17.92 6.00 -13.67
CA LEU A 327 -17.07 7.09 -13.25
C LEU A 327 -15.85 7.19 -14.16
N LYS A 328 -14.74 6.56 -13.79
CA LYS A 328 -13.56 6.56 -14.66
C LYS A 328 -13.82 5.96 -16.05
N GLY A 329 -14.75 5.00 -16.12
CA GLY A 329 -15.15 4.42 -17.41
C GLY A 329 -15.95 5.35 -18.31
N ALA A 330 -16.49 6.43 -17.74
CA ALA A 330 -17.27 7.38 -18.53
C ALA A 330 -17.16 8.83 -18.03
N ALA A 331 -18.09 9.21 -17.15
CA ALA A 331 -18.27 10.60 -16.73
C ALA A 331 -17.02 11.27 -16.13
N TRP A 332 -16.32 10.58 -15.22
CA TRP A 332 -15.08 11.11 -14.65
C TRP A 332 -13.95 11.27 -15.70
N ASN A 333 -13.75 10.30 -16.59
CA ASN A 333 -12.77 10.45 -17.65
C ASN A 333 -13.07 11.69 -18.52
N SER A 334 -14.34 11.89 -18.87
CA SER A 334 -14.78 13.07 -19.62
C SER A 334 -14.49 14.38 -18.89
N VAL A 335 -14.87 14.45 -17.62
CA VAL A 335 -14.60 15.64 -16.80
C VAL A 335 -13.09 15.84 -16.56
N GLN A 336 -12.35 14.77 -16.30
CA GLN A 336 -10.90 14.84 -16.20
C GLN A 336 -10.23 15.37 -17.48
N ILE A 337 -10.76 14.99 -18.64
CA ILE A 337 -10.31 15.54 -19.94
C ILE A 337 -10.51 17.06 -19.99
N ALA A 338 -11.71 17.51 -19.59
CA ALA A 338 -12.02 18.94 -19.52
C ALA A 338 -11.09 19.69 -18.56
N GLU A 339 -10.83 19.12 -17.38
CA GLU A 339 -9.85 19.70 -16.46
C GLU A 339 -8.44 19.72 -17.04
N THR A 340 -8.08 18.66 -17.79
CA THR A 340 -6.74 18.56 -18.36
C THR A 340 -6.54 19.55 -19.50
N LEU A 341 -7.59 19.76 -20.29
CA LEU A 341 -7.60 20.78 -21.34
C LEU A 341 -7.32 22.15 -20.74
N HIS A 342 -7.99 22.46 -19.64
CA HIS A 342 -7.75 23.71 -18.93
C HIS A 342 -6.35 23.76 -18.32
N GLU A 343 -5.97 22.68 -17.66
CA GLU A 343 -4.66 22.52 -17.02
C GLU A 343 -3.53 22.92 -17.99
N ARG A 344 -3.67 22.53 -19.25
CA ARG A 344 -2.62 22.70 -20.25
C ARG A 344 -2.80 23.92 -21.15
N GLY A 345 -3.84 24.71 -20.89
CA GLY A 345 -4.12 25.94 -21.66
C GLY A 345 -4.71 25.73 -23.05
N LEU A 346 -5.55 24.71 -23.20
CA LEU A 346 -6.03 24.30 -24.51
C LEU A 346 -7.52 24.57 -24.78
N VAL A 347 -8.19 25.30 -23.89
CA VAL A 347 -9.60 25.66 -24.13
C VAL A 347 -9.63 26.94 -24.96
N ARG A 348 -9.85 26.77 -26.26
CA ARG A 348 -9.72 27.86 -27.22
C ARG A 348 -10.56 27.48 -28.44
N PRO A 349 -11.08 28.50 -29.18
CA PRO A 349 -11.72 28.17 -30.45
C PRO A 349 -10.74 27.59 -31.48
N THR A 350 -11.23 26.71 -32.36
CA THR A 350 -10.41 26.13 -33.43
C THR A 350 -10.65 26.93 -34.70
N ALA A 351 -9.56 27.40 -35.32
CA ALA A 351 -9.65 28.19 -36.55
C ALA A 351 -10.21 27.39 -37.74
N GLU A 352 -9.59 26.26 -38.05
CA GLU A 352 -9.99 25.43 -39.17
C GLU A 352 -10.95 24.31 -38.79
N LEU A 353 -12.15 24.34 -39.37
CA LEU A 353 -13.14 23.28 -39.17
C LEU A 353 -12.72 22.05 -40.00
N LYS A 354 -12.53 20.93 -39.31
CA LYS A 354 -12.12 19.68 -39.95
C LYS A 354 -13.22 18.61 -39.90
N PHE A 355 -14.40 18.99 -39.44
CA PHE A 355 -15.52 18.06 -39.30
C PHE A 355 -16.72 18.61 -40.04
N GLU A 356 -17.28 17.83 -40.96
CA GLU A 356 -18.31 18.37 -41.84
C GLU A 356 -19.65 18.57 -41.14
N LEU A 357 -20.36 19.59 -41.60
CA LEU A 357 -21.66 19.93 -41.05
C LEU A 357 -22.76 19.09 -41.69
N LYS A 358 -23.46 18.33 -40.87
CA LYS A 358 -24.64 17.59 -41.32
C LYS A 358 -25.80 18.56 -41.23
N LEU A 359 -27.03 18.08 -41.45
CA LEU A 359 -28.21 18.95 -41.34
C LEU A 359 -28.23 20.05 -42.42
N GLY B 2 -24.88 -59.28 -13.02
CA GLY B 2 -24.91 -57.79 -12.85
C GLY B 2 -23.90 -57.30 -11.83
N TYR B 3 -23.95 -56.00 -11.56
CA TYR B 3 -23.02 -55.37 -10.63
C TYR B 3 -23.70 -54.91 -9.36
N THR B 4 -22.96 -54.99 -8.25
CA THR B 4 -23.35 -54.30 -7.03
C THR B 4 -22.60 -52.98 -7.01
N VAL B 5 -23.36 -51.89 -7.04
CA VAL B 5 -22.79 -50.54 -7.05
C VAL B 5 -23.07 -49.81 -5.74
N ALA B 6 -22.00 -49.35 -5.10
CA ALA B 6 -22.11 -48.57 -3.88
C ALA B 6 -21.88 -47.08 -4.16
N VAL B 7 -22.73 -46.24 -3.57
CA VAL B 7 -22.52 -44.79 -3.56
C VAL B 7 -22.11 -44.38 -2.15
N VAL B 8 -20.84 -44.01 -2.01
CA VAL B 8 -20.25 -43.64 -0.72
C VAL B 8 -20.33 -42.13 -0.56
N GLY B 9 -21.02 -41.69 0.47
CA GLY B 9 -21.37 -40.28 0.64
C GLY B 9 -22.68 -39.99 -0.09
N ALA B 10 -23.61 -40.95 -0.02
CA ALA B 10 -24.88 -40.89 -0.74
C ALA B 10 -25.77 -39.74 -0.28
N THR B 11 -25.77 -39.47 1.03
CA THR B 11 -26.47 -38.31 1.60
C THR B 11 -25.80 -37.00 1.22
N GLY B 12 -26.57 -35.91 1.30
CA GLY B 12 -26.08 -34.58 0.92
C GLY B 12 -26.34 -34.30 -0.54
N ALA B 13 -25.98 -33.10 -0.98
CA ALA B 13 -26.22 -32.65 -2.35
C ALA B 13 -25.32 -33.34 -3.39
N VAL B 14 -24.09 -33.65 -2.99
CA VAL B 14 -23.11 -34.26 -3.90
C VAL B 14 -23.52 -35.69 -4.28
N GLY B 15 -23.85 -36.50 -3.28
CA GLY B 15 -24.38 -37.86 -3.50
C GLY B 15 -25.66 -37.86 -4.32
N ALA B 16 -26.55 -36.90 -4.03
CA ALA B 16 -27.82 -36.73 -4.74
C ALA B 16 -27.70 -36.72 -6.26
N GLN B 17 -26.75 -35.94 -6.78
CA GLN B 17 -26.55 -35.83 -8.22
C GLN B 17 -25.84 -37.05 -8.81
N MET B 18 -25.07 -37.73 -7.96
CA MET B 18 -24.44 -39.01 -8.32
C MET B 18 -25.50 -40.09 -8.60
N ILE B 19 -26.53 -40.11 -7.76
CA ILE B 19 -27.64 -41.06 -7.84
C ILE B 19 -28.42 -40.91 -9.15
N LYS B 20 -28.79 -39.67 -9.47
CA LYS B 20 -29.57 -39.36 -10.66
C LYS B 20 -28.90 -39.87 -11.94
N MET B 21 -27.57 -39.77 -11.99
CA MET B 21 -26.79 -40.26 -13.14
C MET B 21 -26.74 -41.79 -13.21
N LEU B 22 -26.65 -42.45 -12.05
CA LEU B 22 -26.71 -43.91 -11.99
C LEU B 22 -28.05 -44.47 -12.48
N GLU B 23 -29.14 -43.82 -12.07
CA GLU B 23 -30.50 -44.21 -12.47
C GLU B 23 -30.64 -44.27 -13.98
N GLU B 24 -29.86 -43.47 -14.68
CA GLU B 24 -29.93 -43.40 -16.14
C GLU B 24 -28.78 -44.15 -16.82
N SER B 25 -27.96 -44.83 -16.02
CA SER B 25 -26.76 -45.50 -16.53
C SER B 25 -27.07 -46.74 -17.35
N THR B 26 -26.26 -47.01 -18.37
CA THR B 26 -26.39 -48.21 -19.20
C THR B 26 -25.69 -49.40 -18.52
N LEU B 27 -25.23 -49.18 -17.29
CA LEU B 27 -24.52 -50.17 -16.50
C LEU B 27 -25.47 -51.25 -15.97
N PRO B 28 -25.10 -52.53 -16.11
CA PRO B 28 -25.94 -53.62 -15.60
C PRO B 28 -25.83 -53.72 -14.08
N ILE B 29 -26.85 -53.21 -13.38
CA ILE B 29 -26.83 -53.17 -11.92
C ILE B 29 -27.78 -54.21 -11.32
N ASP B 30 -27.26 -55.02 -10.41
CA ASP B 30 -28.04 -56.00 -9.66
C ASP B 30 -28.54 -55.42 -8.34
N LYS B 31 -27.61 -54.86 -7.56
CA LYS B 31 -27.95 -54.28 -6.27
C LYS B 31 -27.25 -52.94 -6.09
N ILE B 32 -28.03 -51.93 -5.73
CA ILE B 32 -27.47 -50.63 -5.40
C ILE B 32 -27.39 -50.50 -3.88
N ARG B 33 -26.28 -49.96 -3.39
CA ARG B 33 -26.08 -49.75 -1.96
C ARG B 33 -25.66 -48.31 -1.68
N TYR B 34 -26.24 -47.71 -0.65
CA TYR B 34 -25.90 -46.36 -0.25
C TYR B 34 -25.16 -46.35 1.07
N LEU B 35 -23.98 -45.73 1.07
CA LEU B 35 -23.16 -45.62 2.28
C LEU B 35 -22.93 -44.16 2.68
N ALA B 36 -22.89 -43.90 3.98
CA ALA B 36 -22.72 -42.55 4.53
C ALA B 36 -22.23 -42.58 5.99
N SER B 37 -22.39 -41.46 6.70
CA SER B 37 -22.06 -41.34 8.13
C SER B 37 -22.92 -42.25 9.00
N ALA B 38 -22.41 -42.60 10.18
CA ALA B 38 -23.19 -43.32 11.18
C ALA B 38 -24.38 -42.51 11.65
N ARG B 39 -24.29 -41.19 11.50
CA ARG B 39 -25.39 -40.26 11.80
C ARG B 39 -26.52 -40.39 10.77
N SER B 40 -26.17 -40.82 9.55
CA SER B 40 -27.14 -40.93 8.46
C SER B 40 -27.61 -42.38 8.26
N ALA B 41 -26.87 -43.32 8.83
CA ALA B 41 -27.16 -44.76 8.68
C ALA B 41 -28.51 -45.15 9.28
N GLY B 42 -29.30 -45.89 8.51
CA GLY B 42 -30.62 -46.33 8.94
C GLY B 42 -31.74 -45.68 8.14
N LYS B 43 -31.50 -44.46 7.67
CA LYS B 43 -32.49 -43.70 6.90
C LYS B 43 -32.76 -44.32 5.53
N SER B 44 -33.84 -43.87 4.90
CA SER B 44 -34.23 -44.38 3.58
C SER B 44 -34.02 -43.33 2.50
N LEU B 45 -33.51 -43.76 1.35
CA LEU B 45 -33.27 -42.87 0.22
C LEU B 45 -33.56 -43.59 -1.10
N LYS B 46 -34.17 -42.87 -2.04
CA LYS B 46 -34.68 -43.43 -3.29
C LYS B 46 -33.64 -43.84 -4.32
N PHE B 47 -33.87 -44.97 -4.98
CA PHE B 47 -33.20 -45.32 -6.23
C PHE B 47 -34.26 -45.73 -7.25
N LYS B 48 -34.53 -44.83 -8.20
CA LYS B 48 -35.61 -44.98 -9.18
C LYS B 48 -36.98 -44.90 -8.49
N ASP B 49 -37.38 -45.98 -7.83
CA ASP B 49 -38.58 -46.02 -7.00
C ASP B 49 -38.38 -46.89 -5.77
N GLN B 50 -37.33 -47.70 -5.77
CA GLN B 50 -37.00 -48.56 -4.64
C GLN B 50 -36.33 -47.80 -3.50
N ASP B 51 -36.85 -48.02 -2.30
CA ASP B 51 -36.28 -47.44 -1.09
C ASP B 51 -35.03 -48.20 -0.67
N ILE B 52 -33.95 -47.48 -0.41
CA ILE B 52 -32.68 -48.09 -0.03
C ILE B 52 -32.27 -47.68 1.38
N THR B 53 -31.96 -48.67 2.21
CA THR B 53 -31.48 -48.44 3.56
C THR B 53 -30.03 -48.02 3.53
N ILE B 54 -29.76 -46.80 4.00
CA ILE B 54 -28.41 -46.26 4.07
C ILE B 54 -27.61 -47.00 5.15
N GLU B 55 -26.47 -47.56 4.76
CA GLU B 55 -25.59 -48.28 5.67
C GLU B 55 -24.42 -47.39 6.12
N GLU B 56 -23.79 -47.77 7.22
CA GLU B 56 -22.62 -47.05 7.73
C GLU B 56 -21.38 -47.41 6.91
N THR B 57 -20.61 -46.39 6.55
CA THR B 57 -19.34 -46.59 5.84
C THR B 57 -18.29 -47.10 6.81
N THR B 58 -17.86 -48.35 6.62
CA THR B 58 -16.84 -48.98 7.47
C THR B 58 -15.80 -49.74 6.67
N GLU B 59 -14.77 -50.21 7.38
CA GLU B 59 -13.65 -50.97 6.80
C GLU B 59 -14.00 -52.35 6.24
N THR B 60 -15.21 -52.84 6.52
CA THR B 60 -15.64 -54.17 6.05
C THR B 60 -16.94 -54.14 5.24
N ALA B 61 -17.46 -52.94 5.00
CA ALA B 61 -18.75 -52.77 4.33
C ALA B 61 -18.72 -52.99 2.81
N PHE B 62 -17.53 -53.14 2.24
CA PHE B 62 -17.37 -53.22 0.78
C PHE B 62 -17.32 -54.66 0.22
N GLU B 63 -17.67 -55.64 1.04
CA GLU B 63 -17.64 -57.05 0.64
C GLU B 63 -18.71 -57.37 -0.42
N GLY B 64 -18.26 -57.89 -1.56
CA GLY B 64 -19.14 -58.25 -2.67
C GLY B 64 -19.54 -57.11 -3.58
N VAL B 65 -19.00 -55.92 -3.31
CA VAL B 65 -19.26 -54.73 -4.13
C VAL B 65 -18.29 -54.70 -5.31
N ASP B 66 -18.82 -54.48 -6.51
CA ASP B 66 -17.98 -54.43 -7.72
C ASP B 66 -17.45 -53.02 -8.03
N ILE B 67 -18.33 -52.03 -7.90
CA ILE B 67 -17.99 -50.63 -8.17
C ILE B 67 -18.48 -49.72 -7.03
N ALA B 68 -17.58 -48.86 -6.56
CA ALA B 68 -17.95 -47.85 -5.57
C ALA B 68 -17.65 -46.44 -6.08
N LEU B 69 -18.71 -45.63 -6.20
CA LEU B 69 -18.58 -44.22 -6.56
C LEU B 69 -18.55 -43.37 -5.30
N PHE B 70 -17.44 -42.68 -5.08
CA PHE B 70 -17.28 -41.84 -3.89
C PHE B 70 -17.71 -40.42 -4.19
N SER B 71 -18.52 -39.84 -3.30
CA SER B 71 -18.99 -38.48 -3.48
C SER B 71 -19.10 -37.79 -2.12
N ALA B 72 -18.03 -37.90 -1.35
CA ALA B 72 -17.96 -37.31 -0.03
C ALA B 72 -16.75 -36.38 0.04
N GLY B 73 -16.22 -36.18 1.24
CA GLY B 73 -15.03 -35.36 1.43
C GLY B 73 -13.77 -36.15 1.15
N SER B 74 -12.65 -35.44 1.08
CA SER B 74 -11.35 -36.05 0.87
C SER B 74 -10.95 -37.04 1.97
N SER B 75 -11.35 -36.75 3.21
CA SER B 75 -11.00 -37.62 4.35
C SER B 75 -11.70 -39.00 4.28
N THR B 76 -12.91 -39.04 3.72
CA THR B 76 -13.63 -40.30 3.50
C THR B 76 -12.93 -41.18 2.46
N SER B 77 -12.47 -40.55 1.38
CA SER B 77 -11.75 -41.25 0.31
C SER B 77 -10.42 -41.80 0.80
N ALA B 78 -9.63 -40.92 1.43
CA ALA B 78 -8.34 -41.30 2.03
C ALA B 78 -8.45 -42.50 2.98
N LYS B 79 -9.53 -42.54 3.77
CA LYS B 79 -9.74 -43.60 4.74
C LYS B 79 -10.31 -44.88 4.12
N TYR B 80 -11.40 -44.75 3.36
CA TYR B 80 -12.20 -45.91 2.99
C TYR B 80 -11.91 -46.54 1.62
N ALA B 81 -11.39 -45.75 0.68
CA ALA B 81 -10.99 -46.28 -0.63
C ALA B 81 -9.95 -47.41 -0.56
N PRO B 82 -8.93 -47.28 0.33
CA PRO B 82 -7.96 -48.38 0.42
C PRO B 82 -8.54 -49.69 0.96
N TYR B 83 -9.64 -49.60 1.71
CA TYR B 83 -10.34 -50.78 2.20
C TYR B 83 -11.26 -51.40 1.13
N ALA B 84 -11.84 -50.55 0.28
CA ALA B 84 -12.66 -51.02 -0.83
C ALA B 84 -11.83 -51.79 -1.85
N VAL B 85 -10.63 -51.29 -2.17
CA VAL B 85 -9.71 -51.98 -3.08
C VAL B 85 -9.26 -53.31 -2.48
N LYS B 86 -9.04 -53.33 -1.17
CA LYS B 86 -8.71 -54.56 -0.45
C LYS B 86 -9.81 -55.60 -0.59
N ALA B 87 -11.07 -55.16 -0.47
CA ALA B 87 -12.22 -56.06 -0.58
C ALA B 87 -12.44 -56.55 -2.02
N GLY B 88 -11.86 -55.85 -2.99
CA GLY B 88 -11.97 -56.24 -4.40
C GLY B 88 -12.80 -55.32 -5.27
N VAL B 89 -13.19 -54.17 -4.73
CA VAL B 89 -13.96 -53.17 -5.46
C VAL B 89 -13.07 -52.35 -6.40
N VAL B 90 -13.65 -51.85 -7.50
CA VAL B 90 -13.02 -50.80 -8.28
C VAL B 90 -13.62 -49.46 -7.86
N VAL B 91 -12.76 -48.55 -7.41
CA VAL B 91 -13.17 -47.26 -6.86
C VAL B 91 -13.04 -46.14 -7.90
N VAL B 92 -14.10 -45.36 -8.04
CA VAL B 92 -14.08 -44.13 -8.82
C VAL B 92 -14.27 -42.95 -7.85
N ASP B 93 -13.17 -42.25 -7.57
CA ASP B 93 -13.14 -41.17 -6.57
C ASP B 93 -13.44 -39.79 -7.18
N ASN B 94 -14.19 -38.97 -6.42
CA ASN B 94 -14.58 -37.63 -6.86
C ASN B 94 -13.66 -36.51 -6.38
N THR B 95 -12.90 -36.76 -5.31
CA THR B 95 -12.11 -35.72 -4.66
C THR B 95 -10.75 -35.50 -5.34
N SER B 96 -9.93 -34.63 -4.75
CA SER B 96 -8.59 -34.35 -5.26
C SER B 96 -7.53 -35.31 -4.73
N TYR B 97 -7.89 -36.08 -3.70
CA TYR B 97 -6.93 -36.84 -2.89
C TYR B 97 -5.98 -37.78 -3.65
N PHE B 98 -6.50 -38.48 -4.66
CA PHE B 98 -5.68 -39.42 -5.43
C PHE B 98 -5.29 -38.89 -6.80
N ARG B 99 -5.72 -37.68 -7.14
CA ARG B 99 -5.52 -37.11 -8.49
C ARG B 99 -4.07 -37.07 -8.97
N GLN B 100 -3.14 -36.76 -8.07
CA GLN B 100 -1.71 -36.62 -8.42
C GLN B 100 -0.89 -37.84 -8.00
N ASN B 101 -1.57 -38.94 -7.71
CA ASN B 101 -0.91 -40.20 -7.39
C ASN B 101 -0.63 -40.96 -8.68
N PRO B 102 0.67 -41.25 -8.95
CA PRO B 102 1.07 -41.91 -10.22
C PRO B 102 0.42 -43.28 -10.44
N ASP B 103 0.07 -43.95 -9.35
CA ASP B 103 -0.63 -45.24 -9.41
C ASP B 103 -2.13 -45.08 -9.69
N VAL B 104 -2.60 -43.84 -9.85
CA VAL B 104 -4.03 -43.56 -10.05
C VAL B 104 -4.30 -42.86 -11.39
N PRO B 105 -5.01 -43.53 -12.31
CA PRO B 105 -5.45 -42.85 -13.54
C PRO B 105 -6.35 -41.64 -13.28
N LEU B 106 -6.16 -40.58 -14.07
CA LEU B 106 -6.98 -39.36 -13.98
C LEU B 106 -7.67 -39.16 -15.32
N VAL B 107 -8.96 -39.51 -15.36
CA VAL B 107 -9.65 -39.80 -16.62
C VAL B 107 -10.84 -38.90 -16.97
N VAL B 108 -10.80 -38.36 -18.19
CA VAL B 108 -11.97 -37.88 -18.91
C VAL B 108 -12.16 -38.88 -20.06
N PRO B 109 -13.19 -39.74 -19.97
CA PRO B 109 -13.36 -40.91 -20.85
C PRO B 109 -13.23 -40.68 -22.36
N GLU B 110 -13.68 -39.53 -22.85
CA GLU B 110 -13.55 -39.21 -24.27
C GLU B 110 -12.11 -38.90 -24.66
N VAL B 111 -11.31 -38.51 -23.67
CA VAL B 111 -9.97 -38.01 -23.92
C VAL B 111 -8.90 -39.08 -23.70
N ASN B 112 -8.91 -39.72 -22.54
CA ASN B 112 -7.84 -40.64 -22.17
C ASN B 112 -8.33 -41.96 -21.57
N ALA B 113 -9.29 -42.59 -22.26
CA ALA B 113 -9.89 -43.86 -21.83
C ALA B 113 -8.86 -44.97 -21.67
N HIS B 114 -7.80 -44.92 -22.49
CA HIS B 114 -6.73 -45.91 -22.47
C HIS B 114 -5.97 -45.95 -21.13
N ALA B 115 -5.96 -44.84 -20.41
CA ALA B 115 -5.29 -44.77 -19.11
C ALA B 115 -5.94 -45.66 -18.04
N LEU B 116 -7.20 -46.03 -18.26
CA LEU B 116 -7.93 -46.92 -17.35
C LEU B 116 -7.32 -48.32 -17.30
N ASP B 117 -6.76 -48.76 -18.43
CA ASP B 117 -6.25 -50.12 -18.58
C ASP B 117 -5.31 -50.58 -17.47
N ALA B 118 -4.48 -49.66 -16.96
CA ALA B 118 -3.49 -50.03 -15.95
C ALA B 118 -3.81 -49.59 -14.51
N HIS B 119 -5.08 -49.39 -14.22
CA HIS B 119 -5.51 -48.97 -12.88
C HIS B 119 -5.18 -49.99 -11.79
N ASN B 120 -5.13 -49.53 -10.55
CA ASN B 120 -4.82 -50.39 -9.42
C ASN B 120 -5.94 -50.40 -8.38
N GLY B 121 -7.16 -50.17 -8.85
CA GLY B 121 -8.33 -50.20 -7.99
C GLY B 121 -8.98 -48.84 -7.75
N ILE B 122 -8.25 -47.76 -8.03
CA ILE B 122 -8.76 -46.39 -7.87
C ILE B 122 -8.58 -45.58 -9.17
N ILE B 123 -9.66 -44.96 -9.62
CA ILE B 123 -9.62 -43.99 -10.72
C ILE B 123 -10.17 -42.67 -10.19
N ALA B 124 -9.46 -41.58 -10.47
CA ALA B 124 -9.86 -40.25 -9.99
C ALA B 124 -10.63 -39.44 -11.02
N CYS B 125 -11.73 -38.85 -10.57
CA CYS B 125 -12.43 -37.84 -11.37
C CYS B 125 -11.67 -36.53 -11.23
N PRO B 126 -11.35 -35.89 -12.37
CA PRO B 126 -10.66 -34.60 -12.36
C PRO B 126 -11.55 -33.45 -11.90
N ASN B 127 -10.93 -32.30 -11.64
CA ASN B 127 -11.62 -31.07 -11.27
C ASN B 127 -12.64 -30.64 -12.32
N CYS B 128 -13.76 -30.05 -11.88
CA CYS B 128 -14.85 -29.68 -12.78
C CYS B 128 -14.48 -28.67 -13.86
N SER B 129 -13.71 -27.64 -13.50
CA SER B 129 -13.22 -26.66 -14.49
C SER B 129 -12.31 -27.31 -15.53
N THR B 130 -11.51 -28.29 -15.12
CA THR B 130 -10.59 -29.00 -16.01
C THR B 130 -11.32 -29.86 -17.04
N ILE B 131 -12.32 -30.62 -16.59
CA ILE B 131 -13.02 -31.59 -17.46
C ILE B 131 -13.59 -30.99 -18.75
N GLN B 132 -14.34 -29.89 -18.64
CA GLN B 132 -14.97 -29.30 -19.82
C GLN B 132 -13.94 -28.76 -20.81
N MET B 133 -12.84 -28.22 -20.27
CA MET B 133 -11.76 -27.72 -21.12
C MET B 133 -11.12 -28.85 -21.91
N MET B 134 -10.83 -29.97 -21.25
CA MET B 134 -10.31 -31.17 -21.92
C MET B 134 -11.20 -31.68 -23.05
N VAL B 135 -12.52 -31.71 -22.85
CA VAL B 135 -13.45 -32.19 -23.89
C VAL B 135 -13.42 -31.27 -25.12
N ALA B 136 -13.33 -29.97 -24.88
CA ALA B 136 -13.27 -28.96 -25.94
C ALA B 136 -11.96 -29.00 -26.74
N LEU B 137 -10.86 -29.33 -26.07
CA LEU B 137 -9.54 -29.13 -26.65
C LEU B 137 -8.89 -30.37 -27.24
N GLU B 138 -9.29 -31.55 -26.76
CA GLU B 138 -8.75 -32.81 -27.28
C GLU B 138 -8.91 -32.95 -28.81
N PRO B 139 -10.12 -32.68 -29.36
CA PRO B 139 -10.28 -32.81 -30.81
C PRO B 139 -9.38 -31.86 -31.60
N VAL B 140 -9.06 -30.71 -31.01
CA VAL B 140 -8.12 -29.78 -31.61
C VAL B 140 -6.70 -30.35 -31.54
N ARG B 141 -6.31 -30.83 -30.36
CA ARG B 141 -4.96 -31.35 -30.13
C ARG B 141 -4.60 -32.52 -31.04
N GLN B 142 -5.54 -33.43 -31.25
CA GLN B 142 -5.26 -34.63 -32.04
C GLN B 142 -5.01 -34.34 -33.51
N LYS B 143 -5.56 -33.23 -34.02
CA LYS B 143 -5.31 -32.80 -35.40
C LYS B 143 -4.15 -31.80 -35.57
N TRP B 144 -4.07 -30.80 -34.69
CA TRP B 144 -3.10 -29.73 -34.89
C TRP B 144 -2.09 -29.51 -33.76
N GLY B 145 -2.19 -30.34 -32.72
CA GLY B 145 -1.31 -30.20 -31.56
C GLY B 145 -1.70 -29.07 -30.63
N LEU B 146 -0.94 -28.94 -29.54
CA LEU B 146 -1.25 -27.95 -28.53
C LEU B 146 0.04 -27.52 -27.85
N ASP B 147 0.42 -26.26 -28.03
CA ASP B 147 1.59 -25.72 -27.35
C ASP B 147 1.27 -25.04 -26.01
N ARG B 148 0.25 -24.18 -26.00
CA ARG B 148 -0.12 -23.49 -24.76
C ARG B 148 -1.62 -23.25 -24.58
N ILE B 149 -2.00 -22.94 -23.35
CA ILE B 149 -3.36 -22.65 -22.95
C ILE B 149 -3.34 -21.50 -21.95
N ILE B 150 -4.14 -20.48 -22.22
CA ILE B 150 -4.45 -19.47 -21.21
C ILE B 150 -5.96 -19.45 -21.05
N VAL B 151 -6.43 -19.60 -19.82
CA VAL B 151 -7.86 -19.69 -19.55
C VAL B 151 -8.27 -18.76 -18.39
N SER B 152 -9.38 -18.06 -18.57
CA SER B 152 -10.05 -17.32 -17.51
C SER B 152 -11.43 -17.94 -17.34
N THR B 153 -11.76 -18.30 -16.09
CA THR B 153 -13.01 -19.00 -15.80
C THR B 153 -14.10 -18.08 -15.21
N TYR B 154 -15.35 -18.46 -15.44
CA TYR B 154 -16.49 -17.75 -14.93
C TYR B 154 -17.30 -18.85 -14.24
N GLN B 155 -16.94 -19.12 -13.00
CA GLN B 155 -17.38 -20.36 -12.34
C GLN B 155 -18.61 -20.19 -11.46
N ALA B 156 -19.49 -21.20 -11.51
CA ALA B 156 -20.72 -21.22 -10.73
C ALA B 156 -20.48 -21.58 -9.25
N VAL B 157 -21.33 -21.04 -8.37
CA VAL B 157 -21.20 -21.25 -6.92
C VAL B 157 -21.40 -22.70 -6.45
N SER B 158 -22.14 -23.50 -7.23
CA SER B 158 -22.42 -24.89 -6.83
C SER B 158 -21.19 -25.79 -6.88
N GLY B 159 -20.11 -25.27 -7.49
CA GLY B 159 -18.81 -25.94 -7.42
C GLY B 159 -18.27 -25.95 -6.00
N ALA B 160 -18.66 -24.93 -5.22
CA ALA B 160 -18.27 -24.84 -3.81
C ALA B 160 -19.23 -25.56 -2.83
N GLY B 161 -20.29 -26.18 -3.34
CA GLY B 161 -21.23 -26.94 -2.51
C GLY B 161 -22.58 -26.25 -2.26
N MET B 162 -23.53 -27.03 -1.73
CA MET B 162 -24.89 -26.55 -1.45
C MET B 162 -24.90 -25.29 -0.58
N GLY B 163 -24.11 -25.30 0.50
CA GLY B 163 -23.98 -24.13 1.37
C GLY B 163 -23.73 -22.83 0.62
N ALA B 164 -22.83 -22.88 -0.37
CA ALA B 164 -22.47 -21.68 -1.14
C ALA B 164 -23.65 -21.19 -1.99
N ILE B 165 -24.40 -22.13 -2.57
CA ILE B 165 -25.59 -21.80 -3.35
C ILE B 165 -26.59 -21.04 -2.50
N LEU B 166 -26.84 -21.53 -1.29
CA LEU B 166 -27.82 -20.94 -0.38
C LEU B 166 -27.39 -19.55 0.05
N GLU B 167 -26.09 -19.41 0.35
CA GLU B 167 -25.49 -18.11 0.69
C GLU B 167 -25.73 -17.09 -0.42
N THR B 168 -25.57 -17.51 -1.68
CA THR B 168 -25.70 -16.63 -2.85
C THR B 168 -27.13 -16.11 -3.01
N GLN B 169 -28.10 -17.01 -2.87
CA GLN B 169 -29.51 -16.66 -2.94
C GLN B 169 -29.89 -15.75 -1.78
N ARG B 170 -29.35 -16.04 -0.60
CA ARG B 170 -29.61 -15.21 0.57
C ARG B 170 -29.16 -13.77 0.32
N GLU B 171 -27.90 -13.61 -0.08
CA GLU B 171 -27.29 -12.32 -0.39
C GLU B 171 -28.07 -11.53 -1.47
N LEU B 172 -28.44 -12.20 -2.54
CA LEU B 172 -29.14 -11.54 -3.64
C LEU B 172 -30.53 -11.06 -3.17
N ARG B 173 -31.23 -11.90 -2.42
CA ARG B 173 -32.52 -11.53 -1.85
C ARG B 173 -32.41 -10.30 -0.96
N GLU B 174 -31.37 -10.24 -0.13
CA GLU B 174 -31.08 -9.06 0.69
C GLU B 174 -30.92 -7.77 -0.12
N VAL B 175 -30.16 -7.83 -1.21
CA VAL B 175 -29.93 -6.66 -2.06
C VAL B 175 -31.25 -6.24 -2.71
N LEU B 176 -31.87 -7.18 -3.41
CA LEU B 176 -33.06 -6.92 -4.20
C LEU B 176 -34.32 -6.62 -3.37
N ASN B 177 -34.44 -7.25 -2.20
CA ASN B 177 -35.66 -7.13 -1.42
C ASN B 177 -35.55 -6.20 -0.22
N ASP B 178 -34.38 -6.17 0.42
CA ASP B 178 -34.20 -5.41 1.65
C ASP B 178 -33.31 -4.18 1.48
N GLY B 179 -32.86 -3.96 0.25
CA GLY B 179 -32.10 -2.75 -0.10
C GLY B 179 -30.67 -2.68 0.42
N VAL B 180 -30.12 -3.82 0.86
CA VAL B 180 -28.75 -3.82 1.38
C VAL B 180 -27.74 -3.62 0.23
N LYS B 181 -26.76 -2.76 0.44
CA LYS B 181 -25.67 -2.58 -0.52
C LYS B 181 -24.82 -3.84 -0.54
N PRO B 182 -24.47 -4.35 -1.75
CA PRO B 182 -23.62 -5.54 -1.84
C PRO B 182 -22.38 -5.43 -0.94
N CYS B 183 -21.79 -4.23 -0.92
CA CYS B 183 -20.79 -3.80 0.06
C CYS B 183 -20.96 -4.33 1.49
N ASP B 184 -22.19 -4.24 1.98
CA ASP B 184 -22.49 -4.44 3.39
C ASP B 184 -22.98 -5.85 3.71
N LEU B 185 -23.03 -6.72 2.71
CA LEU B 185 -23.49 -8.08 2.92
C LEU B 185 -22.56 -8.85 3.87
N HIS B 186 -23.16 -9.71 4.70
N HIS B 186 -23.17 -9.71 4.69
CA HIS B 186 -22.40 -10.62 5.54
CA HIS B 186 -22.43 -10.63 5.55
C HIS B 186 -22.31 -11.97 4.83
C HIS B 186 -22.33 -11.99 4.86
N ALA B 187 -21.13 -12.57 4.88
CA ALA B 187 -20.88 -13.86 4.21
C ALA B 187 -20.01 -14.74 5.08
N GLU B 188 -20.20 -16.06 4.98
CA GLU B 188 -19.47 -17.03 5.80
C GLU B 188 -18.76 -18.12 5.01
N ILE B 189 -19.07 -18.24 3.73
CA ILE B 189 -18.53 -19.33 2.93
C ILE B 189 -17.57 -18.84 1.83
N LEU B 190 -18.13 -18.18 0.82
CA LEU B 190 -17.34 -17.70 -0.32
C LEU B 190 -16.34 -16.62 0.07
N PRO B 191 -15.18 -16.56 -0.64
CA PRO B 191 -14.77 -17.38 -1.78
C PRO B 191 -14.41 -18.84 -1.47
N SER B 192 -13.98 -19.11 -0.24
CA SER B 192 -13.63 -20.48 0.19
C SER B 192 -13.88 -20.77 1.67
N GLY B 193 -14.50 -21.91 1.95
CA GLY B 193 -14.77 -22.38 3.32
C GLY B 193 -13.53 -22.82 4.08
N GLY B 194 -12.45 -23.08 3.35
CA GLY B 194 -11.17 -23.41 3.97
C GLY B 194 -10.29 -22.20 4.27
N ASP B 195 -10.76 -21.00 3.93
CA ASP B 195 -9.94 -19.80 4.12
C ASP B 195 -10.43 -18.89 5.24
N LYS B 196 -9.60 -17.90 5.61
CA LYS B 196 -9.84 -17.06 6.78
C LYS B 196 -10.88 -15.96 6.61
N LYS B 197 -10.93 -15.34 5.44
CA LYS B 197 -11.86 -14.24 5.20
C LYS B 197 -12.89 -14.63 4.16
N HIS B 198 -14.09 -14.06 4.29
CA HIS B 198 -15.20 -14.37 3.42
C HIS B 198 -15.78 -13.09 2.83
N TYR B 199 -16.17 -13.16 1.56
CA TYR B 199 -16.65 -11.98 0.83
C TYR B 199 -17.99 -12.27 0.16
N PRO B 200 -18.81 -11.21 -0.05
CA PRO B 200 -20.07 -11.37 -0.78
C PRO B 200 -19.85 -11.76 -2.23
N ILE B 201 -20.74 -12.58 -2.78
CA ILE B 201 -20.69 -12.93 -4.20
C ILE B 201 -21.74 -12.18 -5.04
N ALA B 202 -22.81 -11.72 -4.37
CA ALA B 202 -23.90 -11.04 -5.05
C ALA B 202 -23.41 -9.82 -5.82
N PHE B 203 -23.74 -9.78 -7.09
CA PHE B 203 -23.34 -8.69 -7.99
C PHE B 203 -21.83 -8.47 -7.93
N ASN B 204 -21.07 -9.56 -7.79
CA ASN B 204 -19.63 -9.47 -7.62
C ASN B 204 -18.92 -10.47 -8.52
N ALA B 205 -17.60 -10.30 -8.63
CA ALA B 205 -16.75 -11.32 -9.26
C ALA B 205 -15.54 -11.52 -8.37
N LEU B 206 -15.38 -12.74 -7.86
CA LEU B 206 -14.30 -13.01 -6.91
C LEU B 206 -13.17 -13.80 -7.58
N PRO B 207 -12.01 -13.15 -7.78
CA PRO B 207 -10.89 -13.84 -8.43
C PRO B 207 -10.15 -14.74 -7.43
N GLN B 208 -10.89 -15.53 -6.66
CA GLN B 208 -10.33 -16.56 -5.79
C GLN B 208 -11.24 -17.77 -5.71
N ILE B 209 -10.70 -18.93 -6.07
CA ILE B 209 -11.37 -20.22 -5.89
C ILE B 209 -10.33 -21.13 -5.27
N ASP B 210 -10.73 -21.77 -4.17
CA ASP B 210 -9.84 -22.53 -3.27
C ASP B 210 -8.86 -21.57 -2.61
N VAL B 211 -7.82 -22.11 -1.97
CA VAL B 211 -6.85 -21.26 -1.26
C VAL B 211 -5.60 -21.00 -2.09
N PHE B 212 -4.80 -20.03 -1.67
CA PHE B 212 -3.59 -19.66 -2.39
C PHE B 212 -2.45 -20.63 -2.10
N THR B 213 -1.70 -20.97 -3.14
CA THR B 213 -0.49 -21.76 -2.99
C THR B 213 0.70 -20.81 -2.84
N ASP B 214 1.90 -21.39 -2.76
CA ASP B 214 3.16 -20.65 -2.66
C ASP B 214 3.47 -19.67 -3.79
N ASN B 215 2.97 -19.95 -5.00
CA ASN B 215 3.35 -19.15 -6.17
C ASN B 215 2.33 -18.08 -6.58
N ASP B 216 1.39 -17.77 -5.66
CA ASP B 216 0.38 -16.72 -5.84
C ASP B 216 -0.75 -17.08 -6.81
N TYR B 217 -0.71 -18.28 -7.38
CA TYR B 217 -1.87 -18.90 -8.02
C TYR B 217 -2.65 -19.66 -6.94
N THR B 218 -3.95 -19.86 -7.15
CA THR B 218 -4.75 -20.67 -6.24
C THR B 218 -4.63 -22.13 -6.62
N TYR B 219 -4.99 -23.01 -5.69
CA TYR B 219 -5.01 -24.44 -5.95
C TYR B 219 -5.88 -24.81 -7.13
N GLU B 220 -6.95 -24.04 -7.35
CA GLU B 220 -7.84 -24.29 -8.47
C GLU B 220 -7.14 -24.01 -9.79
N GLU B 221 -6.41 -22.89 -9.84
CA GLU B 221 -5.64 -22.52 -11.02
C GLU B 221 -4.53 -23.56 -11.25
N MET B 222 -3.84 -23.93 -10.17
CA MET B 222 -2.82 -24.98 -10.22
C MET B 222 -3.33 -26.38 -10.58
N LYS B 223 -4.59 -26.67 -10.23
CA LYS B 223 -5.23 -27.92 -10.64
C LYS B 223 -5.41 -27.98 -12.16
N MET B 224 -5.95 -26.92 -12.75
CA MET B 224 -6.10 -26.83 -14.20
C MET B 224 -4.77 -27.04 -14.93
N THR B 225 -3.69 -26.49 -14.38
CA THR B 225 -2.34 -26.68 -14.92
C THR B 225 -1.93 -28.16 -14.83
N LYS B 226 -1.82 -28.66 -13.61
CA LYS B 226 -1.33 -30.01 -13.36
C LYS B 226 -2.21 -31.14 -13.90
N GLU B 227 -3.53 -30.97 -13.83
CA GLU B 227 -4.46 -32.03 -14.28
C GLU B 227 -4.47 -32.16 -15.80
N THR B 228 -4.41 -31.03 -16.51
CA THR B 228 -4.30 -31.00 -17.97
C THR B 228 -3.09 -31.82 -18.45
N LYS B 229 -1.93 -31.55 -17.87
CA LYS B 229 -0.68 -32.25 -18.22
C LYS B 229 -0.79 -33.76 -18.04
N LYS B 230 -1.38 -34.19 -16.91
CA LYS B 230 -1.56 -35.62 -16.63
C LYS B 230 -2.60 -36.29 -17.54
N ILE B 231 -3.75 -35.61 -17.75
CA ILE B 231 -4.83 -36.13 -18.60
C ILE B 231 -4.37 -36.29 -20.06
N MET B 232 -3.77 -35.23 -20.60
CA MET B 232 -3.30 -35.23 -21.98
C MET B 232 -1.92 -35.88 -22.13
N GLU B 233 -1.33 -36.26 -21.00
CA GLU B 233 -0.08 -37.01 -20.93
C GLU B 233 1.05 -36.31 -21.68
N ASP B 234 1.25 -35.05 -21.31
CA ASP B 234 2.23 -34.18 -21.97
C ASP B 234 2.61 -33.02 -21.04
N ASP B 235 3.79 -33.12 -20.46
CA ASP B 235 4.27 -32.11 -19.52
C ASP B 235 4.77 -30.83 -20.20
N SER B 236 4.84 -30.83 -21.52
CA SER B 236 5.35 -29.69 -22.27
C SER B 236 4.27 -28.64 -22.60
N ILE B 237 3.00 -29.01 -22.42
CA ILE B 237 1.90 -28.08 -22.65
C ILE B 237 1.95 -27.01 -21.56
N ALA B 238 2.12 -25.75 -21.98
CA ALA B 238 2.08 -24.59 -21.08
C ALA B 238 0.63 -24.25 -20.77
N VAL B 239 0.33 -24.09 -19.47
CA VAL B 239 -1.02 -23.82 -18.99
C VAL B 239 -0.99 -22.85 -17.82
N SER B 240 -1.65 -21.70 -17.99
CA SER B 240 -1.86 -20.77 -16.88
C SER B 240 -3.33 -20.39 -16.82
N ALA B 241 -3.84 -20.23 -15.60
CA ALA B 241 -5.27 -20.03 -15.38
C ALA B 241 -5.56 -18.89 -14.41
N THR B 242 -6.66 -18.19 -14.64
CA THR B 242 -7.27 -17.31 -13.65
C THR B 242 -8.68 -17.83 -13.37
N CYS B 243 -8.95 -18.21 -12.13
CA CYS B 243 -10.24 -18.81 -11.78
C CYS B 243 -11.12 -17.86 -10.96
N VAL B 244 -12.22 -17.46 -11.56
CA VAL B 244 -13.10 -16.43 -10.99
C VAL B 244 -14.50 -16.98 -10.70
N ARG B 245 -15.02 -16.69 -9.50
CA ARG B 245 -16.40 -17.02 -9.14
C ARG B 245 -17.32 -15.85 -9.51
N ILE B 246 -18.42 -16.16 -10.18
CA ILE B 246 -19.44 -15.16 -10.57
C ILE B 246 -20.82 -15.59 -10.03
N PRO B 247 -21.81 -14.66 -10.03
CA PRO B 247 -23.12 -14.96 -9.46
C PRO B 247 -23.99 -15.82 -10.38
N VAL B 248 -23.54 -17.06 -10.60
CA VAL B 248 -24.28 -18.08 -11.33
C VAL B 248 -24.35 -19.25 -10.36
N LEU B 249 -25.45 -19.99 -10.36
CA LEU B 249 -25.60 -21.14 -9.45
C LEU B 249 -25.03 -22.40 -10.06
N SER B 250 -25.35 -22.64 -11.32
CA SER B 250 -24.97 -23.86 -12.03
C SER B 250 -24.44 -23.57 -13.42
N ALA B 251 -23.43 -24.34 -13.81
CA ALA B 251 -22.74 -24.25 -15.11
C ALA B 251 -21.55 -23.27 -15.10
N HIS B 252 -20.35 -23.83 -15.32
CA HIS B 252 -19.12 -23.05 -15.46
C HIS B 252 -18.97 -22.57 -16.89
N SER B 253 -18.48 -21.34 -17.07
CA SER B 253 -18.09 -20.85 -18.39
C SER B 253 -16.59 -20.53 -18.41
N GLU B 254 -15.94 -20.71 -19.56
CA GLU B 254 -14.50 -20.48 -19.68
C GLU B 254 -14.12 -19.76 -20.97
N SER B 255 -13.33 -18.71 -20.83
CA SER B 255 -12.71 -18.06 -21.97
C SER B 255 -11.34 -18.69 -22.16
N VAL B 256 -11.20 -19.47 -23.23
CA VAL B 256 -10.01 -20.29 -23.47
C VAL B 256 -9.21 -19.80 -24.68
N TYR B 257 -7.92 -19.53 -24.46
CA TYR B 257 -7.02 -19.20 -25.56
C TYR B 257 -6.00 -20.33 -25.71
N ILE B 258 -5.75 -20.73 -26.94
CA ILE B 258 -4.73 -21.74 -27.23
C ILE B 258 -3.82 -21.32 -28.37
N GLU B 259 -2.61 -21.83 -28.35
CA GLU B 259 -1.76 -21.83 -29.54
C GLU B 259 -1.44 -23.27 -29.92
N THR B 260 -1.83 -23.64 -31.14
CA THR B 260 -1.63 -25.00 -31.63
C THR B 260 -0.19 -25.19 -32.11
N LYS B 261 0.15 -26.42 -32.52
CA LYS B 261 1.49 -26.70 -33.04
C LYS B 261 1.57 -26.36 -34.53
N GLU B 262 0.55 -26.74 -35.28
CA GLU B 262 0.40 -26.31 -36.67
C GLU B 262 -0.85 -25.44 -36.80
N VAL B 263 -0.92 -24.61 -37.84
CA VAL B 263 -2.07 -23.74 -38.06
C VAL B 263 -3.34 -24.56 -38.27
N ALA B 264 -4.37 -24.23 -37.51
CA ALA B 264 -5.65 -24.91 -37.58
C ALA B 264 -6.73 -24.04 -38.22
N PRO B 265 -7.14 -24.37 -39.46
CA PRO B 265 -8.23 -23.62 -40.10
C PRO B 265 -9.50 -23.66 -39.23
N ILE B 266 -10.08 -22.48 -38.99
CA ILE B 266 -11.22 -22.29 -38.09
C ILE B 266 -12.45 -23.13 -38.47
N GLU B 267 -12.73 -23.27 -39.76
CA GLU B 267 -13.85 -24.09 -40.21
C GLU B 267 -13.62 -25.56 -39.88
N GLU B 268 -12.37 -26.00 -39.99
CA GLU B 268 -12.00 -27.38 -39.68
C GLU B 268 -12.00 -27.64 -38.16
N VAL B 269 -11.49 -26.67 -37.39
CA VAL B 269 -11.54 -26.71 -35.92
C VAL B 269 -12.97 -26.89 -35.42
N LYS B 270 -13.90 -26.13 -36.01
CA LYS B 270 -15.33 -26.26 -35.73
C LYS B 270 -15.86 -27.66 -36.05
N ALA B 271 -15.53 -28.15 -37.26
CA ALA B 271 -16.00 -29.47 -37.72
C ALA B 271 -15.52 -30.59 -36.80
N ALA B 272 -14.28 -30.49 -36.33
CA ALA B 272 -13.67 -31.49 -35.45
C ALA B 272 -14.31 -31.51 -34.07
N ILE B 273 -14.60 -30.33 -33.53
CA ILE B 273 -15.26 -30.21 -32.24
C ILE B 273 -16.69 -30.74 -32.33
N ALA B 274 -17.41 -30.35 -33.38
CA ALA B 274 -18.77 -30.81 -33.63
C ALA B 274 -18.88 -32.34 -33.74
N ALA B 275 -17.80 -32.97 -34.20
CA ALA B 275 -17.75 -34.42 -34.40
C ALA B 275 -17.18 -35.19 -33.19
N PHE B 276 -16.68 -34.45 -32.19
CA PHE B 276 -16.11 -35.09 -31.02
C PHE B 276 -17.20 -35.49 -30.02
N PRO B 277 -17.15 -36.75 -29.54
CA PRO B 277 -18.09 -37.28 -28.53
C PRO B 277 -18.10 -36.42 -27.28
N GLY B 278 -19.30 -36.07 -26.79
CA GLY B 278 -19.45 -35.24 -25.60
C GLY B 278 -19.34 -33.73 -25.81
N ALA B 279 -19.04 -33.32 -27.04
CA ALA B 279 -18.96 -31.90 -27.39
C ALA B 279 -20.09 -31.46 -28.32
N VAL B 280 -20.62 -30.27 -28.08
CA VAL B 280 -21.64 -29.68 -28.97
C VAL B 280 -21.17 -28.31 -29.43
N LEU B 281 -21.25 -28.08 -30.73
CA LEU B 281 -20.90 -26.80 -31.33
C LEU B 281 -22.11 -25.88 -31.33
N GLU B 282 -22.05 -24.84 -30.51
CA GLU B 282 -23.03 -23.76 -30.54
C GLU B 282 -22.30 -22.51 -30.99
N ASP B 283 -22.19 -22.36 -32.31
CA ASP B 283 -21.37 -21.30 -32.89
C ASP B 283 -21.97 -20.80 -34.20
N ASP B 284 -22.87 -19.84 -34.10
CA ASP B 284 -23.43 -19.16 -35.25
C ASP B 284 -23.68 -17.71 -34.88
N VAL B 285 -22.66 -16.87 -35.06
CA VAL B 285 -22.72 -15.48 -34.62
C VAL B 285 -23.74 -14.64 -35.41
N ALA B 286 -23.95 -15.00 -36.67
CA ALA B 286 -24.98 -14.34 -37.52
C ALA B 286 -26.37 -14.37 -36.88
N HIS B 287 -26.64 -15.42 -36.11
CA HIS B 287 -27.88 -15.50 -35.34
C HIS B 287 -27.66 -15.43 -33.81
N GLN B 288 -26.52 -14.89 -33.38
CA GLN B 288 -26.14 -14.77 -31.95
C GLN B 288 -26.17 -16.11 -31.19
N ILE B 289 -25.64 -17.16 -31.80
CA ILE B 289 -25.61 -18.49 -31.19
C ILE B 289 -24.24 -18.75 -30.55
N TYR B 290 -24.24 -18.92 -29.24
CA TYR B 290 -23.05 -19.22 -28.46
C TYR B 290 -23.45 -19.93 -27.17
N PRO B 291 -22.54 -20.72 -26.58
CA PRO B 291 -22.87 -21.40 -25.33
C PRO B 291 -23.27 -20.44 -24.22
N GLN B 292 -24.23 -20.85 -23.40
CA GLN B 292 -24.73 -20.06 -22.27
C GLN B 292 -24.91 -20.97 -21.07
N ALA B 293 -24.48 -20.51 -19.91
CA ALA B 293 -24.61 -21.28 -18.65
C ALA B 293 -26.05 -21.76 -18.45
N ILE B 294 -26.96 -20.81 -18.60
CA ILE B 294 -28.40 -21.04 -18.47
C ILE B 294 -28.90 -22.22 -19.32
N ASN B 295 -28.36 -22.35 -20.53
CA ASN B 295 -28.75 -23.40 -21.48
C ASN B 295 -28.05 -24.74 -21.25
N ALA B 296 -26.90 -24.70 -20.59
CA ALA B 296 -26.10 -25.90 -20.38
C ALA B 296 -26.62 -26.73 -19.20
N VAL B 297 -27.35 -26.08 -18.30
CA VAL B 297 -27.84 -26.72 -17.08
C VAL B 297 -28.78 -27.88 -17.42
N GLY B 298 -28.48 -29.05 -16.87
CA GLY B 298 -29.32 -30.24 -17.05
C GLY B 298 -28.83 -31.15 -18.16
N SER B 299 -27.81 -30.70 -18.89
CA SER B 299 -27.25 -31.44 -20.02
C SER B 299 -25.88 -32.00 -19.65
N ARG B 300 -25.57 -33.19 -20.19
CA ARG B 300 -24.26 -33.83 -20.04
C ARG B 300 -23.19 -33.25 -20.99
N ASP B 301 -23.64 -32.50 -21.98
CA ASP B 301 -22.75 -31.98 -23.03
C ASP B 301 -21.84 -30.82 -22.61
N THR B 302 -20.71 -30.70 -23.31
CA THR B 302 -19.83 -29.55 -23.23
C THR B 302 -20.05 -28.69 -24.48
N PHE B 303 -20.49 -27.44 -24.28
CA PHE B 303 -20.86 -26.57 -25.39
C PHE B 303 -19.73 -25.57 -25.73
N VAL B 304 -19.38 -25.50 -27.01
CA VAL B 304 -18.25 -24.69 -27.48
C VAL B 304 -18.71 -23.73 -28.60
N GLY B 305 -18.28 -22.48 -28.50
CA GLY B 305 -18.58 -21.46 -29.52
C GLY B 305 -17.63 -20.28 -29.42
N ARG B 306 -18.02 -19.16 -30.02
CA ARG B 306 -17.16 -17.96 -30.15
C ARG B 306 -15.79 -18.29 -30.73
N ILE B 307 -15.71 -19.40 -31.47
CA ILE B 307 -14.44 -19.87 -32.00
C ILE B 307 -13.95 -18.89 -33.06
N ARG B 308 -12.74 -18.40 -32.85
CA ARG B 308 -12.15 -17.43 -33.77
C ARG B 308 -10.63 -17.38 -33.69
N LYS B 309 -10.04 -16.89 -34.78
CA LYS B 309 -8.60 -16.71 -34.91
C LYS B 309 -8.16 -15.56 -34.02
N ASP B 310 -6.99 -15.69 -33.40
CA ASP B 310 -6.34 -14.57 -32.74
C ASP B 310 -5.99 -13.52 -33.80
N LEU B 311 -6.14 -12.24 -33.44
CA LEU B 311 -5.92 -11.16 -34.40
C LEU B 311 -4.47 -11.06 -34.88
N ASP B 312 -3.52 -11.63 -34.12
CA ASP B 312 -2.10 -11.48 -34.44
C ASP B 312 -1.31 -12.77 -34.56
N ALA B 313 -1.31 -13.58 -33.50
CA ALA B 313 -0.53 -14.83 -33.50
C ALA B 313 -1.19 -15.86 -34.41
N GLU B 314 -0.42 -16.33 -35.39
CA GLU B 314 -0.95 -17.17 -36.47
C GLU B 314 -1.57 -18.48 -35.98
N LYS B 315 -1.04 -19.01 -34.89
CA LYS B 315 -1.51 -20.29 -34.34
C LYS B 315 -2.50 -20.13 -33.17
N GLY B 316 -2.86 -18.89 -32.87
CA GLY B 316 -3.74 -18.57 -31.76
C GLY B 316 -5.21 -18.71 -32.09
N ILE B 317 -5.96 -19.32 -31.16
CA ILE B 317 -7.41 -19.51 -31.28
C ILE B 317 -8.10 -19.21 -29.95
N HIS B 318 -9.19 -18.43 -30.02
CA HIS B 318 -10.03 -18.13 -28.85
C HIS B 318 -11.35 -18.90 -28.93
N MET B 319 -11.88 -19.30 -27.77
CA MET B 319 -13.20 -19.94 -27.68
C MET B 319 -13.90 -19.77 -26.32
N TRP B 320 -15.19 -20.10 -26.32
CA TRP B 320 -16.05 -20.02 -25.13
C TRP B 320 -16.59 -21.41 -24.82
N VAL B 321 -16.30 -21.92 -23.62
CA VAL B 321 -16.67 -23.29 -23.24
C VAL B 321 -17.58 -23.30 -22.03
N VAL B 322 -18.70 -24.00 -22.14
CA VAL B 322 -19.69 -24.06 -21.06
C VAL B 322 -20.16 -25.50 -20.82
N SER B 323 -20.20 -25.90 -19.55
CA SER B 323 -20.80 -27.18 -19.17
C SER B 323 -21.38 -27.14 -17.75
N ASP B 324 -22.41 -27.94 -17.51
CA ASP B 324 -22.96 -28.15 -16.16
C ASP B 324 -21.87 -28.75 -15.28
N ASN B 325 -21.45 -28.02 -14.25
CA ASN B 325 -20.37 -28.46 -13.36
C ASN B 325 -20.74 -29.61 -12.45
N LEU B 326 -22.04 -29.81 -12.22
CA LEU B 326 -22.52 -30.92 -11.40
C LEU B 326 -22.64 -32.22 -12.21
N LEU B 327 -22.78 -32.09 -13.52
CA LEU B 327 -22.90 -33.27 -14.37
C LEU B 327 -21.55 -33.70 -14.98
N LYS B 328 -21.22 -33.20 -16.17
CA LYS B 328 -19.94 -33.56 -16.80
C LYS B 328 -18.73 -33.13 -15.96
N GLY B 329 -18.89 -32.05 -15.21
CA GLY B 329 -17.84 -31.62 -14.27
C GLY B 329 -17.67 -32.51 -13.05
N ALA B 330 -18.64 -33.40 -12.78
CA ALA B 330 -18.57 -34.26 -11.60
C ALA B 330 -19.26 -35.61 -11.74
N ALA B 331 -20.56 -35.65 -11.43
CA ALA B 331 -21.31 -36.90 -11.30
C ALA B 331 -21.39 -37.72 -12.58
N TRP B 332 -21.64 -37.06 -13.71
CA TRP B 332 -21.71 -37.76 -14.99
C TRP B 332 -20.33 -38.28 -15.40
N ASN B 333 -19.28 -37.50 -15.16
CA ASN B 333 -17.92 -37.92 -15.51
C ASN B 333 -17.54 -39.20 -14.78
N SER B 334 -17.94 -39.27 -13.51
CA SER B 334 -17.70 -40.44 -12.66
C SER B 334 -18.48 -41.66 -13.15
N VAL B 335 -19.78 -41.50 -13.36
CA VAL B 335 -20.62 -42.60 -13.84
C VAL B 335 -20.15 -43.07 -15.22
N GLN B 336 -19.70 -42.12 -16.04
CA GLN B 336 -19.15 -42.43 -17.36
C GLN B 336 -17.84 -43.22 -17.27
N ILE B 337 -17.01 -42.86 -16.29
CA ILE B 337 -15.80 -43.65 -15.99
C ILE B 337 -16.19 -45.11 -15.68
N ALA B 338 -17.20 -45.30 -14.82
CA ALA B 338 -17.69 -46.64 -14.48
C ALA B 338 -18.21 -47.39 -15.71
N GLU B 339 -18.92 -46.69 -16.59
CA GLU B 339 -19.41 -47.28 -17.84
C GLU B 339 -18.28 -47.71 -18.76
N THR B 340 -17.21 -46.93 -18.77
CA THR B 340 -16.05 -47.21 -19.62
C THR B 340 -15.25 -48.40 -19.06
N LEU B 341 -15.07 -48.42 -17.74
CA LEU B 341 -14.48 -49.57 -17.06
C LEU B 341 -15.17 -50.87 -17.44
N HIS B 342 -16.50 -50.83 -17.51
CA HIS B 342 -17.29 -51.99 -17.90
C HIS B 342 -17.11 -52.38 -19.36
N GLU B 343 -17.17 -51.40 -20.27
CA GLU B 343 -17.04 -51.72 -21.69
C GLU B 343 -15.63 -52.17 -22.06
N ARG B 344 -14.66 -51.83 -21.23
CA ARG B 344 -13.27 -52.22 -21.46
C ARG B 344 -12.85 -53.47 -20.68
N GLY B 345 -13.78 -54.04 -19.91
CA GLY B 345 -13.51 -55.27 -19.12
C GLY B 345 -12.58 -55.08 -17.94
N LEU B 346 -12.63 -53.89 -17.33
CA LEU B 346 -11.70 -53.54 -16.26
C LEU B 346 -12.35 -53.55 -14.87
N VAL B 347 -13.59 -54.02 -14.78
CA VAL B 347 -14.25 -54.17 -13.48
C VAL B 347 -13.90 -55.54 -12.92
N ARG B 348 -12.90 -55.57 -12.05
CA ARG B 348 -12.33 -56.80 -11.50
C ARG B 348 -11.45 -56.47 -10.30
N PRO B 349 -11.36 -57.39 -9.31
CA PRO B 349 -10.50 -57.13 -8.15
C PRO B 349 -9.05 -56.88 -8.56
N THR B 350 -8.36 -56.00 -7.81
CA THR B 350 -6.95 -55.73 -8.06
C THR B 350 -6.08 -56.60 -7.16
N ALA B 351 -5.09 -57.26 -7.76
CA ALA B 351 -4.17 -58.13 -7.04
C ALA B 351 -3.21 -57.36 -6.12
N GLU B 352 -2.34 -56.55 -6.72
CA GLU B 352 -1.28 -55.86 -5.99
C GLU B 352 -1.81 -54.57 -5.34
N LEU B 353 -2.12 -54.65 -4.05
CA LEU B 353 -2.64 -53.51 -3.30
C LEU B 353 -1.56 -52.45 -3.08
N LYS B 354 -1.89 -51.20 -3.38
CA LYS B 354 -0.91 -50.11 -3.40
C LYS B 354 -1.31 -48.91 -2.53
N PHE B 355 -2.38 -49.06 -1.75
CA PHE B 355 -2.96 -47.94 -1.01
C PHE B 355 -3.28 -48.30 0.44
N GLY C 2 -0.53 31.59 -22.90
CA GLY C 2 0.34 31.03 -21.83
C GLY C 2 0.78 32.11 -20.86
N TYR C 3 1.49 31.69 -19.82
CA TYR C 3 1.90 32.62 -18.77
C TYR C 3 3.34 33.11 -18.94
N THR C 4 3.58 34.33 -18.45
CA THR C 4 4.92 34.76 -18.11
C THR C 4 5.10 34.48 -16.61
N VAL C 5 6.04 33.60 -16.31
CA VAL C 5 6.34 33.24 -14.94
C VAL C 5 7.71 33.82 -14.56
N ALA C 6 7.75 34.55 -13.45
CA ALA C 6 9.00 35.06 -12.89
C ALA C 6 9.43 34.27 -11.66
N VAL C 7 10.71 33.91 -11.63
CA VAL C 7 11.34 33.32 -10.45
C VAL C 7 12.27 34.35 -9.82
N VAL C 8 11.82 34.95 -8.71
CA VAL C 8 12.55 36.02 -8.02
C VAL C 8 13.43 35.42 -6.95
N GLY C 9 14.74 35.61 -7.10
CA GLY C 9 15.73 34.88 -6.29
C GLY C 9 16.16 33.65 -7.06
N ALA C 10 16.33 33.83 -8.38
CA ALA C 10 16.69 32.75 -9.30
C ALA C 10 18.07 32.16 -9.01
N THR C 11 19.05 33.03 -8.78
CA THR C 11 20.43 32.63 -8.41
C THR C 11 20.46 31.97 -7.03
N GLY C 12 21.59 31.34 -6.73
CA GLY C 12 21.75 30.62 -5.46
C GLY C 12 21.07 29.27 -5.52
N ALA C 13 21.15 28.54 -4.41
CA ALA C 13 20.61 27.17 -4.33
C ALA C 13 19.08 27.14 -4.29
N VAL C 14 18.48 28.06 -3.55
CA VAL C 14 17.01 28.05 -3.36
C VAL C 14 16.25 28.19 -4.69
N GLY C 15 16.69 29.10 -5.54
CA GLY C 15 16.17 29.22 -6.90
C GLY C 15 16.29 27.94 -7.70
N ALA C 16 17.44 27.27 -7.60
CA ALA C 16 17.70 26.03 -8.36
C ALA C 16 16.62 24.96 -8.21
N GLN C 17 16.17 24.73 -6.98
CA GLN C 17 15.11 23.73 -6.74
C GLN C 17 13.76 24.18 -7.30
N MET C 18 13.50 25.49 -7.21
CA MET C 18 12.30 26.10 -7.78
C MET C 18 12.25 25.92 -9.30
N ILE C 19 13.41 26.06 -9.93
CA ILE C 19 13.55 25.92 -11.39
C ILE C 19 13.23 24.51 -11.85
N LYS C 20 13.81 23.52 -11.17
CA LYS C 20 13.59 22.12 -11.50
C LYS C 20 12.11 21.71 -11.36
N MET C 21 11.42 22.23 -10.35
CA MET C 21 9.99 21.96 -10.20
C MET C 21 9.17 22.64 -11.29
N LEU C 22 9.57 23.86 -11.69
CA LEU C 22 8.97 24.55 -12.83
C LEU C 22 9.18 23.82 -14.16
N GLU C 23 10.33 23.19 -14.32
CA GLU C 23 10.67 22.44 -15.54
C GLU C 23 9.76 21.22 -15.74
N GLU C 24 9.24 20.69 -14.64
CA GLU C 24 8.34 19.52 -14.69
C GLU C 24 6.88 19.94 -14.50
N SER C 25 6.62 21.24 -14.41
CA SER C 25 5.28 21.75 -14.16
C SER C 25 4.35 21.61 -15.37
N THR C 26 3.07 21.35 -15.10
CA THR C 26 2.04 21.30 -16.15
C THR C 26 1.61 22.70 -16.60
N LEU C 27 2.04 23.71 -15.85
CA LEU C 27 1.72 25.11 -16.13
C LEU C 27 1.98 25.49 -17.58
N PRO C 28 0.99 26.11 -18.26
CA PRO C 28 1.22 26.56 -19.63
C PRO C 28 2.01 27.88 -19.64
N ILE C 29 3.32 27.75 -19.81
CA ILE C 29 4.24 28.88 -19.74
C ILE C 29 4.74 29.28 -21.11
N ASP C 30 4.48 30.53 -21.51
CA ASP C 30 4.96 31.11 -22.75
C ASP C 30 6.34 31.73 -22.58
N LYS C 31 6.54 32.44 -21.47
CA LYS C 31 7.77 33.18 -21.21
C LYS C 31 8.28 32.93 -19.80
N ILE C 32 9.57 32.66 -19.70
CA ILE C 32 10.22 32.48 -18.40
C ILE C 32 11.22 33.62 -18.15
N ARG C 33 11.02 34.33 -17.03
CA ARG C 33 11.90 35.43 -16.64
C ARG C 33 12.54 35.19 -15.28
N TYR C 34 13.86 35.42 -15.20
CA TYR C 34 14.61 35.23 -13.97
C TYR C 34 14.99 36.58 -13.37
N LEU C 35 14.57 36.84 -12.14
CA LEU C 35 14.91 38.08 -11.44
C LEU C 35 15.78 37.82 -10.23
N ALA C 36 16.79 38.67 -10.06
CA ALA C 36 17.77 38.55 -8.96
C ALA C 36 18.35 39.91 -8.56
N SER C 37 19.52 39.91 -7.92
CA SER C 37 20.18 41.12 -7.44
C SER C 37 20.72 42.01 -8.57
N ALA C 38 21.25 43.17 -8.21
CA ALA C 38 21.85 44.11 -9.16
C ALA C 38 23.14 43.59 -9.80
N ARG C 39 24.00 42.96 -8.99
CA ARG C 39 25.25 42.40 -9.49
C ARG C 39 25.02 41.23 -10.46
N SER C 40 24.05 40.37 -10.13
CA SER C 40 23.75 39.16 -10.90
C SER C 40 23.12 39.44 -12.26
N ALA C 41 22.48 40.60 -12.40
CA ALA C 41 21.81 40.98 -13.64
C ALA C 41 22.76 41.05 -14.84
N GLY C 42 22.43 40.30 -15.89
CA GLY C 42 23.23 40.30 -17.10
C GLY C 42 23.76 38.93 -17.46
N LYS C 43 23.99 38.08 -16.45
CA LYS C 43 24.42 36.70 -16.71
C LYS C 43 23.22 35.78 -16.96
N SER C 44 23.50 34.50 -17.21
CA SER C 44 22.46 33.55 -17.62
C SER C 44 22.36 32.31 -16.74
N LEU C 45 21.15 31.77 -16.65
CA LEU C 45 20.86 30.48 -16.06
C LEU C 45 20.01 29.64 -17.01
N LYS C 46 20.04 28.33 -16.81
CA LYS C 46 19.26 27.41 -17.63
C LYS C 46 17.79 27.27 -17.21
N PHE C 47 16.92 27.19 -18.20
CA PHE C 47 15.58 26.61 -18.04
C PHE C 47 15.44 25.51 -19.08
N LYS C 48 15.49 24.27 -18.61
CA LYS C 48 15.62 23.10 -19.46
C LYS C 48 16.92 23.19 -20.27
N ASP C 49 16.83 23.56 -21.54
CA ASP C 49 18.02 23.68 -22.40
C ASP C 49 18.36 25.13 -22.76
N GLN C 50 17.48 26.07 -22.40
CA GLN C 50 17.60 27.45 -22.85
C GLN C 50 18.28 28.38 -21.84
N ASP C 51 19.16 29.24 -22.33
CA ASP C 51 19.79 30.28 -21.52
C ASP C 51 18.83 31.46 -21.34
N ILE C 52 18.64 31.90 -20.10
CA ILE C 52 17.79 33.05 -19.80
C ILE C 52 18.62 34.19 -19.18
N THR C 53 18.43 35.40 -19.69
CA THR C 53 19.15 36.58 -19.18
C THR C 53 18.53 37.07 -17.86
N ILE C 54 19.33 37.09 -16.81
CA ILE C 54 18.87 37.53 -15.49
C ILE C 54 18.62 39.03 -15.48
N GLU C 55 17.46 39.42 -14.96
CA GLU C 55 17.12 40.83 -14.83
C GLU C 55 17.26 41.28 -13.36
N GLU C 56 17.22 42.58 -13.14
CA GLU C 56 17.31 43.12 -11.78
C GLU C 56 15.93 43.27 -11.17
N THR C 57 15.79 42.84 -9.92
CA THR C 57 14.54 42.99 -9.19
C THR C 57 14.32 44.46 -8.84
N THR C 58 13.34 45.08 -9.51
CA THR C 58 13.01 46.49 -9.28
C THR C 58 11.53 46.67 -9.00
N GLU C 59 11.15 47.89 -8.60
CA GLU C 59 9.75 48.25 -8.42
C GLU C 59 8.97 48.17 -9.75
N THR C 60 9.71 48.29 -10.86
CA THR C 60 9.10 48.38 -12.20
C THR C 60 9.29 47.12 -13.05
N ALA C 61 10.01 46.13 -12.54
CA ALA C 61 10.42 44.95 -13.33
C ALA C 61 9.37 43.82 -13.46
N PHE C 62 8.13 44.09 -13.04
CA PHE C 62 7.12 43.03 -12.99
C PHE C 62 5.97 43.18 -13.99
N GLU C 63 6.10 44.12 -14.93
CA GLU C 63 5.11 44.29 -15.98
C GLU C 63 5.05 43.08 -16.91
N GLY C 64 3.83 42.62 -17.19
CA GLY C 64 3.62 41.46 -18.05
C GLY C 64 3.65 40.12 -17.33
N VAL C 65 4.29 40.07 -16.16
CA VAL C 65 4.40 38.84 -15.36
C VAL C 65 3.04 38.46 -14.78
N ASP C 66 2.68 37.20 -14.97
CA ASP C 66 1.40 36.67 -14.50
C ASP C 66 1.56 36.07 -13.10
N ILE C 67 2.66 35.35 -12.90
CA ILE C 67 2.93 34.61 -11.67
C ILE C 67 4.38 34.81 -11.27
N ALA C 68 4.60 35.16 -10.01
CA ALA C 68 5.95 35.26 -9.48
C ALA C 68 6.15 34.29 -8.32
N LEU C 69 7.17 33.45 -8.44
CA LEU C 69 7.56 32.58 -7.35
C LEU C 69 8.81 33.16 -6.71
N PHE C 70 8.67 33.62 -5.47
CA PHE C 70 9.79 34.17 -4.73
C PHE C 70 10.59 33.06 -4.08
N SER C 71 11.91 33.17 -4.14
CA SER C 71 12.80 32.16 -3.58
C SER C 71 14.04 32.79 -2.94
N ALA C 72 13.96 34.10 -2.68
CA ALA C 72 15.05 34.79 -1.99
C ALA C 72 14.73 34.86 -0.51
N GLY C 73 15.24 35.89 0.16
CA GLY C 73 15.02 36.07 1.59
C GLY C 73 13.79 36.91 1.92
N SER C 74 13.48 36.97 3.22
CA SER C 74 12.35 37.71 3.76
C SER C 74 12.33 39.19 3.35
N SER C 75 13.51 39.80 3.30
CA SER C 75 13.63 41.22 2.96
C SER C 75 13.23 41.51 1.51
N THR C 76 13.58 40.61 0.60
CA THR C 76 13.19 40.73 -0.81
C THR C 76 11.67 40.68 -0.99
N SER C 77 11.02 39.77 -0.28
CA SER C 77 9.57 39.61 -0.34
C SER C 77 8.84 40.86 0.16
N ALA C 78 9.24 41.33 1.34
CA ALA C 78 8.68 42.53 1.95
C ALA C 78 8.81 43.75 1.02
N LYS C 79 9.97 43.88 0.39
CA LYS C 79 10.24 45.00 -0.51
C LYS C 79 9.51 44.91 -1.83
N TYR C 80 9.58 43.75 -2.47
CA TYR C 80 9.21 43.65 -3.89
C TYR C 80 7.88 42.98 -4.21
N ALA C 81 7.41 42.08 -3.36
CA ALA C 81 6.14 41.39 -3.61
C ALA C 81 4.94 42.35 -3.73
N PRO C 82 4.86 43.38 -2.88
CA PRO C 82 3.77 44.35 -3.04
C PRO C 82 3.77 45.12 -4.37
N TYR C 83 4.94 45.35 -4.94
CA TYR C 83 5.02 46.00 -6.25
C TYR C 83 4.57 45.05 -7.36
N ALA C 84 4.93 43.77 -7.23
CA ALA C 84 4.42 42.75 -8.15
C ALA C 84 2.89 42.77 -8.17
N VAL C 85 2.28 42.75 -6.98
CA VAL C 85 0.82 42.81 -6.85
C VAL C 85 0.23 44.04 -7.56
N LYS C 86 0.85 45.21 -7.36
CA LYS C 86 0.39 46.46 -7.96
C LYS C 86 0.43 46.40 -9.48
N ALA C 87 1.46 45.75 -10.01
CA ALA C 87 1.62 45.57 -11.45
C ALA C 87 0.70 44.47 -12.04
N GLY C 88 0.02 43.71 -11.19
CA GLY C 88 -0.96 42.73 -11.63
C GLY C 88 -0.53 41.27 -11.53
N VAL C 89 0.63 41.03 -10.92
CA VAL C 89 1.15 39.67 -10.73
C VAL C 89 0.39 38.94 -9.61
N VAL C 90 0.32 37.61 -9.69
CA VAL C 90 -0.05 36.80 -8.53
C VAL C 90 1.25 36.25 -7.97
N VAL C 91 1.50 36.51 -6.69
CA VAL C 91 2.76 36.14 -6.04
C VAL C 91 2.60 34.89 -5.18
N VAL C 92 3.52 33.95 -5.34
CA VAL C 92 3.66 32.83 -4.42
C VAL C 92 4.95 33.01 -3.64
N ASP C 93 4.81 33.29 -2.35
CA ASP C 93 5.97 33.61 -1.52
C ASP C 93 6.47 32.44 -0.69
N ASN C 94 7.79 32.31 -0.63
CA ASN C 94 8.47 31.22 0.06
C ASN C 94 8.77 31.53 1.52
N THR C 95 8.88 32.82 1.84
CA THR C 95 9.38 33.25 3.15
C THR C 95 8.29 33.21 4.22
N SER C 96 8.68 33.50 5.46
CA SER C 96 7.72 33.60 6.57
C SER C 96 7.02 34.95 6.62
N TYR C 97 7.51 35.91 5.84
CA TYR C 97 7.09 37.30 5.98
C TYR C 97 5.57 37.55 5.95
N PHE C 98 4.88 37.00 4.95
CA PHE C 98 3.45 37.22 4.82
C PHE C 98 2.60 36.12 5.46
N ARG C 99 3.26 35.12 6.04
CA ARG C 99 2.57 33.92 6.52
C ARG C 99 1.43 34.19 7.51
N GLN C 100 1.65 35.12 8.44
CA GLN C 100 0.62 35.38 9.45
C GLN C 100 -0.28 36.57 9.12
N ASN C 101 -0.07 37.18 7.95
CA ASN C 101 -0.95 38.25 7.46
C ASN C 101 -2.36 37.74 7.22
N PRO C 102 -3.38 38.43 7.79
CA PRO C 102 -4.79 38.04 7.65
C PRO C 102 -5.28 37.96 6.20
N ASP C 103 -4.68 38.71 5.30
CA ASP C 103 -5.11 38.76 3.90
C ASP C 103 -4.27 37.87 2.95
N VAL C 104 -3.48 36.98 3.53
CA VAL C 104 -2.63 36.07 2.77
C VAL C 104 -2.97 34.63 3.15
N PRO C 105 -3.51 33.87 2.20
CA PRO C 105 -3.71 32.44 2.44
C PRO C 105 -2.36 31.74 2.68
N LEU C 106 -2.35 30.84 3.66
CA LEU C 106 -1.18 30.02 3.95
C LEU C 106 -1.55 28.58 3.59
N VAL C 107 -1.02 28.08 2.48
CA VAL C 107 -1.66 26.98 1.77
C VAL C 107 -0.80 25.74 1.52
N VAL C 108 -1.35 24.60 1.91
CA VAL C 108 -0.92 23.30 1.43
C VAL C 108 -2.07 22.77 0.55
N PRO C 109 -1.86 22.69 -0.77
CA PRO C 109 -2.93 22.39 -1.74
C PRO C 109 -3.79 21.16 -1.43
N GLU C 110 -3.20 20.09 -0.91
CA GLU C 110 -3.97 18.90 -0.52
C GLU C 110 -4.88 19.11 0.70
N VAL C 111 -4.60 20.16 1.46
CA VAL C 111 -5.26 20.38 2.75
C VAL C 111 -6.27 21.51 2.69
N ASN C 112 -5.86 22.66 2.12
CA ASN C 112 -6.69 23.87 2.15
C ASN C 112 -6.69 24.67 0.84
N ALA C 113 -6.81 23.97 -0.29
CA ALA C 113 -6.94 24.61 -1.59
C ALA C 113 -8.01 25.70 -1.64
N HIS C 114 -9.14 25.48 -0.95
CA HIS C 114 -10.26 26.45 -0.93
C HIS C 114 -9.83 27.84 -0.48
N ALA C 115 -8.88 27.91 0.46
CA ALA C 115 -8.37 29.19 0.97
C ALA C 115 -7.75 30.10 -0.10
N LEU C 116 -7.40 29.52 -1.25
CA LEU C 116 -6.82 30.30 -2.35
C LEU C 116 -7.83 31.26 -3.03
N ASP C 117 -9.12 30.96 -2.91
CA ASP C 117 -10.17 31.72 -3.58
C ASP C 117 -10.25 33.21 -3.19
N ALA C 118 -10.06 33.52 -1.91
CA ALA C 118 -10.10 34.93 -1.47
C ALA C 118 -8.74 35.66 -1.47
N HIS C 119 -7.77 35.15 -2.24
CA HIS C 119 -6.43 35.75 -2.23
C HIS C 119 -6.43 37.20 -2.73
N ASN C 120 -5.46 37.98 -2.24
CA ASN C 120 -5.33 39.38 -2.62
C ASN C 120 -4.02 39.66 -3.36
N GLY C 121 -3.51 38.64 -4.05
CA GLY C 121 -2.30 38.77 -4.85
C GLY C 121 -1.10 38.03 -4.31
N ILE C 122 -1.14 37.68 -3.03
CA ILE C 122 -0.03 36.95 -2.40
C ILE C 122 -0.50 35.67 -1.73
N ILE C 123 0.18 34.56 -2.04
CA ILE C 123 -0.08 33.28 -1.36
C ILE C 123 1.20 32.83 -0.68
N ALA C 124 1.11 32.51 0.61
CA ALA C 124 2.30 32.09 1.35
C ALA C 124 2.45 30.57 1.39
N CYS C 125 3.63 30.10 0.99
CA CYS C 125 4.03 28.71 1.19
C CYS C 125 4.43 28.55 2.67
N PRO C 126 3.90 27.54 3.36
CA PRO C 126 4.27 27.38 4.78
C PRO C 126 5.72 26.90 4.99
N ASN C 127 6.13 26.83 6.26
CA ASN C 127 7.44 26.30 6.64
C ASN C 127 7.58 24.81 6.33
N CYS C 128 8.80 24.36 6.00
CA CYS C 128 9.03 22.96 5.58
C CYS C 128 8.55 21.90 6.57
N SER C 129 8.93 22.07 7.83
CA SER C 129 8.55 21.10 8.87
C SER C 129 7.03 21.09 9.13
N THR C 130 6.35 22.19 8.82
CA THR C 130 4.88 22.27 8.94
C THR C 130 4.14 21.49 7.84
N ILE C 131 4.60 21.64 6.60
CA ILE C 131 3.92 21.09 5.43
C ILE C 131 3.75 19.56 5.46
N GLN C 132 4.84 18.84 5.70
CA GLN C 132 4.78 17.39 5.73
C GLN C 132 3.84 16.85 6.83
N MET C 133 3.84 17.52 7.99
CA MET C 133 2.98 17.14 9.10
C MET C 133 1.50 17.37 8.78
N MET C 134 1.19 18.43 8.03
CA MET C 134 -0.17 18.73 7.61
C MET C 134 -0.69 17.69 6.61
N VAL C 135 0.16 17.26 5.68
CA VAL C 135 -0.22 16.25 4.69
C VAL C 135 -0.49 14.91 5.39
N ALA C 136 0.34 14.60 6.38
CA ALA C 136 0.19 13.37 7.14
C ALA C 136 -1.06 13.37 7.99
N LEU C 137 -1.38 14.52 8.61
CA LEU C 137 -2.40 14.55 9.65
C LEU C 137 -3.80 14.92 9.16
N GLU C 138 -3.89 15.65 8.05
CA GLU C 138 -5.19 16.06 7.53
C GLU C 138 -6.18 14.88 7.29
N PRO C 139 -5.74 13.79 6.65
CA PRO C 139 -6.65 12.64 6.49
C PRO C 139 -7.18 12.09 7.82
N VAL C 140 -6.38 12.20 8.88
CA VAL C 140 -6.81 11.78 10.20
C VAL C 140 -7.83 12.77 10.77
N ARG C 141 -7.57 14.07 10.57
CA ARG C 141 -8.43 15.13 11.13
C ARG C 141 -9.86 15.08 10.57
N GLN C 142 -10.00 15.05 9.24
CA GLN C 142 -11.32 15.10 8.63
C GLN C 142 -12.25 13.93 9.03
N LYS C 143 -11.68 12.83 9.51
CA LYS C 143 -12.45 11.66 9.95
C LYS C 143 -12.66 11.56 11.46
N TRP C 144 -11.61 11.84 12.23
CA TRP C 144 -11.64 11.64 13.69
C TRP C 144 -11.31 12.88 14.51
N GLY C 145 -11.00 13.99 13.83
CA GLY C 145 -10.63 15.23 14.50
C GLY C 145 -9.26 15.23 15.16
N LEU C 146 -8.82 16.41 15.58
CA LEU C 146 -7.56 16.60 16.30
C LEU C 146 -7.74 17.55 17.47
N ASP C 147 -7.39 17.09 18.67
CA ASP C 147 -7.39 17.97 19.85
C ASP C 147 -5.99 18.52 20.13
N ARG C 148 -4.97 17.68 20.01
CA ARG C 148 -3.59 18.16 20.21
C ARG C 148 -2.54 17.49 19.32
N ILE C 149 -1.37 18.14 19.23
CA ILE C 149 -0.19 17.59 18.57
C ILE C 149 1.05 17.85 19.45
N ILE C 150 1.84 16.81 19.70
CA ILE C 150 3.20 17.00 20.21
C ILE C 150 4.18 16.44 19.19
N VAL C 151 5.16 17.26 18.79
CA VAL C 151 6.06 16.87 17.71
C VAL C 151 7.53 17.15 18.04
N SER C 152 8.37 16.15 17.79
CA SER C 152 9.80 16.31 17.88
C SER C 152 10.40 16.07 16.50
N THR C 153 11.11 17.07 15.97
CA THR C 153 11.63 17.02 14.60
C THR C 153 13.09 16.55 14.53
N TYR C 154 13.46 15.98 13.39
CA TYR C 154 14.82 15.54 13.10
C TYR C 154 15.17 16.20 11.76
N GLN C 155 15.62 17.46 11.81
CA GLN C 155 15.67 18.29 10.60
C GLN C 155 17.01 18.31 9.86
N ALA C 156 16.93 18.28 8.53
CA ALA C 156 18.09 18.28 7.65
C ALA C 156 18.69 19.68 7.56
N VAL C 157 20.01 19.75 7.35
CA VAL C 157 20.70 21.05 7.31
C VAL C 157 20.39 21.88 6.06
N SER C 158 19.96 21.24 4.97
CA SER C 158 19.64 21.96 3.73
C SER C 158 18.53 23.00 3.93
N GLY C 159 17.76 22.85 5.00
CA GLY C 159 16.75 23.83 5.37
C GLY C 159 17.35 25.19 5.67
N ALA C 160 18.57 25.20 6.18
CA ALA C 160 19.26 26.45 6.52
C ALA C 160 20.12 27.00 5.37
N GLY C 161 20.04 26.36 4.20
CA GLY C 161 20.72 26.84 2.98
C GLY C 161 22.04 26.14 2.62
N MET C 162 22.54 26.47 1.43
CA MET C 162 23.78 25.89 0.87
C MET C 162 24.97 26.04 1.80
N GLY C 163 25.13 27.23 2.37
CA GLY C 163 26.20 27.48 3.33
C GLY C 163 26.24 26.43 4.42
N ALA C 164 25.07 26.13 4.98
CA ALA C 164 24.93 25.13 6.03
C ALA C 164 25.30 23.72 5.58
N ILE C 165 24.93 23.38 4.34
CA ILE C 165 25.31 22.09 3.73
C ILE C 165 26.84 21.94 3.65
N LEU C 166 27.51 23.00 3.19
CA LEU C 166 28.97 22.98 3.00
C LEU C 166 29.71 22.91 4.34
N GLU C 167 29.23 23.67 5.32
CA GLU C 167 29.75 23.62 6.69
C GLU C 167 29.58 22.22 7.31
N THR C 168 28.45 21.57 7.05
CA THR C 168 28.22 20.24 7.61
C THR C 168 29.20 19.23 7.01
N GLN C 169 29.35 19.27 5.69
CA GLN C 169 30.32 18.40 4.99
C GLN C 169 31.76 18.69 5.40
N ARG C 170 32.07 19.97 5.60
CA ARG C 170 33.40 20.39 6.06
C ARG C 170 33.71 19.83 7.46
N GLU C 171 32.75 19.93 8.35
CA GLU C 171 32.91 19.47 9.73
C GLU C 171 33.12 17.96 9.81
N LEU C 172 32.28 17.21 9.10
CA LEU C 172 32.33 15.76 9.09
C LEU C 172 33.66 15.23 8.55
N ARG C 173 34.15 15.86 7.48
CA ARG C 173 35.47 15.52 6.93
C ARG C 173 36.61 15.84 7.90
N GLU C 174 36.53 16.96 8.61
CA GLU C 174 37.51 17.29 9.65
C GLU C 174 37.57 16.19 10.72
N VAL C 175 36.40 15.71 11.15
CA VAL C 175 36.31 14.66 12.17
C VAL C 175 36.84 13.32 11.65
N LEU C 176 36.31 12.87 10.52
CA LEU C 176 36.61 11.53 10.01
C LEU C 176 38.02 11.36 9.43
N ASN C 177 38.54 12.40 8.78
CA ASN C 177 39.84 12.33 8.10
C ASN C 177 41.00 12.94 8.90
N ASP C 178 40.76 14.05 9.59
CA ASP C 178 41.81 14.77 10.29
C ASP C 178 41.81 14.51 11.79
N GLY C 179 40.92 13.62 12.24
CA GLY C 179 40.81 13.24 13.65
C GLY C 179 40.47 14.35 14.63
N VAL C 180 39.86 15.43 14.16
CA VAL C 180 39.41 16.52 15.03
C VAL C 180 38.21 16.05 15.88
N LYS C 181 38.24 16.38 17.17
CA LYS C 181 37.13 16.07 18.07
C LYS C 181 35.94 16.96 17.74
N PRO C 182 34.74 16.38 17.64
CA PRO C 182 33.57 17.18 17.31
C PRO C 182 33.41 18.44 18.18
N CYS C 183 33.67 18.35 19.48
CA CYS C 183 33.55 19.52 20.36
C CYS C 183 34.55 20.62 20.03
N ASP C 184 35.59 20.28 19.27
CA ASP C 184 36.64 21.24 18.92
C ASP C 184 36.45 21.92 17.56
N LEU C 185 35.46 21.46 16.80
CA LEU C 185 35.19 21.99 15.46
C LEU C 185 34.87 23.49 15.44
N HIS C 186 35.27 24.18 14.38
CA HIS C 186 34.82 25.55 14.22
C HIS C 186 33.58 25.62 13.32
N ALA C 187 32.64 26.47 13.71
CA ALA C 187 31.38 26.62 12.98
C ALA C 187 31.03 28.10 12.86
N GLU C 188 30.37 28.45 11.76
CA GLU C 188 30.03 29.87 11.49
C GLU C 188 28.53 30.11 11.22
N ILE C 189 27.81 29.07 10.82
CA ILE C 189 26.41 29.21 10.41
C ILE C 189 25.42 28.57 11.41
N LEU C 190 25.51 27.25 11.59
CA LEU C 190 24.56 26.53 12.45
C LEU C 190 24.79 26.84 13.93
N PRO C 191 23.72 26.76 14.76
CA PRO C 191 22.34 26.38 14.44
C PRO C 191 21.54 27.43 13.69
N SER C 192 21.88 28.71 13.88
CA SER C 192 21.15 29.81 13.26
C SER C 192 22.08 30.89 12.70
N GLY C 193 22.02 31.09 11.40
CA GLY C 193 22.87 32.05 10.70
C GLY C 193 22.92 33.42 11.35
N GLY C 194 21.77 33.92 11.77
CA GLY C 194 21.64 35.25 12.37
C GLY C 194 21.76 35.36 13.87
N ASP C 195 21.96 34.25 14.58
CA ASP C 195 22.12 34.30 16.05
C ASP C 195 23.59 34.53 16.43
N LYS C 196 23.84 34.75 17.72
CA LYS C 196 25.15 35.24 18.17
C LYS C 196 26.24 34.18 18.19
N LYS C 197 25.86 32.93 18.49
CA LYS C 197 26.82 31.86 18.69
C LYS C 197 26.54 30.70 17.75
N HIS C 198 27.60 30.03 17.32
CA HIS C 198 27.47 28.96 16.35
C HIS C 198 28.12 27.69 16.86
N TYR C 199 27.51 26.54 16.55
CA TYR C 199 27.96 25.27 17.12
C TYR C 199 28.13 24.21 16.04
N PRO C 200 29.05 23.24 16.28
CA PRO C 200 29.18 22.11 15.36
C PRO C 200 27.87 21.28 15.26
N ILE C 201 27.57 20.79 14.06
CA ILE C 201 26.43 19.88 13.83
C ILE C 201 26.91 18.44 13.67
N ALA C 202 28.15 18.27 13.20
CA ALA C 202 28.75 16.95 13.02
C ALA C 202 28.71 16.08 14.29
N PHE C 203 28.15 14.88 14.16
CA PHE C 203 27.96 13.93 15.28
C PHE C 203 27.21 14.54 16.45
N ASN C 204 26.32 15.49 16.14
CA ASN C 204 25.63 16.28 17.15
C ASN C 204 24.12 16.31 16.90
N ALA C 205 23.36 16.72 17.91
CA ALA C 205 21.94 17.02 17.70
C ALA C 205 21.69 18.34 18.40
N LEU C 206 21.35 19.36 17.62
CA LEU C 206 21.25 20.74 18.11
C LEU C 206 19.78 21.14 18.27
N PRO C 207 19.31 21.30 19.52
CA PRO C 207 17.90 21.65 19.79
C PRO C 207 17.58 23.12 19.55
N GLN C 208 18.03 23.66 18.42
CA GLN C 208 17.74 25.03 18.05
C GLN C 208 17.65 25.18 16.56
N ILE C 209 16.51 25.64 16.09
CA ILE C 209 16.33 26.05 14.70
C ILE C 209 15.67 27.42 14.77
N ASP C 210 16.21 28.37 13.99
CA ASP C 210 15.85 29.79 14.12
C ASP C 210 16.25 30.30 15.51
N VAL C 211 15.87 31.53 15.84
CA VAL C 211 16.23 32.11 17.14
C VAL C 211 15.13 31.87 18.17
N PHE C 212 15.41 32.19 19.43
CA PHE C 212 14.44 32.02 20.51
C PHE C 212 13.47 33.19 20.59
N THR C 213 12.22 32.88 20.93
CA THR C 213 11.19 33.88 21.22
C THR C 213 11.11 34.10 22.73
N ASP C 214 10.24 35.03 23.14
CA ASP C 214 10.06 35.40 24.55
C ASP C 214 9.59 34.26 25.48
N ASN C 215 8.91 33.25 24.93
CA ASN C 215 8.40 32.13 25.74
C ASN C 215 9.32 30.90 25.81
N ASP C 216 10.58 31.06 25.38
CA ASP C 216 11.61 30.01 25.47
C ASP C 216 11.49 28.88 24.43
N TYR C 217 10.50 29.00 23.54
CA TYR C 217 10.41 28.17 22.35
C TYR C 217 11.07 28.94 21.24
N THR C 218 11.62 28.24 20.24
CA THR C 218 12.19 28.93 19.07
C THR C 218 11.09 29.33 18.09
N TYR C 219 11.42 30.26 17.18
CA TYR C 219 10.52 30.67 16.09
C TYR C 219 10.09 29.51 15.22
N GLU C 220 10.99 28.57 14.97
CA GLU C 220 10.66 27.38 14.20
C GLU C 220 9.55 26.57 14.90
N GLU C 221 9.70 26.38 16.21
CA GLU C 221 8.70 25.68 17.01
C GLU C 221 7.36 26.42 17.01
N MET C 222 7.42 27.73 17.17
CA MET C 222 6.23 28.58 17.19
C MET C 222 5.55 28.67 15.82
N LYS C 223 6.34 28.57 14.75
CA LYS C 223 5.78 28.49 13.39
C LYS C 223 4.98 27.21 13.21
N MET C 224 5.50 26.10 13.73
CA MET C 224 4.79 24.84 13.66
C MET C 224 3.44 24.93 14.39
N THR C 225 3.44 25.62 15.52
CA THR C 225 2.23 25.92 16.27
C THR C 225 1.25 26.77 15.46
N LYS C 226 1.69 27.96 15.05
CA LYS C 226 0.79 28.96 14.47
C LYS C 226 0.32 28.66 13.05
N GLU C 227 1.20 28.04 12.26
CA GLU C 227 0.87 27.72 10.88
C GLU C 227 -0.14 26.57 10.82
N THR C 228 0.02 25.58 11.69
CA THR C 228 -0.96 24.51 11.83
C THR C 228 -2.38 25.04 12.08
N LYS C 229 -2.51 25.94 13.05
CA LYS C 229 -3.81 26.53 13.40
C LYS C 229 -4.44 27.27 12.22
N LYS C 230 -3.63 28.06 11.51
CA LYS C 230 -4.11 28.80 10.35
C LYS C 230 -4.46 27.87 9.16
N ILE C 231 -3.54 26.96 8.82
CA ILE C 231 -3.73 26.05 7.68
C ILE C 231 -4.98 25.16 7.84
N MET C 232 -5.18 24.68 9.06
CA MET C 232 -6.30 23.80 9.36
C MET C 232 -7.53 24.58 9.85
N GLU C 233 -7.41 25.91 9.87
CA GLU C 233 -8.52 26.82 10.22
C GLU C 233 -9.19 26.44 11.54
N ASP C 234 -8.37 26.16 12.56
CA ASP C 234 -8.85 25.78 13.87
C ASP C 234 -7.85 26.16 14.97
N ASP C 235 -8.11 27.30 15.61
CA ASP C 235 -7.28 27.82 16.70
C ASP C 235 -7.30 26.95 17.95
N SER C 236 -8.30 26.09 18.08
CA SER C 236 -8.44 25.26 19.29
C SER C 236 -7.51 24.05 19.36
N ILE C 237 -6.86 23.70 18.23
CA ILE C 237 -5.88 22.61 18.20
C ILE C 237 -4.63 22.98 18.99
N ALA C 238 -4.37 22.25 20.08
CA ALA C 238 -3.16 22.40 20.87
C ALA C 238 -1.96 21.83 20.08
N VAL C 239 -0.90 22.63 19.95
CA VAL C 239 0.30 22.22 19.22
C VAL C 239 1.55 22.70 19.94
N SER C 240 2.39 21.76 20.36
CA SER C 240 3.69 22.07 20.95
C SER C 240 4.78 21.28 20.25
N ALA C 241 5.91 21.95 19.99
CA ALA C 241 6.97 21.34 19.20
C ALA C 241 8.35 21.52 19.82
N THR C 242 9.23 20.55 19.53
CA THR C 242 10.66 20.66 19.78
C THR C 242 11.37 20.45 18.43
N CYS C 243 12.18 21.42 18.03
CA CYS C 243 12.80 21.36 16.71
C CYS C 243 14.32 21.20 16.82
N VAL C 244 14.81 20.08 16.28
CA VAL C 244 16.21 19.66 16.43
C VAL C 244 16.88 19.47 15.07
N ARG C 245 18.10 19.99 14.93
CA ARG C 245 18.89 19.78 13.73
C ARG C 245 19.81 18.59 13.94
N ILE C 246 19.85 17.70 12.95
CA ILE C 246 20.71 16.53 13.03
C ILE C 246 21.61 16.45 11.78
N PRO C 247 22.64 15.57 11.79
CA PRO C 247 23.58 15.50 10.67
C PRO C 247 23.04 14.75 9.46
N VAL C 248 22.01 15.34 8.83
CA VAL C 248 21.40 14.85 7.60
C VAL C 248 21.41 16.07 6.66
N LEU C 249 21.67 15.83 5.38
CA LEU C 249 21.75 16.95 4.43
C LEU C 249 20.36 17.28 3.88
N SER C 250 19.62 16.26 3.46
CA SER C 250 18.30 16.43 2.86
C SER C 250 17.25 15.51 3.47
N ALA C 251 16.05 16.05 3.64
CA ALA C 251 14.86 15.35 4.15
C ALA C 251 14.67 15.45 5.66
N HIS C 252 13.53 16.04 6.06
CA HIS C 252 13.12 16.14 7.45
C HIS C 252 12.39 14.86 7.88
N SER C 253 12.63 14.43 9.12
CA SER C 253 11.87 13.38 9.78
C SER C 253 11.20 13.95 11.03
N GLU C 254 10.02 13.43 11.37
CA GLU C 254 9.26 13.95 12.50
C GLU C 254 8.60 12.84 13.31
N SER C 255 8.84 12.89 14.62
CA SER C 255 8.12 12.04 15.55
C SER C 255 6.85 12.79 16.00
N VAL C 256 5.71 12.33 15.53
CA VAL C 256 4.45 13.05 15.74
C VAL C 256 3.55 12.26 16.67
N TYR C 257 3.07 12.93 17.71
CA TYR C 257 2.05 12.38 18.59
C TYR C 257 0.77 13.17 18.42
N ILE C 258 -0.34 12.47 18.21
CA ILE C 258 -1.65 13.13 18.17
C ILE C 258 -2.66 12.53 19.15
N GLU C 259 -3.57 13.39 19.62
CA GLU C 259 -4.79 12.93 20.26
C GLU C 259 -5.98 13.38 19.42
N THR C 260 -6.76 12.41 18.95
CA THR C 260 -7.94 12.67 18.12
C THR C 260 -9.16 13.09 18.97
N LYS C 261 -10.26 13.53 18.34
CA LYS C 261 -11.51 13.84 19.05
C LYS C 261 -12.28 12.55 19.36
N GLU C 262 -12.23 11.61 18.42
CA GLU C 262 -12.82 10.28 18.58
C GLU C 262 -11.75 9.22 18.33
N VAL C 263 -11.91 8.04 18.94
CA VAL C 263 -10.97 6.93 18.80
C VAL C 263 -10.88 6.47 17.33
N ALA C 264 -9.66 6.48 16.79
CA ALA C 264 -9.43 6.12 15.41
C ALA C 264 -8.70 4.79 15.32
N PRO C 265 -9.40 3.73 14.86
CA PRO C 265 -8.75 2.43 14.71
C PRO C 265 -7.55 2.56 13.76
N ILE C 266 -6.44 1.95 14.14
CA ILE C 266 -5.16 2.09 13.46
C ILE C 266 -5.19 1.68 11.98
N GLU C 267 -5.88 0.58 11.67
CA GLU C 267 -6.00 0.07 10.28
C GLU C 267 -6.73 1.06 9.40
N GLU C 268 -7.70 1.77 9.97
CA GLU C 268 -8.43 2.81 9.27
C GLU C 268 -7.65 4.13 9.15
N VAL C 269 -6.75 4.38 10.11
CA VAL C 269 -5.82 5.51 10.02
C VAL C 269 -4.83 5.24 8.89
N LYS C 270 -4.24 4.05 8.92
CA LYS C 270 -3.31 3.62 7.88
C LYS C 270 -3.93 3.75 6.50
N ALA C 271 -5.18 3.31 6.37
CA ALA C 271 -5.87 3.31 5.09
C ALA C 271 -6.20 4.72 4.59
N ALA C 272 -6.68 5.58 5.48
CA ALA C 272 -6.98 6.96 5.12
C ALA C 272 -5.75 7.76 4.68
N ILE C 273 -4.61 7.53 5.34
CA ILE C 273 -3.35 8.17 4.95
C ILE C 273 -2.90 7.66 3.57
N ALA C 274 -2.90 6.35 3.38
CA ALA C 274 -2.57 5.75 2.09
C ALA C 274 -3.43 6.29 0.93
N ALA C 275 -4.68 6.63 1.23
CA ALA C 275 -5.61 7.13 0.21
C ALA C 275 -5.52 8.64 0.00
N PHE C 276 -4.77 9.33 0.86
CA PHE C 276 -4.69 10.78 0.82
C PHE C 276 -3.67 11.26 -0.21
N PRO C 277 -4.04 12.25 -1.04
CA PRO C 277 -3.15 12.79 -2.08
C PRO C 277 -1.89 13.43 -1.48
N GLY C 278 -0.74 13.14 -2.09
CA GLY C 278 0.55 13.62 -1.59
C GLY C 278 1.16 12.75 -0.50
N ALA C 279 0.38 11.81 0.04
CA ALA C 279 0.85 10.94 1.12
C ALA C 279 1.08 9.52 0.64
N VAL C 280 2.11 8.87 1.19
CA VAL C 280 2.43 7.49 0.87
C VAL C 280 2.67 6.72 2.17
N LEU C 281 1.91 5.66 2.37
CA LEU C 281 2.08 4.81 3.55
C LEU C 281 3.28 3.87 3.38
N GLU C 282 4.24 3.97 4.29
CA GLU C 282 5.34 3.01 4.37
C GLU C 282 5.32 2.43 5.79
N ASP C 283 4.54 1.37 5.97
CA ASP C 283 4.30 0.87 7.32
C ASP C 283 4.08 -0.63 7.29
N ASP C 284 5.18 -1.36 7.40
CA ASP C 284 5.14 -2.82 7.40
C ASP C 284 6.30 -3.31 8.26
N VAL C 285 6.05 -3.39 9.57
CA VAL C 285 7.12 -3.63 10.54
C VAL C 285 7.68 -5.06 10.53
N ALA C 286 6.88 -5.98 9.99
CA ALA C 286 7.30 -7.37 9.78
C ALA C 286 8.47 -7.46 8.81
N HIS C 287 8.54 -6.54 7.85
CA HIS C 287 9.66 -6.46 6.90
C HIS C 287 10.51 -5.19 7.11
N GLN C 288 10.46 -4.66 8.34
CA GLN C 288 11.16 -3.43 8.73
C GLN C 288 10.94 -2.27 7.75
N ILE C 289 9.70 -2.07 7.33
CA ILE C 289 9.35 -0.96 6.44
C ILE C 289 8.83 0.24 7.24
N TYR C 290 9.56 1.35 7.11
CA TYR C 290 9.19 2.65 7.69
C TYR C 290 9.87 3.75 6.87
N PRO C 291 9.32 4.98 6.91
CA PRO C 291 9.94 6.07 6.18
C PRO C 291 11.37 6.35 6.64
N GLN C 292 12.24 6.69 5.68
CA GLN C 292 13.63 6.99 5.96
C GLN C 292 14.04 8.21 5.14
N ALA C 293 14.74 9.15 5.78
CA ALA C 293 15.23 10.36 5.10
C ALA C 293 15.89 10.04 3.74
N ILE C 294 16.80 9.07 3.76
CA ILE C 294 17.59 8.70 2.58
C ILE C 294 16.73 8.21 1.42
N ASN C 295 15.61 7.58 1.73
CA ASN C 295 14.67 7.11 0.72
C ASN C 295 13.76 8.21 0.20
N ALA C 296 13.64 9.31 0.96
CA ALA C 296 12.70 10.39 0.64
C ALA C 296 13.27 11.44 -0.32
N VAL C 297 14.60 11.62 -0.29
CA VAL C 297 15.27 12.61 -1.11
C VAL C 297 14.89 12.42 -2.57
N GLY C 298 14.51 13.52 -3.23
CA GLY C 298 14.19 13.49 -4.65
C GLY C 298 12.73 13.24 -4.99
N SER C 299 11.93 12.88 -3.99
CA SER C 299 10.52 12.55 -4.18
C SER C 299 9.63 13.68 -3.65
N ARG C 300 8.50 13.89 -4.30
CA ARG C 300 7.52 14.89 -3.88
C ARG C 300 6.58 14.38 -2.76
N ASP C 301 6.69 13.10 -2.41
CA ASP C 301 5.74 12.51 -1.45
C ASP C 301 6.09 12.79 0.01
N THR C 302 5.07 12.73 0.85
CA THR C 302 5.24 12.68 2.29
C THR C 302 5.05 11.23 2.72
N PHE C 303 6.07 10.68 3.36
CA PHE C 303 6.07 9.27 3.76
C PHE C 303 5.72 9.12 5.24
N VAL C 304 4.77 8.23 5.54
CA VAL C 304 4.25 8.06 6.91
C VAL C 304 4.30 6.61 7.38
N GLY C 305 4.86 6.38 8.56
CA GLY C 305 4.95 5.03 9.13
C GLY C 305 4.98 5.00 10.64
N ARG C 306 5.35 3.85 11.20
CA ARG C 306 5.39 3.63 12.66
C ARG C 306 4.08 4.05 13.35
N ILE C 307 2.97 3.89 12.64
CA ILE C 307 1.67 4.26 13.18
C ILE C 307 1.24 3.22 14.21
N ARG C 308 1.04 3.68 15.44
CA ARG C 308 0.60 2.85 16.55
C ARG C 308 -0.11 3.70 17.59
N LYS C 309 -1.12 3.13 18.23
CA LYS C 309 -1.85 3.85 19.27
C LYS C 309 -1.00 4.02 20.52
N ASP C 310 -1.28 5.05 21.31
CA ASP C 310 -0.56 5.24 22.57
C ASP C 310 -0.79 4.04 23.49
N LEU C 311 0.17 3.77 24.38
CA LEU C 311 0.06 2.67 25.32
C LEU C 311 -0.95 2.91 26.45
N ASP C 312 -1.40 4.14 26.63
CA ASP C 312 -2.30 4.48 27.74
C ASP C 312 -3.43 5.43 27.36
N ALA C 313 -3.12 6.51 26.64
CA ALA C 313 -4.14 7.44 26.17
C ALA C 313 -4.93 6.81 25.03
N GLU C 314 -6.24 6.67 25.24
CA GLU C 314 -7.09 5.89 24.35
C GLU C 314 -7.28 6.53 22.97
N LYS C 315 -7.12 7.85 22.90
CA LYS C 315 -7.25 8.60 21.65
C LYS C 315 -5.89 9.02 21.06
N GLY C 316 -4.81 8.52 21.66
CA GLY C 316 -3.47 8.91 21.26
C GLY C 316 -2.85 8.02 20.21
N ILE C 317 -2.18 8.64 19.23
CA ILE C 317 -1.52 7.92 18.15
C ILE C 317 -0.12 8.49 17.93
N HIS C 318 0.85 7.59 17.72
CA HIS C 318 2.22 7.96 17.38
C HIS C 318 2.49 7.58 15.93
N MET C 319 3.35 8.36 15.27
CA MET C 319 3.74 8.10 13.89
C MET C 319 5.09 8.75 13.53
N TRP C 320 5.61 8.38 12.37
CA TRP C 320 6.91 8.82 11.88
C TRP C 320 6.69 9.38 10.47
N VAL C 321 6.97 10.67 10.30
CA VAL C 321 6.70 11.39 9.07
C VAL C 321 8.00 11.92 8.43
N VAL C 322 8.22 11.58 7.16
CA VAL C 322 9.43 11.98 6.43
C VAL C 322 9.10 12.58 5.05
N SER C 323 9.73 13.71 4.72
CA SER C 323 9.62 14.32 3.39
C SER C 323 10.84 15.17 3.03
N ASP C 324 11.13 15.26 1.74
CA ASP C 324 12.22 16.10 1.24
C ASP C 324 11.88 17.56 1.52
N ASN C 325 12.66 18.19 2.40
CA ASN C 325 12.44 19.57 2.81
C ASN C 325 12.62 20.60 1.68
N LEU C 326 13.38 20.23 0.65
CA LEU C 326 13.58 21.09 -0.52
C LEU C 326 12.46 21.00 -1.55
N LEU C 327 11.72 19.89 -1.55
CA LEU C 327 10.65 19.70 -2.54
C LEU C 327 9.26 20.02 -1.96
N LYS C 328 8.60 19.05 -1.32
CA LYS C 328 7.30 19.34 -0.69
C LYS C 328 7.41 20.35 0.45
N GLY C 329 8.55 20.33 1.15
CA GLY C 329 8.83 21.32 2.18
C GLY C 329 9.03 22.73 1.65
N ALA C 330 9.19 22.88 0.33
CA ALA C 330 9.41 24.21 -0.27
C ALA C 330 9.00 24.35 -1.75
N ALA C 331 9.98 24.12 -2.63
CA ALA C 331 9.86 24.37 -4.08
C ALA C 331 8.67 23.71 -4.78
N TRP C 332 8.42 22.44 -4.48
CA TRP C 332 7.26 21.75 -5.06
C TRP C 332 5.93 22.29 -4.51
N ASN C 333 5.86 22.51 -3.20
CA ASN C 333 4.67 23.13 -2.61
C ASN C 333 4.34 24.47 -3.29
N SER C 334 5.36 25.31 -3.46
CA SER C 334 5.21 26.59 -4.17
C SER C 334 4.70 26.44 -5.61
N VAL C 335 5.25 25.46 -6.33
CA VAL C 335 4.89 25.25 -7.74
C VAL C 335 3.50 24.61 -7.85
N GLN C 336 3.22 23.67 -6.95
CA GLN C 336 1.88 23.11 -6.84
C GLN C 336 0.83 24.18 -6.51
N ILE C 337 1.21 25.14 -5.66
CA ILE C 337 0.35 26.29 -5.36
C ILE C 337 0.03 27.05 -6.65
N ALA C 338 1.05 27.36 -7.44
CA ALA C 338 0.86 28.04 -8.72
C ALA C 338 -0.03 27.21 -9.66
N GLU C 339 0.19 25.89 -9.70
CA GLU C 339 -0.65 24.98 -10.49
C GLU C 339 -2.10 25.00 -10.03
N THR C 340 -2.31 25.02 -8.71
CA THR C 340 -3.64 25.06 -8.11
C THR C 340 -4.36 26.39 -8.38
N LEU C 341 -3.61 27.49 -8.35
CA LEU C 341 -4.17 28.79 -8.73
C LEU C 341 -4.68 28.76 -10.17
N HIS C 342 -3.86 28.23 -11.08
CA HIS C 342 -4.29 28.12 -12.46
C HIS C 342 -5.53 27.23 -12.57
N GLU C 343 -5.44 26.04 -11.97
CA GLU C 343 -6.51 25.05 -11.93
C GLU C 343 -7.86 25.67 -11.55
N ARG C 344 -7.85 26.48 -10.49
CA ARG C 344 -9.08 27.06 -9.97
C ARG C 344 -9.45 28.38 -10.64
N GLY C 345 -8.69 28.78 -11.66
CA GLY C 345 -8.93 30.04 -12.38
C GLY C 345 -8.69 31.30 -11.56
N LEU C 346 -7.66 31.27 -10.73
CA LEU C 346 -7.35 32.37 -9.80
C LEU C 346 -6.14 33.24 -10.19
N VAL C 347 -5.56 32.99 -11.37
CA VAL C 347 -4.46 33.84 -11.87
C VAL C 347 -5.05 35.05 -12.58
N ARG C 348 -5.14 36.17 -11.86
CA ARG C 348 -5.66 37.44 -12.40
C ARG C 348 -5.08 38.64 -11.61
N PRO C 349 -4.98 39.82 -12.24
CA PRO C 349 -4.61 41.03 -11.48
C PRO C 349 -5.54 41.27 -10.29
N THR C 350 -4.98 41.67 -9.16
CA THR C 350 -5.77 42.05 -8.00
C THR C 350 -6.08 43.54 -8.09
N ALA C 351 -7.34 43.91 -7.89
CA ALA C 351 -7.77 45.30 -8.04
C ALA C 351 -7.36 46.19 -6.86
N GLU C 352 -7.73 45.79 -5.65
CA GLU C 352 -7.40 46.55 -4.44
C GLU C 352 -6.09 46.09 -3.81
N LEU C 353 -5.20 47.05 -3.52
CA LEU C 353 -3.92 46.75 -2.88
C LEU C 353 -4.06 46.71 -1.37
N LYS C 354 -3.69 45.58 -0.77
CA LYS C 354 -3.83 45.36 0.67
C LYS C 354 -2.48 45.22 1.37
N PHE C 355 -1.43 45.69 0.72
CA PHE C 355 -0.06 45.52 1.22
C PHE C 355 0.74 46.82 1.11
N GLU C 356 1.44 47.16 2.20
CA GLU C 356 2.25 48.38 2.27
C GLU C 356 3.36 48.40 1.22
N LEU C 357 3.45 49.49 0.47
CA LEU C 357 4.55 49.70 -0.47
C LEU C 357 5.69 50.41 0.25
N LYS C 358 6.85 49.74 0.32
CA LYS C 358 7.91 50.16 1.24
C LYS C 358 9.11 50.89 0.60
N LEU C 359 8.96 51.35 -0.64
CA LEU C 359 10.03 52.08 -1.29
C LEU C 359 9.49 53.36 -1.93
N GLU C 360 8.54 54.00 -1.24
CA GLU C 360 7.82 55.15 -1.79
C GLU C 360 8.65 56.42 -2.02
N HIS C 361 9.32 56.89 -0.97
CA HIS C 361 10.03 58.17 -1.06
C HIS C 361 11.32 58.13 -1.88
N HIS C 362 11.61 56.97 -2.47
CA HIS C 362 12.78 56.76 -3.31
C HIS C 362 12.57 57.35 -4.72
N GLY D 2 40.13 -4.90 50.58
CA GLY D 2 39.97 -4.78 49.10
C GLY D 2 39.18 -5.91 48.49
N TYR D 3 38.85 -5.77 47.21
CA TYR D 3 37.98 -6.73 46.52
C TYR D 3 38.65 -7.43 45.34
N THR D 4 38.11 -8.59 44.98
CA THR D 4 38.40 -9.23 43.69
C THR D 4 37.27 -8.85 42.73
N VAL D 5 37.62 -8.09 41.69
CA VAL D 5 36.64 -7.62 40.71
C VAL D 5 36.83 -8.29 39.35
N ALA D 6 35.76 -8.90 38.84
CA ALA D 6 35.76 -9.50 37.52
C ALA D 6 34.99 -8.64 36.51
N VAL D 7 35.58 -8.45 35.34
CA VAL D 7 34.92 -7.76 34.23
C VAL D 7 34.70 -8.77 33.11
N VAL D 8 33.45 -9.21 32.95
CA VAL D 8 33.10 -10.18 31.92
C VAL D 8 32.70 -9.48 30.63
N GLY D 9 33.61 -9.50 29.67
CA GLY D 9 33.40 -8.87 28.36
C GLY D 9 34.18 -7.58 28.23
N ALA D 10 35.45 -7.61 28.66
CA ALA D 10 36.31 -6.43 28.77
C ALA D 10 36.88 -5.94 27.44
N THR D 11 36.42 -6.55 26.34
CA THR D 11 36.90 -6.20 25.01
C THR D 11 35.97 -5.21 24.30
N GLY D 12 34.68 -5.29 24.59
CA GLY D 12 33.65 -4.48 23.93
C GLY D 12 33.70 -2.98 24.19
N ALA D 13 32.73 -2.27 23.63
CA ALA D 13 32.61 -0.81 23.80
C ALA D 13 32.34 -0.45 25.27
N VAL D 14 31.32 -1.08 25.84
CA VAL D 14 30.99 -0.92 27.26
C VAL D 14 32.11 -1.53 28.11
N GLY D 15 32.55 -2.73 27.71
CA GLY D 15 33.63 -3.45 28.40
C GLY D 15 34.88 -2.62 28.64
N ALA D 16 35.38 -1.98 27.59
CA ALA D 16 36.57 -1.13 27.68
C ALA D 16 36.34 0.07 28.60
N GLN D 17 35.11 0.59 28.57
CA GLN D 17 34.74 1.75 29.38
C GLN D 17 34.54 1.36 30.84
N MET D 18 34.15 0.11 31.08
CA MET D 18 34.06 -0.46 32.41
C MET D 18 35.43 -0.42 33.08
N ILE D 19 36.46 -0.79 32.31
CA ILE D 19 37.85 -0.75 32.74
C ILE D 19 38.26 0.67 33.19
N LYS D 20 37.97 1.66 32.37
CA LYS D 20 38.35 3.05 32.66
C LYS D 20 37.63 3.65 33.88
N MET D 21 36.41 3.18 34.14
CA MET D 21 35.65 3.62 35.30
C MET D 21 36.14 2.95 36.59
N LEU D 22 36.62 1.72 36.47
CA LEU D 22 37.19 0.98 37.59
C LEU D 22 38.55 1.52 38.02
N GLU D 23 39.31 2.06 37.08
CA GLU D 23 40.62 2.66 37.36
C GLU D 23 40.47 3.99 38.09
N GLU D 24 39.31 4.62 37.94
CA GLU D 24 39.06 5.93 38.52
C GLU D 24 38.10 5.82 39.71
N SER D 25 37.80 4.58 40.09
CA SER D 25 36.80 4.27 41.09
C SER D 25 37.30 4.45 42.53
N THR D 26 36.38 4.80 43.42
CA THR D 26 36.67 4.87 44.85
C THR D 26 36.56 3.49 45.50
N LEU D 27 36.30 2.46 44.68
CA LEU D 27 36.19 1.08 45.13
C LEU D 27 37.57 0.52 45.51
N PRO D 28 37.66 -0.15 46.68
CA PRO D 28 38.92 -0.79 47.09
C PRO D 28 39.15 -2.12 46.36
N ILE D 29 40.10 -2.13 45.43
CA ILE D 29 40.34 -3.31 44.58
C ILE D 29 41.67 -3.98 44.92
N ASP D 30 41.62 -5.28 45.21
CA ASP D 30 42.82 -6.07 45.50
C ASP D 30 43.43 -6.64 44.23
N LYS D 31 42.68 -7.51 43.56
CA LYS D 31 43.06 -7.98 42.24
C LYS D 31 41.93 -7.80 41.22
N ILE D 32 42.30 -7.26 40.07
CA ILE D 32 41.36 -7.07 38.95
C ILE D 32 41.63 -8.19 37.93
N ARG D 33 40.57 -8.85 37.49
CA ARG D 33 40.71 -10.08 36.70
C ARG D 33 39.63 -10.20 35.61
N TYR D 34 40.05 -10.26 34.35
CA TYR D 34 39.12 -10.23 33.19
C TYR D 34 38.64 -11.60 32.70
N LEU D 35 37.52 -11.59 31.97
CA LEU D 35 36.93 -12.77 31.33
C LEU D 35 36.37 -12.37 29.96
N ALA D 36 36.51 -13.25 28.98
CA ALA D 36 36.07 -12.94 27.61
C ALA D 36 35.37 -14.11 26.93
N SER D 37 35.13 -13.98 25.63
CA SER D 37 34.53 -15.03 24.81
C SER D 37 35.47 -16.23 24.68
N ALA D 38 34.89 -17.42 24.47
CA ALA D 38 35.60 -18.71 24.50
C ALA D 38 36.82 -18.81 23.57
N ARG D 39 36.84 -18.01 22.50
CA ARG D 39 37.98 -17.95 21.59
C ARG D 39 38.55 -16.53 21.47
N SER D 40 39.02 -15.99 22.60
CA SER D 40 39.59 -14.64 22.65
C SER D 40 40.56 -14.48 23.83
N ALA D 41 40.55 -15.48 24.73
CA ALA D 41 41.24 -15.41 26.01
C ALA D 41 42.76 -15.60 25.95
N GLY D 42 43.47 -14.59 25.47
CA GLY D 42 44.93 -14.67 25.35
C GLY D 42 45.64 -13.36 25.58
N LYS D 43 45.08 -12.29 25.02
CA LYS D 43 45.72 -10.98 25.00
C LYS D 43 45.83 -10.31 26.37
N SER D 44 46.67 -9.28 26.46
CA SER D 44 46.88 -8.55 27.71
C SER D 44 46.31 -7.14 27.62
N LEU D 45 45.49 -6.77 28.60
CA LEU D 45 44.87 -5.44 28.65
C LEU D 45 45.30 -4.71 29.92
N LYS D 46 45.41 -3.39 29.84
CA LYS D 46 45.95 -2.58 30.94
C LYS D 46 44.99 -2.24 32.09
N PHE D 47 45.57 -1.85 33.22
CA PHE D 47 44.85 -1.31 34.37
C PHE D 47 45.79 -0.35 35.08
N LYS D 48 45.42 0.93 35.13
CA LYS D 48 46.28 2.02 35.63
C LYS D 48 47.63 2.11 34.88
N ASP D 49 48.61 1.32 35.30
CA ASP D 49 49.88 1.18 34.56
C ASP D 49 50.39 -0.27 34.59
N GLN D 50 49.46 -1.21 34.59
CA GLN D 50 49.76 -2.63 34.77
C GLN D 50 49.46 -3.43 33.52
N ASP D 51 49.86 -4.71 33.54
CA ASP D 51 49.54 -5.66 32.45
C ASP D 51 48.74 -6.83 33.00
N ILE D 52 47.59 -7.11 32.39
CA ILE D 52 46.65 -8.12 32.92
C ILE D 52 46.21 -9.10 31.84
N THR D 53 46.37 -10.39 32.14
CA THR D 53 46.06 -11.47 31.19
C THR D 53 44.57 -11.83 31.18
N ILE D 54 43.98 -11.84 29.99
CA ILE D 54 42.58 -12.20 29.80
C ILE D 54 42.39 -13.72 29.97
N GLU D 55 41.28 -14.08 30.61
CA GLU D 55 40.94 -15.47 30.92
C GLU D 55 39.62 -15.84 30.26
N GLU D 56 39.19 -17.10 30.39
CA GLU D 56 37.90 -17.53 29.80
C GLU D 56 36.88 -17.97 30.86
N THR D 57 35.60 -17.98 30.47
CA THR D 57 34.48 -18.13 31.40
C THR D 57 34.23 -19.59 31.87
N THR D 58 33.07 -20.16 31.47
CA THR D 58 32.57 -21.47 31.94
C THR D 58 32.12 -21.53 33.43
N GLU D 59 31.46 -22.63 33.79
CA GLU D 59 30.75 -22.78 35.07
C GLU D 59 31.53 -22.38 36.32
N THR D 60 32.67 -23.03 36.56
CA THR D 60 33.46 -22.79 37.77
C THR D 60 34.66 -21.88 37.50
N ALA D 61 34.37 -20.70 36.97
CA ALA D 61 35.39 -19.68 36.74
C ALA D 61 35.34 -18.58 37.81
N PHE D 62 34.16 -18.40 38.41
CA PHE D 62 33.91 -17.32 39.37
C PHE D 62 34.30 -17.65 40.81
N GLU D 63 35.44 -18.32 40.97
CA GLU D 63 35.92 -18.72 42.29
C GLU D 63 36.84 -17.67 42.88
N GLY D 64 36.58 -17.31 44.15
CA GLY D 64 37.32 -16.24 44.83
C GLY D 64 37.05 -14.88 44.23
N VAL D 65 35.82 -14.66 43.78
CA VAL D 65 35.42 -13.43 43.10
C VAL D 65 34.32 -12.72 43.89
N ASP D 66 34.61 -11.48 44.27
CA ASP D 66 33.66 -10.68 45.06
C ASP D 66 32.57 -10.04 44.20
N ILE D 67 32.96 -9.17 43.27
CA ILE D 67 32.03 -8.46 42.39
C ILE D 67 32.26 -8.81 40.91
N ALA D 68 31.17 -9.15 40.22
CA ALA D 68 31.23 -9.40 38.78
C ALA D 68 30.45 -8.36 37.98
N LEU D 69 31.09 -7.85 36.92
CA LEU D 69 30.43 -6.92 35.99
C LEU D 69 30.27 -7.55 34.60
N PHE D 70 29.06 -8.00 34.30
CA PHE D 70 28.75 -8.63 33.01
C PHE D 70 28.38 -7.58 31.94
N SER D 71 28.94 -7.73 30.74
CA SER D 71 28.65 -6.82 29.61
C SER D 71 28.54 -7.53 28.25
N ALA D 72 28.76 -8.84 28.24
CA ALA D 72 28.59 -9.65 27.03
C ALA D 72 27.11 -9.77 26.65
N GLY D 73 26.78 -10.75 25.81
CA GLY D 73 25.41 -10.93 25.33
C GLY D 73 24.41 -11.29 26.41
N SER D 74 23.13 -11.23 26.07
CA SER D 74 22.06 -11.60 26.98
C SER D 74 21.99 -13.11 27.24
N SER D 75 22.62 -13.89 26.36
CA SER D 75 22.71 -15.33 26.52
C SER D 75 23.87 -15.75 27.41
N THR D 76 24.93 -14.94 27.41
CA THR D 76 26.08 -15.16 28.29
C THR D 76 25.62 -15.08 29.75
N SER D 77 25.05 -13.94 30.11
CA SER D 77 24.57 -13.67 31.47
C SER D 77 23.47 -14.64 31.92
N ALA D 78 22.62 -15.07 30.99
CA ALA D 78 21.53 -15.99 31.31
C ALA D 78 22.06 -17.36 31.74
N LYS D 79 23.15 -17.79 31.09
CA LYS D 79 23.73 -19.11 31.30
C LYS D 79 24.79 -19.13 32.41
N TYR D 80 25.50 -18.02 32.60
CA TYR D 80 26.69 -18.01 33.45
C TYR D 80 26.62 -17.20 34.76
N ALA D 81 25.66 -16.29 34.85
CA ALA D 81 25.49 -15.50 36.08
C ALA D 81 24.91 -16.32 37.26
N PRO D 82 23.94 -17.21 37.01
CA PRO D 82 23.44 -18.04 38.13
C PRO D 82 24.52 -18.95 38.76
N TYR D 83 25.59 -19.24 38.01
CA TYR D 83 26.72 -20.00 38.53
C TYR D 83 27.64 -19.10 39.36
N ALA D 84 27.71 -17.82 38.99
CA ALA D 84 28.44 -16.82 39.77
C ALA D 84 27.77 -16.60 41.13
N VAL D 85 26.44 -16.55 41.15
CA VAL D 85 25.67 -16.39 42.40
C VAL D 85 25.83 -17.59 43.33
N LYS D 86 25.79 -18.82 42.77
CA LYS D 86 26.00 -20.02 43.58
C LYS D 86 27.46 -20.17 44.04
N ALA D 87 28.38 -19.51 43.35
CA ALA D 87 29.78 -19.38 43.80
C ALA D 87 29.93 -18.22 44.79
N GLY D 88 28.85 -17.50 45.05
CA GLY D 88 28.80 -16.45 46.07
C GLY D 88 29.18 -15.05 45.61
N VAL D 89 29.23 -14.84 44.30
CA VAL D 89 29.60 -13.55 43.72
C VAL D 89 28.41 -12.59 43.72
N VAL D 90 28.69 -11.29 43.82
CA VAL D 90 27.67 -10.26 43.64
C VAL D 90 27.72 -9.80 42.18
N VAL D 91 26.65 -10.06 41.45
CA VAL D 91 26.57 -9.78 40.01
C VAL D 91 25.92 -8.42 39.69
N VAL D 92 26.68 -7.59 38.97
CA VAL D 92 26.15 -6.35 38.41
C VAL D 92 26.12 -6.50 36.88
N ASP D 93 24.92 -6.76 36.36
CA ASP D 93 24.72 -7.15 34.96
C ASP D 93 24.25 -5.98 34.10
N ASN D 94 24.86 -5.81 32.94
CA ASN D 94 24.46 -4.77 31.97
C ASN D 94 23.37 -5.20 30.99
N THR D 95 23.25 -6.50 30.76
CA THR D 95 22.34 -7.01 29.74
C THR D 95 20.89 -6.86 30.16
N SER D 96 19.98 -7.15 29.24
CA SER D 96 18.55 -6.97 29.49
C SER D 96 17.89 -8.21 30.11
N TYR D 97 18.65 -9.29 30.28
CA TYR D 97 18.07 -10.58 30.64
C TYR D 97 17.40 -10.64 32.03
N PHE D 98 18.08 -10.10 33.04
CA PHE D 98 17.55 -10.15 34.41
C PHE D 98 16.67 -8.95 34.80
N ARG D 99 16.63 -7.94 33.93
CA ARG D 99 15.99 -6.65 34.25
C ARG D 99 14.55 -6.73 34.72
N GLN D 100 13.79 -7.68 34.18
CA GLN D 100 12.37 -7.81 34.48
C GLN D 100 12.05 -8.94 35.47
N ASN D 101 13.11 -9.49 36.07
CA ASN D 101 12.98 -10.52 37.10
C ASN D 101 12.71 -9.90 38.49
N PRO D 102 11.53 -10.17 39.06
CA PRO D 102 11.10 -9.63 40.37
C PRO D 102 12.09 -9.83 41.51
N ASP D 103 13.05 -10.75 41.34
CA ASP D 103 14.07 -11.04 42.35
C ASP D 103 15.36 -10.27 42.12
N VAL D 104 15.38 -9.48 41.04
CA VAL D 104 16.54 -8.67 40.68
C VAL D 104 16.19 -7.17 40.76
N PRO D 105 16.97 -6.39 41.53
CA PRO D 105 16.81 -4.94 41.55
C PRO D 105 17.34 -4.29 40.26
N LEU D 106 16.53 -3.41 39.69
CA LEU D 106 16.90 -2.65 38.50
C LEU D 106 17.22 -1.24 38.94
N VAL D 107 18.51 -0.91 39.02
CA VAL D 107 18.98 0.24 39.82
C VAL D 107 19.74 1.35 39.10
N VAL D 108 19.30 2.58 39.38
CA VAL D 108 20.06 3.80 39.12
C VAL D 108 20.32 4.41 40.50
N PRO D 109 21.59 4.43 40.94
CA PRO D 109 21.92 4.75 42.33
C PRO D 109 21.36 6.08 42.88
N GLU D 110 21.24 7.11 42.03
CA GLU D 110 20.68 8.38 42.48
C GLU D 110 19.17 8.30 42.71
N VAL D 111 18.53 7.31 42.09
CA VAL D 111 17.08 7.18 42.10
C VAL D 111 16.57 6.15 43.11
N ASN D 112 17.08 4.92 43.02
CA ASN D 112 16.56 3.82 43.84
C ASN D 112 17.63 2.95 44.49
N ALA D 113 18.64 3.59 45.07
CA ALA D 113 19.70 2.90 45.81
C ALA D 113 19.16 1.97 46.91
N HIS D 114 18.03 2.35 47.51
CA HIS D 114 17.41 1.54 48.58
C HIS D 114 17.09 0.12 48.13
N ALA D 115 16.68 -0.02 46.86
CA ALA D 115 16.35 -1.31 46.26
C ALA D 115 17.51 -2.30 46.19
N LEU D 116 18.73 -1.81 46.43
CA LEU D 116 19.91 -2.68 46.48
C LEU D 116 19.96 -3.57 47.73
N ASP D 117 19.28 -3.15 48.80
CA ASP D 117 19.31 -3.85 50.08
C ASP D 117 18.76 -5.27 49.99
N ALA D 118 17.67 -5.43 49.24
CA ALA D 118 16.98 -6.72 49.15
C ALA D 118 17.42 -7.57 47.96
N HIS D 119 18.67 -7.38 47.52
CA HIS D 119 19.15 -8.11 46.36
C HIS D 119 19.39 -9.59 46.68
N ASN D 120 19.22 -10.43 45.68
CA ASN D 120 19.40 -11.89 45.80
C ASN D 120 20.64 -12.40 45.04
N GLY D 121 21.70 -11.58 44.96
CA GLY D 121 22.91 -11.95 44.21
C GLY D 121 23.13 -11.21 42.89
N ILE D 122 22.04 -10.85 42.20
CA ILE D 122 22.13 -10.11 40.93
C ILE D 122 21.47 -8.73 41.01
N ILE D 123 22.18 -7.71 40.54
CA ILE D 123 21.64 -6.36 40.34
C ILE D 123 21.75 -5.95 38.86
N ALA D 124 20.61 -5.59 38.27
CA ALA D 124 20.56 -5.21 36.85
C ALA D 124 20.78 -3.71 36.63
N CYS D 125 21.69 -3.40 35.70
CA CYS D 125 21.85 -2.06 35.16
C CYS D 125 20.78 -1.87 34.07
N PRO D 126 20.07 -0.72 34.09
CA PRO D 126 19.01 -0.51 33.11
C PRO D 126 19.54 -0.22 31.70
N ASN D 127 18.62 -0.06 30.75
CA ASN D 127 18.98 0.35 29.39
C ASN D 127 19.58 1.75 29.37
N CYS D 128 20.53 2.01 28.47
CA CYS D 128 21.21 3.31 28.40
C CYS D 128 20.29 4.50 28.19
N SER D 129 19.28 4.33 27.32
CA SER D 129 18.31 5.40 27.08
C SER D 129 17.43 5.68 28.30
N THR D 130 17.12 4.63 29.06
CA THR D 130 16.30 4.76 30.26
C THR D 130 17.01 5.57 31.34
N ILE D 131 18.24 5.18 31.63
CA ILE D 131 19.01 5.74 32.74
C ILE D 131 19.01 7.26 32.79
N GLN D 132 19.43 7.91 31.70
CA GLN D 132 19.53 9.37 31.67
C GLN D 132 18.16 10.03 31.88
N MET D 133 17.11 9.39 31.39
CA MET D 133 15.77 9.93 31.56
C MET D 133 15.35 9.87 33.04
N MET D 134 15.80 8.84 33.75
CA MET D 134 15.49 8.68 35.18
C MET D 134 16.20 9.72 36.04
N VAL D 135 17.47 9.99 35.70
CA VAL D 135 18.25 10.99 36.42
C VAL D 135 17.61 12.37 36.26
N ALA D 136 17.15 12.68 35.03
CA ALA D 136 16.49 13.93 34.73
C ALA D 136 15.12 14.08 35.41
N LEU D 137 14.36 12.99 35.49
CA LEU D 137 12.96 13.05 35.98
C LEU D 137 12.74 12.83 37.48
N GLU D 138 13.61 12.08 38.13
CA GLU D 138 13.46 11.80 39.56
C GLU D 138 13.29 13.06 40.43
N PRO D 139 14.18 14.08 40.26
CA PRO D 139 14.02 15.32 41.03
C PRO D 139 12.68 16.01 40.81
N VAL D 140 12.12 15.88 39.62
CA VAL D 140 10.80 16.44 39.31
C VAL D 140 9.69 15.60 39.96
N ARG D 141 9.77 14.28 39.79
CA ARG D 141 8.79 13.36 40.37
C ARG D 141 8.64 13.53 41.88
N GLN D 142 9.76 13.64 42.60
CA GLN D 142 9.70 13.65 44.06
C GLN D 142 9.14 14.96 44.65
N LYS D 143 9.00 15.99 43.81
CA LYS D 143 8.38 17.24 44.26
C LYS D 143 6.98 17.51 43.69
N TRP D 144 6.70 17.01 42.48
CA TRP D 144 5.45 17.33 41.80
C TRP D 144 4.76 16.12 41.15
N GLY D 145 5.33 14.94 41.33
CA GLY D 145 4.78 13.70 40.75
C GLY D 145 4.97 13.58 39.25
N LEU D 146 4.79 12.35 38.75
CA LEU D 146 4.73 12.10 37.31
C LEU D 146 3.46 11.35 36.95
N ASP D 147 2.69 11.90 36.04
CA ASP D 147 1.51 11.23 35.53
C ASP D 147 1.84 10.48 34.24
N ARG D 148 2.43 11.19 33.28
CA ARG D 148 2.79 10.56 32.00
C ARG D 148 4.10 11.06 31.42
N ILE D 149 4.68 10.24 30.54
CA ILE D 149 5.91 10.55 29.80
C ILE D 149 5.75 10.21 28.31
N ILE D 150 6.01 11.17 27.44
CA ILE D 150 6.20 10.92 26.01
C ILE D 150 7.63 11.30 25.63
N VAL D 151 8.40 10.32 25.16
CA VAL D 151 9.80 10.53 24.82
C VAL D 151 10.11 10.14 23.36
N SER D 152 10.84 11.02 22.66
CA SER D 152 11.41 10.70 21.36
C SER D 152 12.93 10.79 21.48
N THR D 153 13.62 9.71 21.14
CA THR D 153 15.07 9.64 21.36
C THR D 153 15.90 9.88 20.09
N TYR D 154 17.12 10.33 20.31
CA TYR D 154 18.07 10.65 19.25
C TYR D 154 19.33 9.91 19.63
N GLN D 155 19.40 8.63 19.27
CA GLN D 155 20.38 7.74 19.89
C GLN D 155 21.65 7.51 19.06
N ALA D 156 22.78 7.47 19.78
CA ALA D 156 24.10 7.22 19.20
C ALA D 156 24.33 5.76 18.83
N VAL D 157 25.14 5.53 17.82
CA VAL D 157 25.39 4.18 17.32
C VAL D 157 26.23 3.29 18.25
N SER D 158 27.00 3.90 19.15
CA SER D 158 27.88 3.12 20.05
C SER D 158 27.15 2.26 21.08
N GLY D 159 25.84 2.46 21.19
CA GLY D 159 25.00 1.62 22.05
C GLY D 159 24.72 0.27 21.42
N ALA D 160 25.14 0.09 20.18
CA ALA D 160 24.95 -1.18 19.49
C ALA D 160 26.29 -1.88 19.27
N GLY D 161 27.34 -1.35 19.87
CA GLY D 161 28.66 -2.00 19.87
C GLY D 161 29.67 -1.35 18.93
N MET D 162 30.94 -1.76 19.08
CA MET D 162 32.04 -1.25 18.26
C MET D 162 31.82 -1.51 16.76
N GLY D 163 31.20 -2.64 16.44
CA GLY D 163 30.85 -2.99 15.07
C GLY D 163 29.99 -1.93 14.41
N ALA D 164 29.00 -1.41 15.14
CA ALA D 164 28.15 -0.33 14.66
C ALA D 164 28.90 1.00 14.50
N ILE D 165 29.83 1.28 15.40
CA ILE D 165 30.69 2.48 15.32
C ILE D 165 31.54 2.44 14.04
N LEU D 166 32.19 1.30 13.78
CA LEU D 166 33.00 1.13 12.58
C LEU D 166 32.16 1.24 11.30
N GLU D 167 30.99 0.61 11.29
CA GLU D 167 30.05 0.67 10.16
C GLU D 167 29.61 2.11 9.82
N THR D 168 29.33 2.91 10.85
CA THR D 168 28.93 4.30 10.66
C THR D 168 30.06 5.14 10.05
N GLN D 169 31.26 5.00 10.64
CA GLN D 169 32.45 5.69 10.17
C GLN D 169 32.76 5.37 8.71
N ARG D 170 32.60 4.10 8.34
CA ARG D 170 32.89 3.60 7.00
C ARG D 170 31.94 4.22 5.99
N GLU D 171 30.64 4.04 6.24
CA GLU D 171 29.58 4.58 5.39
C GLU D 171 29.76 6.08 5.14
N LEU D 172 30.11 6.82 6.19
CA LEU D 172 30.31 8.26 6.08
C LEU D 172 31.53 8.63 5.22
N ARG D 173 32.64 7.91 5.41
CA ARG D 173 33.82 8.07 4.54
C ARG D 173 33.50 7.67 3.09
N GLU D 174 32.77 6.60 2.89
CA GLU D 174 32.34 6.21 1.56
C GLU D 174 31.56 7.32 0.85
N VAL D 175 30.64 7.97 1.57
CA VAL D 175 29.87 9.07 1.00
C VAL D 175 30.73 10.31 0.79
N LEU D 176 31.43 10.74 1.83
CA LEU D 176 32.16 12.00 1.81
C LEU D 176 33.50 11.97 1.08
N ASN D 177 34.14 10.80 1.03
CA ASN D 177 35.46 10.67 0.39
C ASN D 177 35.43 10.07 -1.00
N ASP D 178 34.48 9.17 -1.25
CA ASP D 178 34.41 8.42 -2.51
C ASP D 178 33.14 8.70 -3.32
N GLY D 179 32.36 9.68 -2.89
CA GLY D 179 31.14 10.06 -3.62
C GLY D 179 30.03 9.04 -3.74
N VAL D 180 30.07 7.99 -2.92
CA VAL D 180 29.00 6.99 -2.89
C VAL D 180 27.70 7.65 -2.41
N LYS D 181 26.60 7.37 -3.09
CA LYS D 181 25.30 7.91 -2.69
C LYS D 181 24.80 7.14 -1.46
N PRO D 182 24.18 7.86 -0.50
CA PRO D 182 23.71 7.21 0.73
C PRO D 182 22.78 6.01 0.50
N CYS D 183 21.97 6.06 -0.56
CA CYS D 183 21.12 4.95 -0.96
C CYS D 183 21.89 3.72 -1.44
N ASP D 184 23.11 3.96 -1.95
CA ASP D 184 23.94 2.90 -2.51
C ASP D 184 24.80 2.21 -1.46
N LEU D 185 24.77 2.74 -0.23
CA LEU D 185 25.56 2.19 0.85
C LEU D 185 25.10 0.76 1.17
N HIS D 186 26.03 -0.04 1.69
CA HIS D 186 25.70 -1.38 2.14
C HIS D 186 25.98 -1.51 3.63
N ALA D 187 24.95 -1.89 4.37
CA ALA D 187 25.03 -2.02 5.82
C ALA D 187 24.83 -3.47 6.22
N GLU D 188 25.39 -3.84 7.37
CA GLU D 188 25.28 -5.21 7.84
C GLU D 188 24.86 -5.34 9.30
N ILE D 189 24.99 -4.26 10.07
CA ILE D 189 24.66 -4.26 11.49
C ILE D 189 23.39 -3.45 11.79
N LEU D 190 23.45 -2.13 11.64
CA LEU D 190 22.29 -1.27 11.91
C LEU D 190 21.13 -1.50 10.93
N PRO D 191 19.87 -1.28 11.38
CA PRO D 191 19.45 -0.81 12.70
C PRO D 191 19.61 -1.83 13.83
N SER D 192 19.35 -3.10 13.56
CA SER D 192 19.47 -4.15 14.57
C SER D 192 20.27 -5.34 14.08
N GLY D 193 21.38 -5.61 14.77
CA GLY D 193 22.32 -6.67 14.42
C GLY D 193 21.69 -8.02 14.14
N GLY D 194 20.69 -8.39 14.95
CA GLY D 194 20.06 -9.69 14.82
C GLY D 194 18.68 -9.66 14.18
N ASP D 195 18.45 -8.71 13.28
CA ASP D 195 17.20 -8.68 12.51
C ASP D 195 17.51 -9.00 11.04
N LYS D 196 16.46 -9.16 10.24
CA LYS D 196 16.58 -9.67 8.87
C LYS D 196 17.21 -8.69 7.88
N LYS D 197 16.87 -7.41 8.01
CA LYS D 197 17.31 -6.40 7.05
C LYS D 197 18.12 -5.29 7.69
N HIS D 198 19.13 -4.83 6.96
CA HIS D 198 20.04 -3.80 7.44
C HIS D 198 20.04 -2.58 6.54
N TYR D 199 20.14 -1.39 7.14
CA TYR D 199 20.02 -0.12 6.43
C TYR D 199 21.16 0.84 6.77
N PRO D 200 21.54 1.73 5.82
CA PRO D 200 22.53 2.76 6.09
C PRO D 200 22.08 3.74 7.18
N ILE D 201 23.01 4.20 8.00
CA ILE D 201 22.73 5.20 9.04
C ILE D 201 23.25 6.58 8.63
N ALA D 202 24.25 6.59 7.76
CA ALA D 202 24.89 7.82 7.30
C ALA D 202 23.86 8.73 6.65
N PHE D 203 23.78 9.98 7.13
CA PHE D 203 22.81 10.98 6.63
C PHE D 203 21.34 10.50 6.68
N ASN D 204 21.03 9.69 7.69
CA ASN D 204 19.72 9.05 7.85
C ASN D 204 19.26 9.11 9.29
N ALA D 205 17.98 8.83 9.52
CA ALA D 205 17.45 8.69 10.86
C ALA D 205 16.61 7.42 10.84
N LEU D 206 17.04 6.43 11.62
CA LEU D 206 16.39 5.12 11.59
C LEU D 206 15.45 4.94 12.77
N PRO D 207 14.13 4.94 12.52
CA PRO D 207 13.16 4.80 13.60
C PRO D 207 13.00 3.34 14.04
N GLN D 208 14.12 2.67 14.30
CA GLN D 208 14.14 1.32 14.86
C GLN D 208 15.43 1.10 15.64
N ILE D 209 15.26 0.73 16.90
CA ILE D 209 16.34 0.26 17.75
C ILE D 209 15.85 -1.01 18.41
N ASP D 210 16.72 -2.02 18.46
CA ASP D 210 16.34 -3.41 18.80
C ASP D 210 15.32 -3.93 17.77
N VAL D 211 14.62 -5.02 18.10
CA VAL D 211 13.64 -5.59 17.19
C VAL D 211 12.22 -5.19 17.59
N PHE D 212 11.27 -5.40 16.69
CA PHE D 212 9.87 -5.07 16.95
C PHE D 212 9.18 -6.11 17.85
N THR D 213 8.25 -5.63 18.70
CA THR D 213 7.39 -6.47 19.54
C THR D 213 6.03 -6.63 18.86
N ASP D 214 5.09 -7.28 19.54
CA ASP D 214 3.75 -7.58 19.00
C ASP D 214 2.82 -6.38 18.95
N ASN D 215 3.10 -5.36 19.75
CA ASN D 215 2.29 -4.15 19.76
C ASN D 215 2.80 -3.06 18.78
N ASP D 216 3.78 -3.43 17.95
CA ASP D 216 4.40 -2.53 16.95
C ASP D 216 5.34 -1.44 17.51
N TYR D 217 5.55 -1.44 18.82
CA TYR D 217 6.69 -0.74 19.43
C TYR D 217 7.87 -1.68 19.38
N THR D 218 9.07 -1.14 19.47
CA THR D 218 10.28 -1.95 19.48
C THR D 218 10.63 -2.33 20.91
N TYR D 219 11.52 -3.31 21.08
CA TYR D 219 12.00 -3.69 22.42
C TYR D 219 12.65 -2.55 23.16
N GLU D 220 13.33 -1.66 22.43
CA GLU D 220 13.94 -0.50 23.02
C GLU D 220 12.87 0.44 23.61
N GLU D 221 11.82 0.68 22.83
CA GLU D 221 10.69 1.52 23.26
C GLU D 221 9.96 0.91 24.47
N MET D 222 9.64 -0.39 24.40
CA MET D 222 8.95 -1.10 25.48
C MET D 222 9.77 -1.20 26.77
N LYS D 223 11.08 -1.36 26.62
CA LYS D 223 12.00 -1.36 27.75
C LYS D 223 12.05 -0.01 28.49
N MET D 224 11.94 1.10 27.74
CA MET D 224 11.86 2.42 28.34
C MET D 224 10.59 2.52 29.18
N THR D 225 9.50 1.97 28.66
CA THR D 225 8.21 1.92 29.35
C THR D 225 8.27 1.08 30.63
N LYS D 226 8.72 -0.17 30.51
CA LYS D 226 8.71 -1.14 31.61
C LYS D 226 9.83 -0.93 32.63
N GLU D 227 10.97 -0.38 32.20
CA GLU D 227 12.05 -0.13 33.16
C GLU D 227 11.79 1.12 34.00
N THR D 228 11.13 2.12 33.42
CA THR D 228 10.73 3.31 34.16
C THR D 228 9.80 2.92 35.32
N LYS D 229 8.83 2.08 35.02
CA LYS D 229 7.86 1.58 36.01
C LYS D 229 8.52 0.87 37.18
N LYS D 230 9.51 0.04 36.89
CA LYS D 230 10.22 -0.73 37.92
C LYS D 230 11.13 0.17 38.76
N ILE D 231 12.01 0.92 38.08
CA ILE D 231 12.96 1.83 38.73
C ILE D 231 12.25 2.84 39.64
N MET D 232 11.18 3.44 39.16
CA MET D 232 10.44 4.45 39.95
C MET D 232 9.34 3.84 40.83
N GLU D 233 9.22 2.51 40.79
CA GLU D 233 8.25 1.76 41.59
C GLU D 233 6.81 2.31 41.54
N ASP D 234 6.37 2.65 40.33
CA ASP D 234 5.00 3.15 40.10
C ASP D 234 4.47 2.73 38.72
N ASP D 235 3.54 1.78 38.75
CA ASP D 235 2.93 1.23 37.55
C ASP D 235 1.93 2.15 36.90
N SER D 236 1.52 3.21 37.59
CA SER D 236 0.55 4.15 37.04
C SER D 236 1.17 5.21 36.13
N ILE D 237 2.51 5.28 36.10
CA ILE D 237 3.20 6.18 35.17
C ILE D 237 3.06 5.69 33.73
N ALA D 238 2.27 6.41 32.95
CA ALA D 238 2.17 6.15 31.52
C ALA D 238 3.46 6.58 30.81
N VAL D 239 4.06 5.64 30.08
CA VAL D 239 5.28 5.92 29.31
C VAL D 239 5.14 5.36 27.91
N SER D 240 5.17 6.26 26.92
CA SER D 240 5.26 5.89 25.51
C SER D 240 6.49 6.51 24.86
N ALA D 241 7.22 5.69 24.11
CA ALA D 241 8.50 6.08 23.53
C ALA D 241 8.57 5.84 22.01
N THR D 242 9.35 6.67 21.33
CA THR D 242 9.75 6.44 19.95
C THR D 242 11.28 6.51 19.92
N CYS D 243 11.93 5.43 19.52
CA CYS D 243 13.39 5.33 19.59
C CYS D 243 14.05 5.33 18.20
N VAL D 244 14.90 6.33 17.97
CA VAL D 244 15.48 6.62 16.65
C VAL D 244 17.00 6.65 16.73
N ARG D 245 17.66 5.92 15.83
CA ARG D 245 19.11 6.01 15.69
C ARG D 245 19.47 7.12 14.71
N ILE D 246 20.38 8.01 15.11
CA ILE D 246 20.89 9.09 14.25
C ILE D 246 22.42 8.95 14.09
N PRO D 247 23.01 9.67 13.10
CA PRO D 247 24.45 9.57 12.81
C PRO D 247 25.33 10.26 13.86
N VAL D 248 25.32 9.72 15.09
CA VAL D 248 26.12 10.23 16.19
C VAL D 248 26.85 9.01 16.74
N LEU D 249 28.11 9.17 17.14
CA LEU D 249 28.89 8.01 17.60
C LEU D 249 28.61 7.71 19.07
N SER D 250 28.74 8.72 19.92
CA SER D 250 28.37 8.52 21.31
C SER D 250 27.59 9.69 21.91
N ALA D 251 26.82 9.37 22.95
CA ALA D 251 25.94 10.29 23.66
C ALA D 251 24.55 10.28 23.02
N HIS D 252 23.56 9.86 23.82
CA HIS D 252 22.16 9.88 23.42
C HIS D 252 21.52 11.24 23.77
N SER D 253 20.60 11.68 22.92
CA SER D 253 19.80 12.86 23.24
C SER D 253 18.32 12.47 23.25
N GLU D 254 17.54 13.11 24.12
CA GLU D 254 16.13 12.76 24.26
C GLU D 254 15.27 14.00 24.38
N SER D 255 14.21 14.05 23.57
CA SER D 255 13.17 15.04 23.70
C SER D 255 12.08 14.45 24.58
N VAL D 256 11.99 14.98 25.79
CA VAL D 256 11.16 14.40 26.83
C VAL D 256 9.97 15.29 27.15
N TYR D 257 8.78 14.73 27.04
CA TYR D 257 7.56 15.41 27.46
C TYR D 257 7.00 14.71 28.69
N ILE D 258 6.68 15.50 29.72
CA ILE D 258 6.05 14.96 30.91
C ILE D 258 4.81 15.76 31.26
N GLU D 259 3.88 15.08 31.94
CA GLU D 259 2.84 15.73 32.70
C GLU D 259 3.02 15.30 34.13
N THR D 260 3.15 16.28 35.02
CA THR D 260 3.32 16.06 36.44
C THR D 260 1.95 15.89 37.13
N LYS D 261 1.97 15.52 38.42
CA LYS D 261 0.71 15.40 39.17
C LYS D 261 0.20 16.75 39.68
N GLU D 262 1.14 17.65 40.02
CA GLU D 262 0.82 19.05 40.37
C GLU D 262 1.64 20.00 39.50
N VAL D 263 1.07 21.18 39.22
CA VAL D 263 1.76 22.22 38.47
C VAL D 263 3.15 22.57 39.06
N ALA D 264 4.18 22.42 38.24
CA ALA D 264 5.55 22.66 38.65
C ALA D 264 6.08 23.95 38.04
N PRO D 265 6.21 25.02 38.85
CA PRO D 265 6.82 26.25 38.34
C PRO D 265 8.19 25.94 37.72
N ILE D 266 8.41 26.47 36.53
CA ILE D 266 9.59 26.16 35.73
C ILE D 266 10.92 26.52 36.42
N GLU D 267 10.99 27.69 37.05
CA GLU D 267 12.20 28.09 37.79
C GLU D 267 12.55 27.07 38.88
N GLU D 268 11.53 26.49 39.48
CA GLU D 268 11.70 25.51 40.56
C GLU D 268 12.09 24.14 40.01
N VAL D 269 11.55 23.79 38.85
CA VAL D 269 11.97 22.60 38.11
C VAL D 269 13.49 22.67 37.80
N LYS D 270 13.92 23.82 37.27
CA LYS D 270 15.35 24.07 37.00
C LYS D 270 16.19 23.92 38.27
N ALA D 271 15.73 24.53 39.36
CA ALA D 271 16.45 24.49 40.64
C ALA D 271 16.55 23.06 41.19
N ALA D 272 15.48 22.28 41.07
CA ALA D 272 15.47 20.90 41.53
C ALA D 272 16.41 19.98 40.73
N ILE D 273 16.45 20.17 39.41
CA ILE D 273 17.37 19.40 38.55
C ILE D 273 18.84 19.77 38.85
N ALA D 274 19.11 21.07 38.99
CA ALA D 274 20.44 21.57 39.35
C ALA D 274 20.97 20.91 40.61
N ALA D 275 20.10 20.82 41.63
CA ALA D 275 20.49 20.32 42.95
C ALA D 275 20.65 18.80 42.99
N PHE D 276 20.13 18.11 41.98
CA PHE D 276 20.07 16.66 42.01
C PHE D 276 21.40 15.99 41.65
N PRO D 277 21.84 14.99 42.47
CA PRO D 277 23.09 14.29 42.20
C PRO D 277 23.10 13.65 40.81
N GLY D 278 24.17 13.86 40.05
CA GLY D 278 24.29 13.26 38.74
C GLY D 278 23.71 14.08 37.59
N ALA D 279 23.01 15.15 37.93
CA ALA D 279 22.35 16.00 36.94
C ALA D 279 22.96 17.40 36.87
N VAL D 280 23.17 17.91 35.66
CA VAL D 280 23.64 19.28 35.45
C VAL D 280 22.65 20.05 34.58
N LEU D 281 22.21 21.20 35.08
CA LEU D 281 21.33 22.08 34.32
C LEU D 281 22.14 22.90 33.32
N GLU D 282 21.83 22.74 32.04
CA GLU D 282 22.40 23.59 30.99
C GLU D 282 21.26 24.30 30.26
N ASP D 283 20.82 25.41 30.83
CA ASP D 283 19.61 26.04 30.36
C ASP D 283 19.72 27.54 30.53
N ASP D 284 20.05 28.20 29.42
CA ASP D 284 20.19 29.65 29.37
C ASP D 284 20.01 30.04 27.90
N VAL D 285 18.76 30.05 27.46
CA VAL D 285 18.44 30.27 26.04
C VAL D 285 18.90 31.63 25.50
N ALA D 286 18.95 32.64 26.38
CA ALA D 286 19.45 33.96 26.00
C ALA D 286 20.90 33.92 25.51
N HIS D 287 21.65 32.92 25.93
CA HIS D 287 23.02 32.69 25.46
C HIS D 287 23.14 31.36 24.69
N GLN D 288 22.02 30.90 24.15
CA GLN D 288 21.94 29.63 23.39
C GLN D 288 22.58 28.45 24.11
N ILE D 289 22.34 28.33 25.41
CA ILE D 289 22.91 27.26 26.23
C ILE D 289 21.91 26.15 26.38
N TYR D 290 22.29 24.96 25.93
CA TYR D 290 21.48 23.75 26.06
C TYR D 290 22.41 22.54 25.94
N PRO D 291 21.96 21.37 26.45
CA PRO D 291 22.75 20.14 26.30
C PRO D 291 23.06 19.83 24.84
N GLN D 292 24.27 19.32 24.59
CA GLN D 292 24.69 18.87 23.27
C GLN D 292 25.43 17.54 23.40
N ALA D 293 25.10 16.58 22.53
CA ALA D 293 25.81 15.29 22.54
C ALA D 293 27.33 15.44 22.55
N ILE D 294 27.86 16.34 21.72
CA ILE D 294 29.32 16.53 21.59
C ILE D 294 30.00 17.05 22.87
N ASN D 295 29.27 17.84 23.66
CA ASN D 295 29.78 18.31 24.95
C ASN D 295 29.69 17.27 26.07
N ALA D 296 28.76 16.32 25.92
CA ALA D 296 28.48 15.30 26.95
C ALA D 296 29.46 14.14 26.93
N VAL D 297 30.02 13.84 25.76
CA VAL D 297 30.98 12.76 25.58
C VAL D 297 32.13 12.89 26.59
N GLY D 298 32.42 11.80 27.30
CA GLY D 298 33.50 11.79 28.28
C GLY D 298 33.09 12.20 29.69
N SER D 299 31.85 12.64 29.86
CA SER D 299 31.36 13.05 31.18
C SER D 299 30.38 12.04 31.80
N ARG D 300 30.44 11.91 33.12
CA ARG D 300 29.54 11.04 33.91
C ARG D 300 28.16 11.65 34.14
N ASP D 301 28.05 12.95 33.89
CA ASP D 301 26.86 13.71 34.22
C ASP D 301 25.75 13.56 33.18
N THR D 302 24.51 13.75 33.63
CA THR D 302 23.37 13.87 32.73
C THR D 302 22.99 15.35 32.61
N PHE D 303 22.89 15.84 31.37
CA PHE D 303 22.67 17.27 31.11
C PHE D 303 21.23 17.53 30.65
N VAL D 304 20.60 18.56 31.23
CA VAL D 304 19.19 18.85 30.99
C VAL D 304 18.96 20.33 30.65
N GLY D 305 18.19 20.58 29.60
CA GLY D 305 17.88 21.94 29.17
C GLY D 305 16.59 22.04 28.37
N ARG D 306 16.40 23.16 27.67
CA ARG D 306 15.18 23.47 26.90
C ARG D 306 13.89 23.33 27.74
N ILE D 307 14.04 23.47 29.06
CA ILE D 307 12.93 23.29 29.97
C ILE D 307 11.93 24.43 29.81
N ARG D 308 10.71 24.07 29.45
CA ARG D 308 9.65 25.03 29.19
C ARG D 308 8.29 24.39 29.37
N LYS D 309 7.32 25.25 29.69
CA LYS D 309 5.93 24.86 29.88
C LYS D 309 5.35 24.47 28.52
N ASP D 310 4.49 23.45 28.51
CA ASP D 310 3.70 23.12 27.32
C ASP D 310 2.81 24.33 27.00
N LEU D 311 2.48 24.52 25.73
CA LEU D 311 1.71 25.71 25.34
C LEU D 311 0.24 25.64 25.74
N ASP D 312 -0.23 24.46 26.14
CA ASP D 312 -1.66 24.25 26.42
C ASP D 312 -1.97 23.41 27.65
N ALA D 313 -1.28 22.29 27.84
CA ALA D 313 -1.54 21.40 28.98
C ALA D 313 -0.95 22.01 30.24
N GLU D 314 -1.80 22.25 31.24
CA GLU D 314 -1.39 22.96 32.45
C GLU D 314 -0.25 22.29 33.21
N LYS D 315 -0.20 20.96 33.20
CA LYS D 315 0.86 20.25 33.92
C LYS D 315 1.93 19.66 32.99
N GLY D 316 1.87 20.03 31.71
CA GLY D 316 2.84 19.57 30.71
C GLY D 316 4.14 20.35 30.72
N ILE D 317 5.25 19.62 30.58
CA ILE D 317 6.60 20.22 30.54
C ILE D 317 7.44 19.49 29.50
N HIS D 318 8.13 20.27 28.66
CA HIS D 318 9.07 19.77 27.67
C HIS D 318 10.50 20.01 28.14
N MET D 319 11.41 19.07 27.82
CA MET D 319 12.84 19.23 28.10
C MET D 319 13.73 18.43 27.15
N TRP D 320 15.04 18.65 27.26
CA TRP D 320 16.05 18.03 26.41
C TRP D 320 17.13 17.42 27.32
N VAL D 321 17.38 16.13 27.15
CA VAL D 321 18.21 15.35 28.07
C VAL D 321 19.34 14.63 27.31
N VAL D 322 20.59 14.86 27.71
CA VAL D 322 21.74 14.34 26.98
C VAL D 322 22.72 13.72 27.96
N SER D 323 23.18 12.50 27.66
CA SER D 323 24.25 11.86 28.43
C SER D 323 25.05 10.89 27.56
N ASP D 324 26.34 10.75 27.88
CA ASP D 324 27.20 9.75 27.27
C ASP D 324 26.64 8.35 27.56
N ASN D 325 26.27 7.64 26.50
CA ASN D 325 25.61 6.35 26.62
C ASN D 325 26.51 5.21 27.09
N LEU D 326 27.82 5.44 27.04
CA LEU D 326 28.78 4.43 27.49
C LEU D 326 29.17 4.61 28.95
N LEU D 327 29.08 5.85 29.45
CA LEU D 327 29.40 6.14 30.83
C LEU D 327 28.14 5.98 31.70
N LYS D 328 27.44 7.08 32.01
CA LYS D 328 26.21 6.99 32.81
C LYS D 328 25.21 6.00 32.22
N GLY D 329 25.18 5.90 30.89
CA GLY D 329 24.30 4.95 30.20
C GLY D 329 24.65 3.47 30.35
N ALA D 330 25.87 3.17 30.77
CA ALA D 330 26.29 1.77 30.92
C ALA D 330 27.34 1.56 31.99
N ALA D 331 28.59 1.86 31.65
CA ALA D 331 29.76 1.51 32.46
C ALA D 331 29.91 2.29 33.75
N TRP D 332 29.60 3.58 33.73
CA TRP D 332 29.65 4.35 34.96
C TRP D 332 28.52 3.97 35.90
N ASN D 333 27.32 3.74 35.36
CA ASN D 333 26.19 3.31 36.19
C ASN D 333 26.45 1.97 36.87
N SER D 334 27.07 1.04 36.15
CA SER D 334 27.44 -0.27 36.69
C SER D 334 28.48 -0.15 37.80
N VAL D 335 29.50 0.68 37.56
CA VAL D 335 30.56 0.93 38.54
C VAL D 335 30.02 1.69 39.76
N GLN D 336 29.12 2.64 39.51
CA GLN D 336 28.47 3.38 40.58
C GLN D 336 27.63 2.46 41.46
N ILE D 337 26.95 1.49 40.84
CA ILE D 337 26.23 0.46 41.58
C ILE D 337 27.18 -0.30 42.51
N ALA D 338 28.32 -0.73 41.96
CA ALA D 338 29.36 -1.43 42.74
C ALA D 338 29.85 -0.60 43.94
N GLU D 339 30.14 0.68 43.70
CA GLU D 339 30.62 1.57 44.76
C GLU D 339 29.57 1.72 45.84
N THR D 340 28.30 1.74 45.42
CA THR D 340 27.18 1.89 46.33
C THR D 340 26.96 0.62 47.16
N LEU D 341 27.11 -0.54 46.52
CA LEU D 341 27.05 -1.83 47.23
C LEU D 341 28.11 -1.90 48.31
N HIS D 342 29.35 -1.52 47.97
CA HIS D 342 30.42 -1.46 48.95
C HIS D 342 30.13 -0.49 50.10
N GLU D 343 29.74 0.74 49.75
CA GLU D 343 29.57 1.79 50.74
C GLU D 343 28.35 1.54 51.66
N ARG D 344 27.43 0.69 51.20
CA ARG D 344 26.28 0.24 51.99
C ARG D 344 26.50 -1.14 52.65
N GLY D 345 27.72 -1.66 52.53
CA GLY D 345 28.06 -2.99 53.06
C GLY D 345 27.20 -4.13 52.53
N LEU D 346 26.91 -4.10 51.23
CA LEU D 346 26.04 -5.10 50.62
C LEU D 346 26.78 -6.15 49.78
N VAL D 347 28.10 -6.07 49.75
CA VAL D 347 28.92 -7.03 48.99
C VAL D 347 29.15 -8.31 49.81
N ARG D 348 28.20 -9.24 49.69
CA ARG D 348 28.22 -10.50 50.44
C ARG D 348 27.59 -11.63 49.65
N PRO D 349 28.08 -12.87 49.84
CA PRO D 349 27.48 -14.06 49.21
C PRO D 349 26.08 -14.34 49.73
N THR D 350 25.17 -14.74 48.84
CA THR D 350 23.79 -15.04 49.21
C THR D 350 23.69 -16.49 49.65
N ALA D 351 22.90 -16.73 50.69
CA ALA D 351 22.64 -18.09 51.14
C ALA D 351 21.62 -18.76 50.24
N GLU D 352 20.42 -18.17 50.17
CA GLU D 352 19.33 -18.70 49.37
C GLU D 352 19.52 -18.32 47.90
N LEU D 353 19.70 -19.33 47.05
CA LEU D 353 19.88 -19.11 45.61
C LEU D 353 18.52 -19.10 44.90
N LYS D 354 18.24 -18.01 44.18
CA LYS D 354 16.94 -17.79 43.54
C LYS D 354 16.93 -18.14 42.03
N PHE D 355 18.10 -18.35 41.45
CA PHE D 355 18.22 -18.44 39.99
C PHE D 355 18.56 -19.84 39.49
N GLU D 356 17.61 -20.43 38.76
CA GLU D 356 17.75 -21.77 38.20
C GLU D 356 18.87 -21.79 37.15
N LEU D 357 19.86 -22.67 37.36
CA LEU D 357 21.01 -22.75 36.47
C LEU D 357 20.97 -23.96 35.55
#